data_3QXR
# 
_entry.id   3QXR 
# 
_audit_conform.dict_name       mmcif_pdbx.dic 
_audit_conform.dict_version    5.379 
_audit_conform.dict_location   http://mmcif.pdb.org/dictionaries/ascii/mmcif_pdbx.dic 
# 
loop_
_database_2.database_id 
_database_2.database_code 
_database_2.pdbx_database_accession 
_database_2.pdbx_DOI 
PDB   3QXR         pdb_00003qxr 10.2210/pdb3qxr/pdb 
NDB   NA1011       ?            ?                   
RCSB  RCSB064236   ?            ?                   
WWPDB D_1000064236 ?            ?                   
# 
_pdbx_database_status.status_code                     REL 
_pdbx_database_status.entry_id                        3QXR 
_pdbx_database_status.recvd_initial_deposition_date   2011-03-02 
_pdbx_database_status.deposit_site                    RCSB 
_pdbx_database_status.process_site                    RCSB 
_pdbx_database_status.status_code_sf                  REL 
_pdbx_database_status.status_code_mr                  ? 
_pdbx_database_status.SG_entry                        ? 
_pdbx_database_status.status_code_cs                  ? 
_pdbx_database_status.methods_development_category    ? 
_pdbx_database_status.pdb_format_compatible           Y 
_pdbx_database_status.status_code_nmr_data            ? 
# 
loop_
_audit_author.name 
_audit_author.pdbx_ordinal 
'Wei, D.'         1 
'Parkinson, G.N.' 2 
'Neidle, S.'      3 
# 
_citation.id                        primary 
_citation.title                     
;Crystal structure of a c-kit promoter quadruplex reveals the structural role of metal ions and water molecules in maintaining loop conformation.
;
_citation.journal_abbrev            'Nucleic Acids Res.' 
_citation.journal_volume            40 
_citation.page_first                4691 
_citation.page_last                 4700 
_citation.year                      2012 
_citation.journal_id_ASTM           NARHAD 
_citation.country                   UK 
_citation.journal_id_ISSN           0305-1048 
_citation.journal_id_CSD            0389 
_citation.book_publisher            ? 
_citation.pdbx_database_id_PubMed   22287624 
_citation.pdbx_database_id_DOI      10.1093/nar/gks023 
# 
loop_
_citation_author.citation_id 
_citation_author.name 
_citation_author.ordinal 
_citation_author.identifier_ORCID 
primary 'Wei, D.'         1 ? 
primary 'Parkinson, G.N.' 2 ? 
primary 'Reszka, A.P.'    3 ? 
primary 'Neidle, S.'      4 ? 
# 
_cell.entry_id           3QXR 
_cell.length_a           37.570 
_cell.length_b           51.350 
_cell.length_c           58.340 
_cell.angle_alpha        90.00 
_cell.angle_beta         90.00 
_cell.angle_gamma        90.00 
_cell.Z_PDB              8 
_cell.pdbx_unique_axis   ? 
_cell.length_a_esd       ? 
_cell.length_b_esd       ? 
_cell.length_c_esd       ? 
_cell.angle_alpha_esd    ? 
_cell.angle_beta_esd     ? 
_cell.angle_gamma_esd    ? 
# 
_symmetry.entry_id                         3QXR 
_symmetry.space_group_name_H-M             'P 21 21 2' 
_symmetry.pdbx_full_space_group_name_H-M   ? 
_symmetry.cell_setting                     ? 
_symmetry.Int_Tables_number                18 
_symmetry.space_group_name_Hall            ? 
# 
loop_
_entity.id 
_entity.type 
_entity.src_method 
_entity.pdbx_description 
_entity.formula_weight 
_entity.pdbx_number_of_molecules 
_entity.pdbx_ec 
_entity.pdbx_mutation 
_entity.pdbx_fragment 
_entity.details 
1 polymer     syn "5'-D(*AP*GP*GP*GP*AP*GP*GP*GP*CP*GP*CP*(BRU)P*GP*GP*GP*AP*GP*GP*AP*GP*GP*G)-3'" 7093.384 2   ? ? ? ? 
2 non-polymer syn 'POTASSIUM ION'                                                                  39.098   9   ? ? ? ? 
3 non-polymer syn 'MAGNESIUM ION'                                                                  24.305   2   ? ? ? ? 
4 water       nat water                                                                            18.015   211 ? ? ? ? 
# 
_entity_poly.entity_id                      1 
_entity_poly.type                           polydeoxyribonucleotide 
_entity_poly.nstd_linkage                   no 
_entity_poly.nstd_monomer                   yes 
_entity_poly.pdbx_seq_one_letter_code       
;(DA)(DG)(DG)(DG)(DA)(DG)(DG)(DG)(DC)(DG)(DC)(BRU)(DG)(DG)(DG)(DA)(DG)(DG)(DA)
(DG)(DG)(DG)
;
_entity_poly.pdbx_seq_one_letter_code_can   AGGGAGGGCGCUGGGAGGAGGG 
_entity_poly.pdbx_strand_id                 A,B 
_entity_poly.pdbx_target_identifier         ? 
# 
loop_
_entity_poly_seq.entity_id 
_entity_poly_seq.num 
_entity_poly_seq.mon_id 
_entity_poly_seq.hetero 
1 1  DA  n 
1 2  DG  n 
1 3  DG  n 
1 4  DG  n 
1 5  DA  n 
1 6  DG  n 
1 7  DG  n 
1 8  DG  n 
1 9  DC  n 
1 10 DG  n 
1 11 DC  n 
1 12 BRU n 
1 13 DG  n 
1 14 DG  n 
1 15 DG  n 
1 16 DA  n 
1 17 DG  n 
1 18 DG  n 
1 19 DA  n 
1 20 DG  n 
1 21 DG  n 
1 22 DG  n 
# 
_pdbx_entity_src_syn.entity_id              1 
_pdbx_entity_src_syn.pdbx_src_id            1 
_pdbx_entity_src_syn.pdbx_alt_source_flag   sample 
_pdbx_entity_src_syn.pdbx_beg_seq_num       ? 
_pdbx_entity_src_syn.pdbx_end_seq_num       ? 
_pdbx_entity_src_syn.organism_scientific    'Homo sapiens' 
_pdbx_entity_src_syn.organism_common_name   human 
_pdbx_entity_src_syn.ncbi_taxonomy_id       9606 
_pdbx_entity_src_syn.details                ? 
# 
_struct_ref.id                         1 
_struct_ref.db_name                    PDB 
_struct_ref.db_code                    3QXR 
_struct_ref.pdbx_db_accession          3QXR 
_struct_ref.entity_id                  1 
_struct_ref.pdbx_align_begin           ? 
_struct_ref.pdbx_seq_one_letter_code   'AGGGAGGGCGC(BRU)GGGAGGAGGG' 
_struct_ref.pdbx_db_isoform            ? 
# 
loop_
_struct_ref_seq.align_id 
_struct_ref_seq.ref_id 
_struct_ref_seq.pdbx_PDB_id_code 
_struct_ref_seq.pdbx_strand_id 
_struct_ref_seq.seq_align_beg 
_struct_ref_seq.pdbx_seq_align_beg_ins_code 
_struct_ref_seq.seq_align_end 
_struct_ref_seq.pdbx_seq_align_end_ins_code 
_struct_ref_seq.pdbx_db_accession 
_struct_ref_seq.db_align_beg 
_struct_ref_seq.pdbx_db_align_beg_ins_code 
_struct_ref_seq.db_align_end 
_struct_ref_seq.pdbx_db_align_end_ins_code 
_struct_ref_seq.pdbx_auth_seq_align_beg 
_struct_ref_seq.pdbx_auth_seq_align_end 
1 1 3QXR A 1 ? 22 ? 3QXR 1 ? 22 ? 1 22 
2 1 3QXR B 1 ? 22 ? 3QXR 1 ? 22 ? 1 22 
# 
loop_
_chem_comp.id 
_chem_comp.type 
_chem_comp.mon_nstd_flag 
_chem_comp.name 
_chem_comp.pdbx_synonyms 
_chem_comp.formula 
_chem_comp.formula_weight 
BRU 'DNA linking' n "5-BROMO-2'-DEOXYURIDINE-5'-MONOPHOSPHATE" ? 'C9 H12 Br N2 O8 P' 387.078 
DA  'DNA linking' y "2'-DEOXYADENOSINE-5'-MONOPHOSPHATE"       ? 'C10 H14 N5 O6 P'   331.222 
DC  'DNA linking' y "2'-DEOXYCYTIDINE-5'-MONOPHOSPHATE"        ? 'C9 H14 N3 O7 P'    307.197 
DG  'DNA linking' y "2'-DEOXYGUANOSINE-5'-MONOPHOSPHATE"       ? 'C10 H14 N5 O7 P'   347.221 
HOH non-polymer   . WATER                                      ? 'H2 O'              18.015  
K   non-polymer   . 'POTASSIUM ION'                            ? 'K 1'               39.098  
MG  non-polymer   . 'MAGNESIUM ION'                            ? 'Mg 2'              24.305  
# 
_exptl.entry_id          3QXR 
_exptl.method            'X-RAY DIFFRACTION' 
_exptl.crystals_number   1 
# 
_exptl_crystal.id                    1 
_exptl_crystal.density_meas          ? 
_exptl_crystal.density_Matthews      1.98 
_exptl_crystal.density_percent_sol   37.98 
_exptl_crystal.description           ? 
_exptl_crystal.F_000                 ? 
_exptl_crystal.preparation           ? 
# 
_exptl_crystal_grow.crystal_id      1 
_exptl_crystal_grow.method          'VAPOR DIFFUSION, HANGING DROP' 
_exptl_crystal_grow.temp            283 
_exptl_crystal_grow.temp_details    ? 
_exptl_crystal_grow.pH              6.5 
_exptl_crystal_grow.pdbx_pH_range   ? 
_exptl_crystal_grow.pdbx_details    
;MPD, potassium chloride, sodium chloride, sodium cacodylate, potassium cacodylate, pH 6.5, VAPOR DIFFUSION, HANGING DROP, temperature 283K
;
# 
_diffrn.id                     1 
_diffrn.ambient_temp           100 
_diffrn.ambient_temp_details   ? 
_diffrn.crystal_id             1 
# 
_diffrn_detector.diffrn_id              1 
_diffrn_detector.detector               CCD 
_diffrn_detector.type                   'ADSC QUANTUM 315' 
_diffrn_detector.pdbx_collection_date   2011-01-29 
_diffrn_detector.details                ? 
# 
_diffrn_radiation.diffrn_id                        1 
_diffrn_radiation.wavelength_id                    1 
_diffrn_radiation.pdbx_monochromatic_or_laue_m_l   M 
_diffrn_radiation.monochromator                    'Si 111 CHANNEL' 
_diffrn_radiation.pdbx_diffrn_protocol             'SINGLE WAVELENGTH' 
_diffrn_radiation.pdbx_scattering_type             x-ray 
# 
_diffrn_radiation_wavelength.id           1 
_diffrn_radiation_wavelength.wavelength   0.9763 
_diffrn_radiation_wavelength.wt           1.0 
# 
_diffrn_source.diffrn_id                   1 
_diffrn_source.source                      SYNCHROTRON 
_diffrn_source.type                        'DIAMOND BEAMLINE I04' 
_diffrn_source.pdbx_synchrotron_site       Diamond 
_diffrn_source.pdbx_synchrotron_beamline   I04 
_diffrn_source.pdbx_wavelength             0.9763 
_diffrn_source.pdbx_wavelength_list        ? 
# 
_reflns.pdbx_diffrn_id               1 
_reflns.pdbx_ordinal                 1 
_reflns.entry_id                     3QXR 
_reflns.observed_criterion_sigma_I   0.0 
_reflns.observed_criterion_sigma_F   0.0 
_reflns.d_resolution_low             38.55 
_reflns.d_resolution_high            1.62 
_reflns.number_obs                   14007 
_reflns.number_all                   14007 
_reflns.percent_possible_obs         93.2 
_reflns.pdbx_Rmerge_I_obs            0.057 
_reflns.pdbx_Rsym_value              ? 
_reflns.pdbx_netI_over_sigmaI        12.5 
_reflns.B_iso_Wilson_estimate        ? 
_reflns.pdbx_redundancy              3.6 
_reflns.R_free_details               ? 
_reflns.pdbx_chi_squared             ? 
_reflns.pdbx_scaling_rejects         ? 
# 
_reflns_shell.pdbx_diffrn_id         1 
_reflns_shell.pdbx_ordinal           1 
_reflns_shell.d_res_high             1.62 
_reflns_shell.d_res_low              1.66 
_reflns_shell.percent_possible_all   61.8 
_reflns_shell.Rmerge_I_obs           0.38 
_reflns_shell.pdbx_Rsym_value        ? 
_reflns_shell.meanI_over_sigI_obs    2.4 
_reflns_shell.pdbx_redundancy        2.6 
_reflns_shell.percent_possible_obs   ? 
_reflns_shell.number_unique_all      ? 
_reflns_shell.number_measured_all    ? 
_reflns_shell.number_measured_obs    ? 
_reflns_shell.number_unique_obs      ? 
_reflns_shell.pdbx_chi_squared       ? 
# 
_refine.pdbx_refine_id                           'X-RAY DIFFRACTION' 
_refine.entry_id                                 3QXR 
_refine.pdbx_diffrn_id                           1 
_refine.pdbx_TLS_residual_ADP_flag               ? 
_refine.ls_number_reflns_obs                     13279 
_refine.ls_number_reflns_all                     14007 
_refine.pdbx_ls_sigma_I                          ? 
_refine.pdbx_ls_sigma_F                          . 
_refine.pdbx_data_cutoff_high_absF               ? 
_refine.pdbx_data_cutoff_low_absF                ? 
_refine.pdbx_data_cutoff_high_rms_absF           ? 
_refine.ls_d_res_low                             26.90 
_refine.ls_d_res_high                            1.62 
_refine.ls_percent_reflns_obs                    93.12 
_refine.ls_R_factor_obs                          0.16849 
_refine.ls_R_factor_all                          ? 
_refine.ls_R_factor_R_work                       0.16608 
_refine.ls_R_factor_R_free                       0.21325 
_refine.ls_R_factor_R_free_error                 ? 
_refine.ls_R_factor_R_free_error_details         ? 
_refine.ls_percent_reflns_R_free                 5.0 
_refine.ls_number_reflns_R_free                  700 
_refine.ls_number_parameters                     ? 
_refine.ls_number_restraints                     ? 
_refine.occupancy_min                            ? 
_refine.occupancy_max                            ? 
_refine.correlation_coeff_Fo_to_Fc               0.965 
_refine.correlation_coeff_Fo_to_Fc_free          0.952 
_refine.B_iso_mean                               20.143 
_refine.aniso_B[1][1]                            0.02 
_refine.aniso_B[2][2]                            -0.01 
_refine.aniso_B[3][3]                            -0.01 
_refine.aniso_B[1][2]                            0.00 
_refine.aniso_B[1][3]                            0.00 
_refine.aniso_B[2][3]                            0.00 
_refine.solvent_model_details                    MASK 
_refine.solvent_model_param_ksol                 ? 
_refine.solvent_model_param_bsol                 ? 
_refine.pdbx_solvent_vdw_probe_radii             1.40 
_refine.pdbx_solvent_ion_probe_radii             0.80 
_refine.pdbx_solvent_shrinkage_radii             0.80 
_refine.pdbx_ls_cross_valid_method               THROUGHOUT 
_refine.details                                  
;HYDROGENS HAVE BEEN ADDED IN THE RIDING POSITIONS.
THE RESIDUAL DENSITY AROUND ATOM OP2 OF RESIDUES A19 AND G20 OF CHAIN B WAS NOT IDENTIFIED.
;
_refine.pdbx_starting_model                      'PDB ENTRY 1K8P' 
_refine.pdbx_method_to_determine_struct          SAD 
_refine.pdbx_isotropic_thermal_model             ? 
_refine.pdbx_stereochemistry_target_values       'MAXIMUM LIKELIHOOD' 
_refine.pdbx_stereochem_target_val_spec_case     ? 
_refine.pdbx_R_Free_selection_details            RANDOM 
_refine.pdbx_overall_ESU_R                       0.104 
_refine.pdbx_overall_ESU_R_Free                  0.107 
_refine.overall_SU_ML                            0.073 
_refine.pdbx_overall_phase_error                 ? 
_refine.overall_SU_B                             2.172 
_refine.overall_SU_R_Cruickshank_DPI             ? 
_refine.pdbx_overall_SU_R_free_Cruickshank_DPI   ? 
_refine.pdbx_overall_SU_R_Blow_DPI               ? 
_refine.pdbx_overall_SU_R_free_Blow_DPI          ? 
_refine.ls_redundancy_reflns_obs                 ? 
_refine.overall_SU_R_free                        ? 
_refine.ls_wR_factor_R_free                      ? 
_refine.ls_wR_factor_R_work                      ? 
_refine.overall_FOM_free_R_set                   ? 
_refine.overall_FOM_work_R_set                   ? 
# 
_refine_hist.pdbx_refine_id                   'X-RAY DIFFRACTION' 
_refine_hist.cycle_id                         LAST 
_refine_hist.pdbx_number_atoms_protein        0 
_refine_hist.pdbx_number_atoms_nucleic_acid   938 
_refine_hist.pdbx_number_atoms_ligand         11 
_refine_hist.number_atoms_solvent             211 
_refine_hist.number_atoms_total               1160 
_refine_hist.d_res_high                       1.62 
_refine_hist.d_res_low                        26.90 
# 
loop_
_refine_ls_restr.type 
_refine_ls_restr.dev_ideal 
_refine_ls_restr.dev_ideal_target 
_refine_ls_restr.weight 
_refine_ls_restr.number 
_refine_ls_restr.pdbx_refine_id 
_refine_ls_restr.pdbx_restraint_function 
r_bond_refined_d             0.019 0.021 ? 1084 'X-RAY DIFFRACTION' ? 
r_bond_other_d               ?     ?     ? ?    'X-RAY DIFFRACTION' ? 
r_angle_refined_deg          2.976 3.000 ? 1676 'X-RAY DIFFRACTION' ? 
r_angle_other_deg            ?     ?     ? ?    'X-RAY DIFFRACTION' ? 
r_dihedral_angle_1_deg       ?     ?     ? ?    'X-RAY DIFFRACTION' ? 
r_dihedral_angle_2_deg       ?     ?     ? ?    'X-RAY DIFFRACTION' ? 
r_dihedral_angle_3_deg       ?     ?     ? ?    'X-RAY DIFFRACTION' ? 
r_dihedral_angle_4_deg       ?     ?     ? ?    'X-RAY DIFFRACTION' ? 
r_chiral_restr               0.145 0.200 ? 176  'X-RAY DIFFRACTION' ? 
r_gen_planes_refined         0.018 0.020 ? 513  'X-RAY DIFFRACTION' ? 
r_gen_planes_other           ?     ?     ? ?    'X-RAY DIFFRACTION' ? 
r_nbd_refined                ?     ?     ? ?    'X-RAY DIFFRACTION' ? 
r_nbd_other                  ?     ?     ? ?    'X-RAY DIFFRACTION' ? 
r_nbtor_refined              ?     ?     ? ?    'X-RAY DIFFRACTION' ? 
r_nbtor_other                ?     ?     ? ?    'X-RAY DIFFRACTION' ? 
r_xyhbond_nbd_refined        ?     ?     ? ?    'X-RAY DIFFRACTION' ? 
r_xyhbond_nbd_other          ?     ?     ? ?    'X-RAY DIFFRACTION' ? 
r_metal_ion_refined          ?     ?     ? ?    'X-RAY DIFFRACTION' ? 
r_metal_ion_other            ?     ?     ? ?    'X-RAY DIFFRACTION' ? 
r_symmetry_vdw_refined       ?     ?     ? ?    'X-RAY DIFFRACTION' ? 
r_symmetry_vdw_other         ?     ?     ? ?    'X-RAY DIFFRACTION' ? 
r_symmetry_hbond_refined     ?     ?     ? ?    'X-RAY DIFFRACTION' ? 
r_symmetry_hbond_other       ?     ?     ? ?    'X-RAY DIFFRACTION' ? 
r_symmetry_metal_ion_refined ?     ?     ? ?    'X-RAY DIFFRACTION' ? 
r_symmetry_metal_ion_other   ?     ?     ? ?    'X-RAY DIFFRACTION' ? 
r_mcbond_it                  ?     ?     ? ?    'X-RAY DIFFRACTION' ? 
r_mcbond_other               ?     ?     ? ?    'X-RAY DIFFRACTION' ? 
r_mcangle_it                 ?     ?     ? ?    'X-RAY DIFFRACTION' ? 
r_scbond_it                  2.687 3.000 ? 1084 'X-RAY DIFFRACTION' ? 
r_scangle_it                 3.731 4.500 ? 1676 'X-RAY DIFFRACTION' ? 
r_rigid_bond_restr           ?     ?     ? ?    'X-RAY DIFFRACTION' ? 
r_sphericity_free            ?     ?     ? ?    'X-RAY DIFFRACTION' ? 
r_sphericity_bonded          ?     ?     ? ?    'X-RAY DIFFRACTION' ? 
# 
_refine_ls_shell.pdbx_refine_id                   'X-RAY DIFFRACTION' 
_refine_ls_shell.pdbx_total_number_of_bins_used   20 
_refine_ls_shell.d_res_high                       1.616 
_refine_ls_shell.d_res_low                        1.658 
_refine_ls_shell.number_reflns_R_work             627 
_refine_ls_shell.R_factor_R_work                  0.236 
_refine_ls_shell.percent_reflns_obs               61.21 
_refine_ls_shell.R_factor_R_free                  0.287 
_refine_ls_shell.R_factor_R_free_error            ? 
_refine_ls_shell.percent_reflns_R_free            ? 
_refine_ls_shell.number_reflns_R_free             39 
_refine_ls_shell.number_reflns_all                ? 
_refine_ls_shell.R_factor_all                     ? 
_refine_ls_shell.redundancy_reflns_obs            ? 
_refine_ls_shell.number_reflns_obs                ? 
# 
_struct.entry_id                  3QXR 
_struct.title                     'Crystal structure of the brominated CKIT-1 proto-oncogene promoter quadruplex DNA' 
_struct.pdbx_model_details        ? 
_struct.pdbx_CASP_flag            ? 
_struct.pdbx_model_type_details   ? 
# 
_struct_keywords.entry_id        3QXR 
_struct_keywords.pdbx_keywords   DNA 
_struct_keywords.text            'DNA quadruplex, regulation, ckit-1, DNA' 
# 
loop_
_struct_asym.id 
_struct_asym.pdbx_blank_PDB_chainid_flag 
_struct_asym.pdbx_modified 
_struct_asym.entity_id 
_struct_asym.details 
A N N 1 ? 
B N N 1 ? 
C N N 2 ? 
D N N 2 ? 
E N N 2 ? 
F N N 2 ? 
G N N 2 ? 
H N N 3 ? 
I N N 3 ? 
J N N 2 ? 
K N N 2 ? 
L N N 2 ? 
M N N 2 ? 
N N N 4 ? 
O N N 4 ? 
# 
_struct_biol.id        1 
_struct_biol.details   ? 
# 
loop_
_struct_conn.id 
_struct_conn.conn_type_id 
_struct_conn.pdbx_leaving_atom_flag 
_struct_conn.pdbx_PDB_id 
_struct_conn.ptnr1_label_asym_id 
_struct_conn.ptnr1_label_comp_id 
_struct_conn.ptnr1_label_seq_id 
_struct_conn.ptnr1_label_atom_id 
_struct_conn.pdbx_ptnr1_label_alt_id 
_struct_conn.pdbx_ptnr1_PDB_ins_code 
_struct_conn.pdbx_ptnr1_standard_comp_id 
_struct_conn.ptnr1_symmetry 
_struct_conn.ptnr2_label_asym_id 
_struct_conn.ptnr2_label_comp_id 
_struct_conn.ptnr2_label_seq_id 
_struct_conn.ptnr2_label_atom_id 
_struct_conn.pdbx_ptnr2_label_alt_id 
_struct_conn.pdbx_ptnr2_PDB_ins_code 
_struct_conn.ptnr1_auth_asym_id 
_struct_conn.ptnr1_auth_comp_id 
_struct_conn.ptnr1_auth_seq_id 
_struct_conn.ptnr2_auth_asym_id 
_struct_conn.ptnr2_auth_comp_id 
_struct_conn.ptnr2_auth_seq_id 
_struct_conn.ptnr2_symmetry 
_struct_conn.pdbx_ptnr3_label_atom_id 
_struct_conn.pdbx_ptnr3_label_seq_id 
_struct_conn.pdbx_ptnr3_label_comp_id 
_struct_conn.pdbx_ptnr3_label_asym_id 
_struct_conn.pdbx_ptnr3_label_alt_id 
_struct_conn.pdbx_ptnr3_PDB_ins_code 
_struct_conn.details 
_struct_conn.pdbx_dist_value 
_struct_conn.pdbx_value_order 
_struct_conn.pdbx_role 
covale1  covale both ? A DC  11 "O3'" A ? ? 1_555 A BRU 12 P  ? ? A DC  11 A BRU 12  1_555 ? ? ? ? ? ? ?               1.608 ? ? 
covale2  covale both ? A DC  11 "O3'" B ? ? 1_555 A BRU 12 P  ? ? A DC  11 A BRU 12  1_555 ? ? ? ? ? ? ?               1.591 ? ? 
covale3  covale both ? A BRU 12 "O3'" ? ? ? 1_555 A DG  13 P  ? ? A BRU 12 A DG  13  1_555 ? ? ? ? ? ? ?               1.649 ? ? 
covale4  covale both ? B DC  11 "O3'" ? ? ? 1_555 B BRU 12 P  ? ? B DC  11 B BRU 12  1_555 ? ? ? ? ? ? ?               1.625 ? ? 
covale5  covale both ? B BRU 12 "O3'" ? ? ? 1_555 B DG  13 P  ? ? B BRU 12 B DG  13  1_555 ? ? ? ? ? ? ?               1.653 ? ? 
metalc1  metalc ?    ? A DG  2  O6    ? ? ? 1_555 C K   .  K  ? ? A DG  2  A K   23  1_555 ? ? ? ? ? ? ?               2.816 ? ? 
metalc2  metalc ?    ? A DG  2  O6    ? ? ? 1_555 E K   .  K  ? ? A DG  2  A K   25  1_555 ? ? ? ? ? ? ?               3.005 ? ? 
metalc3  metalc ?    ? A DG  3  O6    ? ? ? 1_555 C K   .  K  ? ? A DG  3  A K   23  1_555 ? ? ? ? ? ? ?               2.760 ? ? 
metalc4  metalc ?    ? A DG  3  O6    ? ? ? 1_555 D K   .  K  ? ? A DG  3  A K   24  1_555 ? ? ? ? ? ? ?               2.899 ? ? 
metalc5  metalc ?    ? A DG  4  O6    ? ? ? 1_555 D K   .  K  ? ? A DG  4  A K   24  1_555 ? ? ? ? ? ? ?               2.686 ? ? 
metalc6  metalc ?    ? A DA  5  "O4'" ? ? ? 1_555 F K   .  K  ? ? A DA  5  A K   26  1_555 ? ? ? ? ? ? ?               2.836 ? ? 
metalc7  metalc ?    ? A DG  6  O6    ? ? ? 1_555 C K   .  K  ? ? A DG  6  A K   23  1_555 ? ? ? ? ? ? ?               2.694 ? ? 
metalc8  metalc ?    ? A DG  6  O6    ? ? ? 1_555 E K   .  K  ? ? A DG  6  A K   25  1_555 ? ? ? ? ? ? ?               3.000 ? ? 
metalc9  metalc ?    ? A DG  7  O6    ? ? ? 1_555 C K   .  K  ? ? A DG  7  A K   23  1_555 ? ? ? ? ? ? ?               2.789 ? ? 
metalc10 metalc ?    ? A DG  7  O6    ? ? ? 1_555 D K   .  K  ? ? A DG  7  A K   24  1_555 ? ? ? ? ? ? ?               2.843 ? ? 
metalc11 metalc ?    ? A DG  7  OP1   ? ? ? 1_555 F K   .  K  ? ? A DG  7  A K   26  1_555 ? ? ? ? ? ? ?               2.733 ? ? 
metalc12 metalc ?    ? A DG  8  O6    ? ? ? 1_555 D K   .  K  ? ? A DG  8  A K   24  1_555 ? ? ? ? ? ? ?               2.765 ? ? 
metalc13 metalc ?    ? A DG  10 O6    ? ? ? 1_555 C K   .  K  ? ? A DG  10 A K   23  1_555 ? ? ? ? ? ? ?               2.751 ? ? 
metalc14 metalc ?    ? A DG  10 O6    ? ? ? 1_555 E K   .  K  ? ? A DG  10 A K   25  1_555 ? ? ? ? ? ? ?               2.866 ? ? 
metalc15 metalc ?    ? A DG  10 "O3'" ? ? ? 1_555 G K   .  K  ? ? A DG  10 A K   27  1_555 ? ? ? ? ? ? ?               2.803 ? ? 
metalc16 metalc ?    ? A DC  11 OP2   A ? ? 1_555 G K   .  K  ? ? A DC  11 A K   27  1_555 ? ? ? ? ? ? ?               2.512 ? ? 
metalc17 metalc ?    ? A DC  11 OP2   B ? ? 1_555 G K   .  K  ? ? A DC  11 A K   27  1_555 ? ? ? ? ? ? ?               2.903 ? ? 
metalc18 metalc ?    ? A DG  13 O6    ? ? ? 1_555 C K   .  K  ? ? A DG  13 A K   23  1_555 ? ? ? ? ? ? ?               2.836 ? ? 
metalc19 metalc ?    ? A DG  13 O6    ? ? ? 1_555 E K   .  K  ? ? A DG  13 A K   25  1_555 ? ? ? ? ? ? ?               2.960 ? ? 
metalc20 metalc ?    ? A DG  14 O6    ? ? ? 1_555 C K   .  K  ? ? A DG  14 A K   23  1_555 ? ? ? ? ? ? ?               2.812 ? ? 
metalc21 metalc ?    ? A DG  14 O6    ? ? ? 1_555 D K   .  K  ? ? A DG  14 A K   24  1_555 ? ? ? ? ? ? ?               2.772 ? ? 
metalc22 metalc ?    ? A DG  15 O6    ? ? ? 1_555 D K   .  K  ? ? A DG  15 A K   24  1_555 ? ? ? ? ? ? ?               2.861 ? ? 
metalc23 metalc ?    ? A DG  21 O6    ? ? ? 1_555 C K   .  K  ? ? A DG  21 A K   23  1_555 ? ? ? ? ? ? ?               2.691 ? ? 
metalc24 metalc ?    ? A DG  21 O6    ? ? ? 1_555 D K   .  K  ? ? A DG  21 A K   24  1_555 ? ? ? ? ? ? ?               2.917 ? ? 
metalc25 metalc ?    ? A DG  21 "O4'" ? ? ? 1_555 G K   .  K  ? ? A DG  21 A K   27  1_555 ? ? ? ? ? ? ?               2.906 ? ? 
metalc26 metalc ?    ? A DG  21 OP2   ? ? ? 1_555 H MG  .  MG ? ? A DG  21 A MG  28  1_555 ? ? ? ? ? ? ?               1.983 ? ? 
metalc27 metalc ?    ? A DG  22 O6    ? ? ? 1_555 D K   .  K  ? ? A DG  22 A K   24  1_555 ? ? ? ? ? ? ?               2.658 ? ? 
metalc28 metalc ?    ? E K   .  K     ? ? ? 1_555 N HOH .  O  ? ? A K   25 A HOH 47  1_555 ? ? ? ? ? ? ?               2.835 ? ? 
metalc29 metalc ?    ? E K   .  K     ? ? ? 1_555 B BRU 12 O4 ? ? A K   25 B BRU 12  1_555 ? ? ? ? ? ? ?               2.683 ? ? 
metalc30 metalc ?    ? E K   .  K     ? ? ? 1_555 O HOH .  O  ? ? A K   25 B HOH 48  1_555 ? ? ? ? ? ? ?               2.653 ? ? 
metalc31 metalc ?    ? F K   .  K     ? ? ? 1_555 N HOH .  O  ? ? A K   26 A HOH 74  1_555 ? ? ? ? ? ? ?               2.766 ? ? 
metalc32 metalc ?    ? F K   .  K     ? ? ? 1_555 N HOH .  O  ? ? A K   26 A HOH 75  1_555 ? ? ? ? ? ? ?               2.754 ? ? 
metalc33 metalc ?    ? G K   .  K     ? ? ? 1_555 N HOH .  O  ? ? A K   27 A HOH 40  1_555 ? ? ? ? ? ? ?               2.841 ? ? 
metalc34 metalc ?    ? G K   .  K     ? ? ? 1_555 N HOH .  O  ? ? A K   27 A HOH 53  1_555 ? ? ? ? ? ? ?               2.867 ? ? 
metalc35 metalc ?    ? G K   .  K     ? ? ? 1_555 N HOH .  O  ? ? A K   27 A HOH 85  1_555 ? ? ? ? ? ? ?               2.801 ? ? 
metalc36 metalc ?    ? G K   .  K     ? ? ? 1_555 N HOH .  O  ? ? A K   27 A HOH 86  1_555 ? ? ? ? ? ? ?               2.749 ? ? 
metalc37 metalc ?    ? H MG  .  MG    ? ? ? 1_555 N HOH .  O  ? ? A MG  28 A HOH 61  1_555 ? ? ? ? ? ? ?               2.037 ? ? 
metalc38 metalc ?    ? H MG  .  MG    ? ? ? 1_555 N HOH .  O  ? ? A MG  28 A HOH 62  1_555 ? ? ? ? ? ? ?               2.437 ? ? 
metalc39 metalc ?    ? H MG  .  MG    ? ? ? 1_555 N HOH .  O  ? ? A MG  28 A HOH 63  1_555 ? ? ? ? ? ? ?               2.108 ? ? 
metalc40 metalc ?    ? H MG  .  MG    ? ? ? 1_555 N HOH .  O  ? ? A MG  28 A HOH 64  1_555 ? ? ? ? ? ? ?               2.181 ? ? 
metalc41 metalc ?    ? H MG  .  MG    ? ? ? 1_555 N HOH .  O  ? ? A MG  28 A HOH 65  1_555 ? ? ? ? ? ? ?               2.045 ? ? 
metalc42 metalc ?    ? H MG  .  MG    ? ? ? 1_555 N HOH .  O  ? ? A MG  28 A HOH 192 1_555 ? ? ? ? ? ? ?               2.894 ? ? 
metalc43 metalc ?    ? I MG  .  MG    ? ? ? 1_555 N HOH .  O  ? ? A MG  29 A HOH 66  1_555 ? ? ? ? ? ? ?               2.162 ? ? 
metalc44 metalc ?    ? I MG  .  MG    ? ? ? 1_555 N HOH .  O  ? ? A MG  29 A HOH 67  1_555 ? ? ? ? ? ? ?               2.301 ? ? 
metalc45 metalc ?    ? I MG  .  MG    ? ? ? 1_555 N HOH .  O  ? ? A MG  29 A HOH 68  1_555 ? ? ? ? ? ? ?               2.125 ? ? 
metalc46 metalc ?    ? I MG  .  MG    ? ? ? 1_555 N HOH .  O  ? ? A MG  29 A HOH 69  1_555 ? ? ? ? ? ? ?               2.017 ? ? 
metalc47 metalc ?    ? B DG  2  O6    ? ? ? 1_555 J K   .  K  ? ? B DG  2  B K   23  1_555 ? ? ? ? ? ? ?               2.681 ? ? 
metalc48 metalc ?    ? B DG  3  O6    ? ? ? 1_555 J K   .  K  ? ? B DG  3  B K   23  1_555 ? ? ? ? ? ? ?               2.834 ? ? 
metalc49 metalc ?    ? B DG  3  O6    ? ? ? 1_555 K K   .  K  ? ? B DG  3  B K   24  1_555 ? ? ? ? ? ? ?               2.906 ? ? 
metalc50 metalc ?    ? B DG  4  O6    ? ? ? 1_555 K K   .  K  ? ? B DG  4  B K   24  1_555 ? ? ? ? ? ? ?               2.685 ? ? 
metalc51 metalc ?    ? B DG  6  O6    ? ? ? 1_555 J K   .  K  ? ? B DG  6  B K   23  1_555 ? ? ? ? ? ? ?               2.698 ? ? 
metalc52 metalc ?    ? B DG  7  O6    ? ? ? 1_555 J K   .  K  ? ? B DG  7  B K   23  1_555 ? ? ? ? ? ? ?               2.938 ? ? 
metalc53 metalc ?    ? B DG  7  O6    ? ? ? 1_555 K K   .  K  ? ? B DG  7  B K   24  1_555 ? ? ? ? ? ? ?               2.836 ? ? 
metalc54 metalc ?    ? B DG  8  O6    ? ? ? 1_555 K K   .  K  ? ? B DG  8  B K   24  1_555 ? ? ? ? ? ? ?               2.835 ? ? 
metalc55 metalc ?    ? B DG  10 O6    ? ? ? 1_555 J K   .  K  ? ? B DG  10 B K   23  1_555 ? ? ? ? ? ? ?               2.650 ? ? 
metalc56 metalc ?    ? B DG  10 "O3'" ? ? ? 1_555 L K   .  K  ? ? B DG  10 B K   25  1_555 ? ? ? ? ? ? ?               2.963 ? ? 
metalc57 metalc ?    ? B DC  11 OP2   ? ? ? 1_555 L K   .  K  ? ? B DC  11 B K   25  1_555 ? ? ? ? ? ? ?               2.819 ? ? 
metalc58 metalc ?    ? B DG  13 O6    ? ? ? 1_555 J K   .  K  ? ? B DG  13 B K   23  1_555 ? ? ? ? ? ? ?               2.795 ? ? 
metalc59 metalc ?    ? B DG  14 O6    ? ? ? 1_555 J K   .  K  ? ? B DG  14 B K   23  1_555 ? ? ? ? ? ? ?               2.794 ? ? 
metalc60 metalc ?    ? B DG  14 O6    ? ? ? 1_555 K K   .  K  ? ? B DG  14 B K   24  1_555 ? ? ? ? ? ? ?               2.842 ? ? 
metalc61 metalc ?    ? B DG  15 O6    ? ? ? 1_555 K K   .  K  ? ? B DG  15 B K   24  1_555 ? ? ? ? ? ? ?               2.839 ? ? 
metalc62 metalc ?    ? B DG  17 O6    ? ? ? 1_555 M K   .  K  ? ? B DG  17 B K   26  1_555 ? ? ? ? ? ? ?               2.829 ? ? 
metalc63 metalc ?    ? B DG  21 O6    ? ? ? 1_555 J K   .  K  ? ? B DG  21 B K   23  1_555 ? ? ? ? ? ? ?               2.808 ? ? 
metalc64 metalc ?    ? B DG  21 O6    ? ? ? 1_555 K K   .  K  ? ? B DG  21 B K   24  1_555 ? ? ? ? ? ? ?               2.988 ? ? 
metalc65 metalc ?    ? B DG  21 "O4'" ? ? ? 1_555 L K   .  K  ? ? B DG  21 B K   25  1_555 ? ? ? ? ? ? ?               3.056 ? ? 
metalc66 metalc ?    ? B DG  22 O6    ? ? ? 1_555 K K   .  K  ? ? B DG  22 B K   24  1_555 ? ? ? ? ? ? ?               2.717 ? ? 
metalc67 metalc ?    ? L K   .  K     ? ? ? 1_555 O HOH .  O  ? ? B K   25 B HOH 76  1_555 ? ? ? ? ? ? ?               2.782 ? ? 
metalc68 metalc ?    ? L K   .  K     ? ? ? 1_555 O HOH .  O  ? ? B K   25 B HOH 77  1_555 ? ? ? ? ? ? ?               3.113 ? ? 
metalc69 metalc ?    ? L K   .  K     ? ? ? 1_555 O HOH .  O  ? ? B K   25 B HOH 78  1_555 ? ? ? ? ? ? ?               3.196 ? ? 
metalc70 metalc ?    ? L K   .  K     ? ? ? 1_555 O HOH .  O  ? ? B K   25 B HOH 80  1_555 ? ? ? ? ? ? ?               2.861 ? ? 
metalc71 metalc ?    ? M K   .  K     ? ? ? 1_555 O HOH .  O  ? ? B K   26 B HOH 90  1_555 ? ? ? ? ? ? ?               3.085 ? ? 
metalc72 metalc ?    ? M K   .  K     ? ? ? 1_555 O HOH .  O  ? ? B K   26 B HOH 102 1_555 ? ? ? ? ? ? ?               3.458 ? ? 
metalc73 metalc ?    ? M K   .  K     ? ? ? 1_555 O HOH .  O  ? ? B K   26 B HOH 111 1_555 ? ? ? ? ? ? ?               3.209 ? ? 
metalc74 metalc ?    ? M K   .  K     ? ? ? 1_555 O HOH .  O  ? ? B K   26 B HOH 147 1_555 ? ? ? ? ? ? ?               2.488 ? ? 
hydrog1  hydrog ?    ? A DA  1  N6    ? ? ? 1_555 A BRU 12 O2 ? ? A DA  1  A BRU 12  1_555 ? ? ? ? ? ? 'DA-BRU PAIR'   ?     ? ? 
hydrog2  hydrog ?    ? A DG  2  N1    ? ? ? 1_555 A DG  6  O6 ? ? A DG  2  A DG  6   1_555 ? ? ? ? ? ? TYPE_6_PAIR     ?     ? ? 
hydrog3  hydrog ?    ? A DG  2  N2    ? ? ? 1_555 A DG  6  N7 ? ? A DG  2  A DG  6   1_555 ? ? ? ? ? ? TYPE_6_PAIR     ?     ? ? 
hydrog4  hydrog ?    ? A DG  2  N7    ? ? ? 1_555 A DG  13 N2 ? ? A DG  2  A DG  13  1_555 ? ? ? ? ? ? TYPE_6_PAIR     ?     ? ? 
hydrog5  hydrog ?    ? A DG  2  O6    ? ? ? 1_555 A DG  13 N1 ? ? A DG  2  A DG  13  1_555 ? ? ? ? ? ? TYPE_6_PAIR     ?     ? ? 
hydrog6  hydrog ?    ? A DG  3  N1    ? ? ? 1_555 A DG  7  O6 ? ? A DG  3  A DG  7   1_555 ? ? ? ? ? ? TYPE_6_PAIR     ?     ? ? 
hydrog7  hydrog ?    ? A DG  3  N2    ? ? ? 1_555 A DG  7  N7 ? ? A DG  3  A DG  7   1_555 ? ? ? ? ? ? TYPE_6_PAIR     ?     ? ? 
hydrog8  hydrog ?    ? A DG  3  N7    ? ? ? 1_555 A DG  14 N2 ? ? A DG  3  A DG  14  1_555 ? ? ? ? ? ? TYPE_6_PAIR     ?     ? ? 
hydrog9  hydrog ?    ? A DG  3  O6    ? ? ? 1_555 A DG  14 N1 ? ? A DG  3  A DG  14  1_555 ? ? ? ? ? ? TYPE_6_PAIR     ?     ? ? 
hydrog10 hydrog ?    ? A DG  4  N1    ? ? ? 1_555 A DG  8  O6 ? ? A DG  4  A DG  8   1_555 ? ? ? ? ? ? TYPE_6_PAIR     ?     ? ? 
hydrog11 hydrog ?    ? A DG  4  N2    ? ? ? 1_555 A DG  8  N7 ? ? A DG  4  A DG  8   1_555 ? ? ? ? ? ? TYPE_6_PAIR     ?     ? ? 
hydrog12 hydrog ?    ? A DG  4  N7    ? ? ? 1_555 A DG  15 N2 ? ? A DG  4  A DG  15  1_555 ? ? ? ? ? ? TYPE_6_PAIR     ?     ? ? 
hydrog13 hydrog ?    ? A DG  4  O6    ? ? ? 1_555 A DG  15 N1 ? ? A DG  4  A DG  15  1_555 ? ? ? ? ? ? TYPE_6_PAIR     ?     ? ? 
hydrog14 hydrog ?    ? A DG  4  O6    ? ? ? 1_555 A DG  20 N2 ? ? A DG  4  A DG  20  1_555 ? ? ? ? ? ? 'DG-DG MISPAIR' ?     ? ? 
hydrog15 hydrog ?    ? A DG  6  N1    ? ? ? 1_555 A DG  10 O6 ? ? A DG  6  A DG  10  1_555 ? ? ? ? ? ? TYPE_6_PAIR     ?     ? ? 
hydrog16 hydrog ?    ? A DG  6  N2    ? ? ? 1_555 A DG  10 N7 ? ? A DG  6  A DG  10  1_555 ? ? ? ? ? ? TYPE_6_PAIR     ?     ? ? 
hydrog17 hydrog ?    ? A DG  7  N1    ? ? ? 1_555 A DG  21 O6 ? ? A DG  7  A DG  21  1_555 ? ? ? ? ? ? TYPE_6_PAIR     ?     ? ? 
hydrog18 hydrog ?    ? A DG  7  N2    ? ? ? 1_555 A DG  21 N7 ? ? A DG  7  A DG  21  1_555 ? ? ? ? ? ? TYPE_6_PAIR     ?     ? ? 
hydrog19 hydrog ?    ? A DG  8  N1    ? ? ? 1_555 A DG  22 O6 ? ? A DG  8  A DG  22  1_555 ? ? ? ? ? ? TYPE_6_PAIR     ?     ? ? 
hydrog20 hydrog ?    ? A DG  8  N2    ? ? ? 1_555 A DG  22 N7 ? ? A DG  8  A DG  22  1_555 ? ? ? ? ? ? TYPE_6_PAIR     ?     ? ? 
hydrog21 hydrog ?    ? A DG  10 N1    ? ? ? 1_555 A DG  13 O6 ? ? A DG  10 A DG  13  1_555 ? ? ? ? ? ? TYPE_6_PAIR     ?     ? ? 
hydrog22 hydrog ?    ? A DG  10 N2    ? ? ? 1_555 A DG  13 N7 ? ? A DG  10 A DG  13  1_555 ? ? ? ? ? ? TYPE_6_PAIR     ?     ? ? 
hydrog23 hydrog ?    ? A DG  14 N7    ? ? ? 1_555 A DG  21 N2 ? ? A DG  14 A DG  21  1_555 ? ? ? ? ? ? TYPE_6_PAIR     ?     ? ? 
hydrog24 hydrog ?    ? A DG  14 O6    ? ? ? 1_555 A DG  21 N1 ? ? A DG  14 A DG  21  1_555 ? ? ? ? ? ? TYPE_6_PAIR     ?     ? ? 
hydrog25 hydrog ?    ? A DG  15 O6    ? ? ? 1_555 A DG  20 N2 ? ? A DG  15 A DG  20  1_555 ? ? ? ? ? ? 'DG-DG MISPAIR' ?     ? ? 
hydrog26 hydrog ?    ? A DG  15 N7    ? ? ? 1_555 A DG  22 N2 ? ? A DG  15 A DG  22  1_555 ? ? ? ? ? ? TYPE_6_PAIR     ?     ? ? 
hydrog27 hydrog ?    ? A DG  15 O6    ? ? ? 1_555 A DG  22 N1 ? ? A DG  15 A DG  22  1_555 ? ? ? ? ? ? TYPE_6_PAIR     ?     ? ? 
hydrog28 hydrog ?    ? A DA  16 N1    ? ? ? 1_555 A DG  20 N1 ? ? A DA  16 A DG  20  1_555 ? ? ? ? ? ? TYPE_8_PAIR     ?     ? ? 
hydrog29 hydrog ?    ? A DA  16 N6    ? ? ? 1_555 A DG  20 O6 ? ? A DA  16 A DG  20  1_555 ? ? ? ? ? ? TYPE_8_PAIR     ?     ? ? 
hydrog30 hydrog ?    ? A DG  17 N3    ? ? ? 1_555 A DA  19 N6 ? ? A DG  17 A DA  19  1_555 ? ? ? ? ? ? 'DG-DA MISPAIR' ?     ? ? 
hydrog31 hydrog ?    ? B DG  2  N1    ? ? ? 1_555 B DG  6  O6 ? ? B DG  2  B DG  6   1_555 ? ? ? ? ? ? TYPE_6_PAIR     ?     ? ? 
hydrog32 hydrog ?    ? B DG  2  N2    ? ? ? 1_555 B DG  6  N7 ? ? B DG  2  B DG  6   1_555 ? ? ? ? ? ? TYPE_6_PAIR     ?     ? ? 
hydrog33 hydrog ?    ? B DG  2  N7    ? ? ? 1_555 B DG  13 N2 ? ? B DG  2  B DG  13  1_555 ? ? ? ? ? ? TYPE_6_PAIR     ?     ? ? 
hydrog34 hydrog ?    ? B DG  2  O6    ? ? ? 1_555 B DG  13 N1 ? ? B DG  2  B DG  13  1_555 ? ? ? ? ? ? TYPE_6_PAIR     ?     ? ? 
hydrog35 hydrog ?    ? B DG  3  N1    ? ? ? 1_555 B DG  7  O6 ? ? B DG  3  B DG  7   1_555 ? ? ? ? ? ? TYPE_6_PAIR     ?     ? ? 
hydrog36 hydrog ?    ? B DG  3  N2    ? ? ? 1_555 B DG  7  N7 ? ? B DG  3  B DG  7   1_555 ? ? ? ? ? ? TYPE_6_PAIR     ?     ? ? 
hydrog37 hydrog ?    ? B DG  3  N7    ? ? ? 1_555 B DG  14 N2 ? ? B DG  3  B DG  14  1_555 ? ? ? ? ? ? TYPE_6_PAIR     ?     ? ? 
hydrog38 hydrog ?    ? B DG  3  O6    ? ? ? 1_555 B DG  14 N1 ? ? B DG  3  B DG  14  1_555 ? ? ? ? ? ? TYPE_6_PAIR     ?     ? ? 
hydrog39 hydrog ?    ? B DG  4  N1    ? ? ? 1_555 B DG  8  O6 ? ? B DG  4  B DG  8   1_555 ? ? ? ? ? ? TYPE_6_PAIR     ?     ? ? 
hydrog40 hydrog ?    ? B DG  4  N2    ? ? ? 1_555 B DG  8  N7 ? ? B DG  4  B DG  8   1_555 ? ? ? ? ? ? TYPE_6_PAIR     ?     ? ? 
hydrog41 hydrog ?    ? B DG  4  N7    ? ? ? 1_555 B DG  15 N2 ? ? B DG  4  B DG  15  1_555 ? ? ? ? ? ? TYPE_6_PAIR     ?     ? ? 
hydrog42 hydrog ?    ? B DG  4  O6    ? ? ? 1_555 B DG  15 N1 ? ? B DG  4  B DG  15  1_555 ? ? ? ? ? ? TYPE_6_PAIR     ?     ? ? 
hydrog43 hydrog ?    ? B DG  4  O6    ? ? ? 1_555 B DG  20 N2 ? ? B DG  4  B DG  20  1_555 ? ? ? ? ? ? 'DG-DG MISPAIR' ?     ? ? 
hydrog44 hydrog ?    ? B DG  6  N1    ? ? ? 1_555 B DG  10 O6 ? ? B DG  6  B DG  10  1_555 ? ? ? ? ? ? TYPE_6_PAIR     ?     ? ? 
hydrog45 hydrog ?    ? B DG  6  N2    ? ? ? 1_555 B DG  10 N7 ? ? B DG  6  B DG  10  1_555 ? ? ? ? ? ? TYPE_6_PAIR     ?     ? ? 
hydrog46 hydrog ?    ? B DG  7  N1    ? ? ? 1_555 B DG  21 O6 ? ? B DG  7  B DG  21  1_555 ? ? ? ? ? ? TYPE_6_PAIR     ?     ? ? 
hydrog47 hydrog ?    ? B DG  7  N2    ? ? ? 1_555 B DG  21 N7 ? ? B DG  7  B DG  21  1_555 ? ? ? ? ? ? TYPE_6_PAIR     ?     ? ? 
hydrog48 hydrog ?    ? B DG  8  N1    ? ? ? 1_555 B DG  22 O6 ? ? B DG  8  B DG  22  1_555 ? ? ? ? ? ? TYPE_6_PAIR     ?     ? ? 
hydrog49 hydrog ?    ? B DG  8  N2    ? ? ? 1_555 B DG  22 N7 ? ? B DG  8  B DG  22  1_555 ? ? ? ? ? ? TYPE_6_PAIR     ?     ? ? 
hydrog50 hydrog ?    ? B DG  10 N1    ? ? ? 1_555 B DG  13 O6 ? ? B DG  10 B DG  13  1_555 ? ? ? ? ? ? TYPE_6_PAIR     ?     ? ? 
hydrog51 hydrog ?    ? B DG  10 N2    ? ? ? 1_555 B DG  13 N7 ? ? B DG  10 B DG  13  1_555 ? ? ? ? ? ? TYPE_6_PAIR     ?     ? ? 
hydrog52 hydrog ?    ? B DG  14 N7    ? ? ? 1_555 B DG  21 N2 ? ? B DG  14 B DG  21  1_555 ? ? ? ? ? ? TYPE_6_PAIR     ?     ? ? 
hydrog53 hydrog ?    ? B DG  14 O6    ? ? ? 1_555 B DG  21 N1 ? ? B DG  14 B DG  21  1_555 ? ? ? ? ? ? TYPE_6_PAIR     ?     ? ? 
hydrog54 hydrog ?    ? B DG  15 O6    ? ? ? 1_555 B DG  20 N2 ? ? B DG  15 B DG  20  1_555 ? ? ? ? ? ? 'DG-DG MISPAIR' ?     ? ? 
hydrog55 hydrog ?    ? B DG  15 N7    ? ? ? 1_555 B DG  22 N2 ? ? B DG  15 B DG  22  1_555 ? ? ? ? ? ? TYPE_6_PAIR     ?     ? ? 
hydrog56 hydrog ?    ? B DG  15 O6    ? ? ? 1_555 B DG  22 N1 ? ? B DG  15 B DG  22  1_555 ? ? ? ? ? ? TYPE_6_PAIR     ?     ? ? 
hydrog57 hydrog ?    ? B DA  16 N1    ? ? ? 1_555 B DG  20 N1 ? ? B DA  16 B DG  20  1_555 ? ? ? ? ? ? TYPE_8_PAIR     ?     ? ? 
hydrog58 hydrog ?    ? B DA  16 N6    ? ? ? 1_555 B DG  20 O6 ? ? B DA  16 B DG  20  1_555 ? ? ? ? ? ? TYPE_8_PAIR     ?     ? ? 
hydrog59 hydrog ?    ? B DG  17 N3    ? ? ? 1_555 B DA  19 N6 ? ? B DG  17 B DA  19  1_555 ? ? ? ? ? ? 'DG-DA MISPAIR' ?     ? ? 
# 
loop_
_struct_conn_type.id 
_struct_conn_type.criteria 
_struct_conn_type.reference 
covale ? ? 
metalc ? ? 
hydrog ? ? 
# 
loop_
_struct_site.id 
_struct_site.pdbx_evidence_code 
_struct_site.pdbx_auth_asym_id 
_struct_site.pdbx_auth_comp_id 
_struct_site.pdbx_auth_seq_id 
_struct_site.pdbx_auth_ins_code 
_struct_site.pdbx_num_residues 
_struct_site.details 
AC1 Software A K  23 ? 10 'BINDING SITE FOR RESIDUE K A 23'  
AC2 Software A K  24 ? 10 'BINDING SITE FOR RESIDUE K A 24'  
AC3 Software A K  25 ? 8  'BINDING SITE FOR RESIDUE K A 25'  
AC4 Software A K  26 ? 6  'BINDING SITE FOR RESIDUE K A 26'  
AC5 Software A K  27 ? 7  'BINDING SITE FOR RESIDUE K A 27'  
AC6 Software A MG 28 ? 7  'BINDING SITE FOR RESIDUE MG A 28' 
AC7 Software A MG 29 ? 6  'BINDING SITE FOR RESIDUE MG A 29' 
AC8 Software B K  23 ? 9  'BINDING SITE FOR RESIDUE K B 23'  
AC9 Software B K  24 ? 10 'BINDING SITE FOR RESIDUE K B 24'  
BC1 Software B K  25 ? 5  'BINDING SITE FOR RESIDUE K B 25'  
BC2 Software B K  26 ? 6  'BINDING SITE FOR RESIDUE K B 26'  
# 
loop_
_struct_site_gen.id 
_struct_site_gen.site_id 
_struct_site_gen.pdbx_num_res 
_struct_site_gen.label_comp_id 
_struct_site_gen.label_asym_id 
_struct_site_gen.label_seq_id 
_struct_site_gen.pdbx_auth_ins_code 
_struct_site_gen.auth_comp_id 
_struct_site_gen.auth_asym_id 
_struct_site_gen.auth_seq_id 
_struct_site_gen.label_atom_id 
_struct_site_gen.label_alt_id 
_struct_site_gen.symmetry 
_struct_site_gen.details 
1  AC1 10 DG  A 2  ? DG  A 2   . ? 1_555 ? 
2  AC1 10 DG  A 3  ? DG  A 3   . ? 1_555 ? 
3  AC1 10 DG  A 6  ? DG  A 6   . ? 1_555 ? 
4  AC1 10 DG  A 7  ? DG  A 7   . ? 1_555 ? 
5  AC1 10 DG  A 10 ? DG  A 10  . ? 1_555 ? 
6  AC1 10 DG  A 13 ? DG  A 13  . ? 1_555 ? 
7  AC1 10 DG  A 14 ? DG  A 14  . ? 1_555 ? 
8  AC1 10 DG  A 21 ? DG  A 21  . ? 1_555 ? 
9  AC1 10 K   D .  ? K   A 24  . ? 1_555 ? 
10 AC1 10 K   E .  ? K   A 25  . ? 1_555 ? 
11 AC2 10 DG  A 3  ? DG  A 3   . ? 1_555 ? 
12 AC2 10 DG  A 4  ? DG  A 4   . ? 1_555 ? 
13 AC2 10 DG  A 7  ? DG  A 7   . ? 1_555 ? 
14 AC2 10 DG  A 8  ? DG  A 8   . ? 1_555 ? 
15 AC2 10 DG  A 14 ? DG  A 14  . ? 1_555 ? 
16 AC2 10 DG  A 15 ? DG  A 15  . ? 1_555 ? 
17 AC2 10 DG  A 20 ? DG  A 20  . ? 1_555 ? 
18 AC2 10 DG  A 21 ? DG  A 21  . ? 1_555 ? 
19 AC2 10 DG  A 22 ? DG  A 22  . ? 1_555 ? 
20 AC2 10 K   C .  ? K   A 23  . ? 1_555 ? 
21 AC3 8  DG  A 2  ? DG  A 2   . ? 1_555 ? 
22 AC3 8  DG  A 6  ? DG  A 6   . ? 1_555 ? 
23 AC3 8  DG  A 10 ? DG  A 10  . ? 1_555 ? 
24 AC3 8  DG  A 13 ? DG  A 13  . ? 1_555 ? 
25 AC3 8  K   C .  ? K   A 23  . ? 1_555 ? 
26 AC3 8  HOH N .  ? HOH A 47  . ? 1_555 ? 
27 AC3 8  BRU B 12 ? BRU B 12  . ? 1_555 ? 
28 AC3 8  HOH O .  ? HOH B 48  . ? 1_555 ? 
29 AC4 6  DA  A 5  ? DA  A 5   . ? 1_555 ? 
30 AC4 6  DG  A 7  ? DG  A 7   . ? 1_555 ? 
31 AC4 6  DG  A 18 ? DG  A 18  . ? 4_455 ? 
32 AC4 6  HOH N .  ? HOH A 74  . ? 1_555 ? 
33 AC4 6  HOH N .  ? HOH A 75  . ? 1_555 ? 
34 AC4 6  DC  B 9  ? DC  B 9   . ? 4_555 ? 
35 AC5 7  DG  A 10 ? DG  A 10  . ? 1_555 ? 
36 AC5 7  DC  A 11 ? DC  A 11  . ? 1_555 ? 
37 AC5 7  DG  A 21 ? DG  A 21  . ? 1_555 ? 
38 AC5 7  HOH N .  ? HOH A 40  . ? 1_555 ? 
39 AC5 7  HOH N .  ? HOH A 53  . ? 1_555 ? 
40 AC5 7  HOH N .  ? HOH A 85  . ? 1_555 ? 
41 AC5 7  HOH N .  ? HOH A 86  . ? 1_555 ? 
42 AC6 7  DG  A 21 ? DG  A 21  . ? 1_555 ? 
43 AC6 7  HOH N .  ? HOH A 61  . ? 1_555 ? 
44 AC6 7  HOH N .  ? HOH A 62  . ? 1_555 ? 
45 AC6 7  HOH N .  ? HOH A 63  . ? 1_555 ? 
46 AC6 7  HOH N .  ? HOH A 64  . ? 1_555 ? 
47 AC6 7  HOH N .  ? HOH A 65  . ? 1_555 ? 
48 AC6 7  HOH N .  ? HOH A 192 . ? 1_555 ? 
49 AC7 6  DG  A 17 ? DG  A 17  . ? 1_555 ? 
50 AC7 6  HOH N .  ? HOH A 66  . ? 1_555 ? 
51 AC7 6  HOH N .  ? HOH A 67  . ? 1_555 ? 
52 AC7 6  HOH N .  ? HOH A 68  . ? 1_555 ? 
53 AC7 6  HOH N .  ? HOH A 69  . ? 1_555 ? 
54 AC7 6  DG  B 21 ? DG  B 21  . ? 1_655 ? 
55 AC8 9  DG  B 2  ? DG  B 2   . ? 1_555 ? 
56 AC8 9  DG  B 3  ? DG  B 3   . ? 1_555 ? 
57 AC8 9  DG  B 6  ? DG  B 6   . ? 1_555 ? 
58 AC8 9  DG  B 7  ? DG  B 7   . ? 1_555 ? 
59 AC8 9  DG  B 10 ? DG  B 10  . ? 1_555 ? 
60 AC8 9  DG  B 13 ? DG  B 13  . ? 1_555 ? 
61 AC8 9  DG  B 14 ? DG  B 14  . ? 1_555 ? 
62 AC8 9  DG  B 21 ? DG  B 21  . ? 1_555 ? 
63 AC8 9  K   K .  ? K   B 24  . ? 1_555 ? 
64 AC9 10 DG  B 3  ? DG  B 3   . ? 1_555 ? 
65 AC9 10 DG  B 4  ? DG  B 4   . ? 1_555 ? 
66 AC9 10 DG  B 7  ? DG  B 7   . ? 1_555 ? 
67 AC9 10 DG  B 8  ? DG  B 8   . ? 1_555 ? 
68 AC9 10 DG  B 14 ? DG  B 14  . ? 1_555 ? 
69 AC9 10 DG  B 15 ? DG  B 15  . ? 1_555 ? 
70 AC9 10 DG  B 20 ? DG  B 20  . ? 1_555 ? 
71 AC9 10 DG  B 21 ? DG  B 21  . ? 1_555 ? 
72 AC9 10 DG  B 22 ? DG  B 22  . ? 1_555 ? 
73 AC9 10 K   J .  ? K   B 23  . ? 1_555 ? 
74 BC1 5  DG  B 10 ? DG  B 10  . ? 1_555 ? 
75 BC1 5  DC  B 11 ? DC  B 11  . ? 1_555 ? 
76 BC1 5  DG  B 21 ? DG  B 21  . ? 1_555 ? 
77 BC1 5  HOH O .  ? HOH B 76  . ? 1_555 ? 
78 BC1 5  HOH O .  ? HOH B 80  . ? 1_555 ? 
79 BC2 6  DG  B 17 ? DG  B 17  . ? 1_555 ? 
80 BC2 6  DG  B 17 ? DG  B 17  . ? 2_465 ? 
81 BC2 6  HOH O .  ? HOH B 90  . ? 1_555 ? 
82 BC2 6  HOH O .  ? HOH B 90  . ? 2_465 ? 
83 BC2 6  HOH O .  ? HOH B 147 . ? 2_465 ? 
84 BC2 6  HOH O .  ? HOH B 147 . ? 1_555 ? 
# 
_atom_sites.entry_id                    3QXR 
_atom_sites.fract_transf_matrix[1][1]   0.00891284 
_atom_sites.fract_transf_matrix[1][2]   -0.02220135 
_atom_sites.fract_transf_matrix[1][3]   -0.01166731 
_atom_sites.fract_transf_matrix[2][1]   0.00731299 
_atom_sites.fract_transf_matrix[2][2]   -0.00600821 
_atom_sites.fract_transf_matrix[2][3]   0.01701935 
_atom_sites.fract_transf_matrix[3][1]   -0.01481336 
_atom_sites.fract_transf_matrix[3][2]   -0.00783782 
_atom_sites.fract_transf_matrix[3][3]   0.00359818 
_atom_sites.fract_transf_vector[1]      -0.281571 
_atom_sites.fract_transf_vector[2]      0.242227 
_atom_sites.fract_transf_vector[3]      -0.241539 
# 
loop_
_atom_type.symbol 
BR 
C  
K  
MG 
N  
O  
P  
# 
loop_
_atom_site.group_PDB 
_atom_site.id 
_atom_site.type_symbol 
_atom_site.label_atom_id 
_atom_site.label_alt_id 
_atom_site.label_comp_id 
_atom_site.label_asym_id 
_atom_site.label_entity_id 
_atom_site.label_seq_id 
_atom_site.pdbx_PDB_ins_code 
_atom_site.Cartn_x 
_atom_site.Cartn_y 
_atom_site.Cartn_z 
_atom_site.occupancy 
_atom_site.B_iso_or_equiv 
_atom_site.pdbx_formal_charge 
_atom_site.auth_seq_id 
_atom_site.auth_comp_id 
_atom_site.auth_asym_id 
_atom_site.auth_atom_id 
_atom_site.pdbx_PDB_model_num 
ATOM   1    O  "O5'" . DA  A 1 1  ? 11.550  -2.309  3.143   1.00 35.97 ? 1   DA  A "O5'" 1 
ATOM   2    C  "C5'" . DA  A 1 1  ? 10.385  -1.691  2.595   1.00 28.60 ? 1   DA  A "C5'" 1 
ATOM   3    C  "C4'" . DA  A 1 1  ? 9.188   -2.402  3.141   1.00 23.84 ? 1   DA  A "C4'" 1 
ATOM   4    O  "O4'" . DA  A 1 1  ? 8.019   -1.746  2.575   1.00 19.83 ? 1   DA  A "O4'" 1 
ATOM   5    C  "C3'" . DA  A 1 1  ? 9.076   -3.870  2.764   1.00 22.79 ? 1   DA  A "C3'" 1 
ATOM   6    O  "O3'" . DA  A 1 1  ? 8.247   -4.496  3.756   1.00 30.28 ? 1   DA  A "O3'" 1 
ATOM   7    C  "C2'" . DA  A 1 1  ? 8.237   -3.816  1.515   1.00 17.51 ? 1   DA  A "C2'" 1 
ATOM   8    C  "C1'" . DA  A 1 1  ? 7.250   -2.714  1.854   1.00 14.79 ? 1   DA  A "C1'" 1 
ATOM   9    N  N9    . DA  A 1 1  ? 6.836   -1.941  0.699   1.00 14.94 ? 1   DA  A N9    1 
ATOM   10   C  C8    . DA  A 1 1  ? 7.589   -1.620  -0.406  1.00 18.36 ? 1   DA  A C8    1 
ATOM   11   N  N7    . DA  A 1 1  ? 6.945   -0.859  -1.290  1.00 16.83 ? 1   DA  A N7    1 
ATOM   12   C  C5    . DA  A 1 1  ? 5.679   -0.668  -0.711  1.00 15.13 ? 1   DA  A C5    1 
ATOM   13   C  C6    . DA  A 1 1  ? 4.548   0.055   -1.148  1.00 11.09 ? 1   DA  A C6    1 
ATOM   14   N  N6    . DA  A 1 1  ? 4.519   0.728   -2.309  1.00 12.70 ? 1   DA  A N6    1 
ATOM   15   N  N1    . DA  A 1 1  ? 3.467   0.046   -0.320  1.00 14.66 ? 1   DA  A N1    1 
ATOM   16   C  C2    . DA  A 1 1  ? 3.556   -0.669  0.850   1.00 14.67 ? 1   DA  A C2    1 
ATOM   17   N  N3    . DA  A 1 1  ? 4.583   -1.401  1.359   1.00 13.94 ? 1   DA  A N3    1 
ATOM   18   C  C4    . DA  A 1 1  ? 5.611   -1.342  0.511   1.00 15.58 ? 1   DA  A C4    1 
ATOM   19   P  P     . DG  A 1 2  ? 8.778   -4.877  5.260   1.00 34.03 ? 2   DG  A P     1 
ATOM   20   O  OP1   . DG  A 1 2  ? 8.610   -3.751  6.227   1.00 34.14 ? 2   DG  A OP1   1 
ATOM   21   O  OP2   . DG  A 1 2  ? 10.011  -5.687  5.085   1.00 31.46 ? 2   DG  A OP2   1 
ATOM   22   O  "O5'" . DG  A 1 2  ? 7.690   -6.008  5.609   1.00 26.57 ? 2   DG  A "O5'" 1 
ATOM   23   C  "C5'" . DG  A 1 2  ? 7.746   -7.201  4.781   1.00 23.00 ? 2   DG  A "C5'" 1 
ATOM   24   C  "C4'" . DG  A 1 2  ? 6.334   -7.710  4.847   1.00 21.17 ? 2   DG  A "C4'" 1 
ATOM   25   O  "O4'" . DG  A 1 2  ? 5.372   -6.641  4.478   1.00 17.20 ? 2   DG  A "O4'" 1 
ATOM   26   C  "C3'" . DG  A 1 2  ? 6.095   -8.968  4.029   1.00 25.19 ? 2   DG  A "C3'" 1 
ATOM   27   O  "O3'" . DG  A 1 2  ? 5.192   -9.768  4.734   1.00 26.58 ? 2   DG  A "O3'" 1 
ATOM   28   C  "C2'" . DG  A 1 2  ? 5.239   -8.395  2.910   1.00 23.55 ? 2   DG  A "C2'" 1 
ATOM   29   C  "C1'" . DG  A 1 2  ? 4.452   -7.268  3.610   1.00 19.04 ? 2   DG  A "C1'" 1 
ATOM   30   N  N9    . DG  A 1 2  ? 4.026   -6.318  2.595   1.00 16.51 ? 2   DG  A N9    1 
ATOM   31   C  C8    . DG  A 1 2  ? 4.752   -5.720  1.565   1.00 15.70 ? 2   DG  A C8    1 
ATOM   32   N  N7    . DG  A 1 2  ? 4.024   -4.916  0.845   1.00 12.34 ? 2   DG  A N7    1 
ATOM   33   C  C5    . DG  A 1 2  ? 2.765   -4.927  1.442   1.00 10.98 ? 2   DG  A C5    1 
ATOM   34   C  C6    . DG  A 1 2  ? 1.531   -4.293  1.036   1.00 8.67  ? 2   DG  A C6    1 
ATOM   35   O  O6    . DG  A 1 2  ? 1.304   -3.517  0.073   1.00 10.52 ? 2   DG  A O6    1 
ATOM   36   N  N1    . DG  A 1 2  ? 0.478   -4.653  1.881   1.00 10.86 ? 2   DG  A N1    1 
ATOM   37   C  C2    . DG  A 1 2  ? 0.586   -5.492  2.983   1.00 13.86 ? 2   DG  A C2    1 
ATOM   38   N  N2    . DG  A 1 2  ? -0.535  -5.720  3.687   1.00 11.82 ? 2   DG  A N2    1 
ATOM   39   N  N3    . DG  A 1 2  ? 1.679   -6.136  3.307   1.00 13.22 ? 2   DG  A N3    1 
ATOM   40   C  C4    . DG  A 1 2  ? 2.737   -5.801  2.507   1.00 15.70 ? 2   DG  A C4    1 
ATOM   41   P  P     . DG  A 1 3  ? 5.326   -11.277 5.125   1.00 30.13 ? 3   DG  A P     1 
ATOM   42   O  OP1   . DG  A 1 3  ? 6.076   -11.280 6.424   1.00 33.31 ? 3   DG  A OP1   1 
ATOM   43   O  OP2   . DG  A 1 3  ? 5.794   -11.952 3.879   1.00 28.40 ? 3   DG  A OP2   1 
ATOM   44   O  "O5'" . DG  A 1 3  ? 3.836   -11.720 5.501   1.00 29.74 ? 3   DG  A "O5'" 1 
ATOM   45   C  "C5'" . DG  A 1 3  ? 2.979   -11.812 4.462   1.00 26.59 ? 3   DG  A "C5'" 1 
ATOM   46   C  "C4'" . DG  A 1 3  ? 1.609   -11.551 4.993   1.00 20.85 ? 3   DG  A "C4'" 1 
ATOM   47   O  "O4'" . DG  A 1 3  ? 1.260   -10.210 4.531   1.00 17.67 ? 3   DG  A "O4'" 1 
ATOM   48   C  "C3'" . DG  A 1 3  ? 0.963   -12.576 4.115   1.00 20.01 ? 3   DG  A "C3'" 1 
ATOM   49   O  "O3'" . DG  A 1 3  ? -0.056  -13.242 4.719   1.00 19.93 ? 3   DG  A "O3'" 1 
ATOM   50   C  "C2'" . DG  A 1 3  ? 0.502   -11.730 2.942   1.00 23.04 ? 3   DG  A "C2'" 1 
ATOM   51   C  "C1'" . DG  A 1 3  ? 0.247   -10.348 3.589   1.00 20.29 ? 3   DG  A "C1'" 1 
ATOM   52   N  N9    . DG  A 1 3  ? 0.501   -9.464  2.448   1.00 13.05 ? 3   DG  A N9    1 
ATOM   53   C  C8    . DG  A 1 3  ? 1.716   -9.194  1.798   1.00 11.39 ? 3   DG  A C8    1 
ATOM   54   N  N7    . DG  A 1 3  ? 1.518   -8.349  0.790   1.00 11.65 ? 3   DG  A N7    1 
ATOM   55   C  C5    . DG  A 1 3  ? 0.173   -8.037  0.809   1.00 10.31 ? 3   DG  A C5    1 
ATOM   56   C  C6    . DG  A 1 3  ? -0.609  -7.228  -0.043  1.00 9.26  ? 3   DG  A C6    1 
ATOM   57   O  O6    . DG  A 1 3  ? -0.203  -6.547  -1.039  1.00 9.25  ? 3   DG  A O6    1 
ATOM   58   N  N1    . DG  A 1 3  ? -1.974  -7.237  0.249   1.00 9.24  ? 3   DG  A N1    1 
ATOM   59   C  C2    . DG  A 1 3  ? -2.548  -7.944  1.282   1.00 10.32 ? 3   DG  A C2    1 
ATOM   60   N  N2    . DG  A 1 3  ? -3.879  -7.828  1.474   1.00 9.30  ? 3   DG  A N2    1 
ATOM   61   N  N3    . DG  A 1 3  ? -1.819  -8.677  2.128   1.00 11.66 ? 3   DG  A N3    1 
ATOM   62   C  C4    . DG  A 1 3  ? -0.483  -8.738  1.798   1.00 14.25 ? 3   DG  A C4    1 
ATOM   63   P  P     . DG  A 1 4  ? -0.702  -14.507 3.957   1.00 22.38 ? 4   DG  A P     1 
ATOM   64   O  OP1   . DG  A 1 4  ? -0.985  -15.475 5.022   1.00 22.58 ? 4   DG  A OP1   1 
ATOM   65   O  OP2   . DG  A 1 4  ? -0.049  -14.861 2.680   1.00 22.99 ? 4   DG  A OP2   1 
ATOM   66   O  "O5'" . DG  A 1 4  ? -2.097  -13.859 3.483   1.00 19.25 ? 4   DG  A "O5'" 1 
ATOM   67   C  "C5'" . DG  A 1 4  ? -3.077  -13.592 4.478   1.00 16.29 ? 4   DG  A "C5'" 1 
ATOM   68   C  "C4'" . DG  A 1 4  ? -4.417  -13.277 3.745   1.00 15.93 ? 4   DG  A "C4'" 1 
ATOM   69   O  "O4'" . DG  A 1 4  ? -4.340  -12.136 2.822   1.00 15.47 ? 4   DG  A "O4'" 1 
ATOM   70   C  "C3'" . DG  A 1 4  ? -4.935  -14.391 2.891   1.00 13.94 ? 4   DG  A "C3'" 1 
ATOM   71   O  "O3'" . DG  A 1 4  ? -6.385  -14.310 2.846   1.00 14.02 ? 4   DG  A "O3'" 1 
ATOM   72   C  "C2'" . DG  A 1 4  ? -4.509  -14.048 1.472   1.00 13.88 ? 4   DG  A "C2'" 1 
ATOM   73   C  "C1'" . DG  A 1 4  ? -4.621  -12.518 1.484   1.00 11.97 ? 4   DG  A "C1'" 1 
ATOM   74   N  N9    . DG  A 1 4  ? -3.660  -11.820 0.603   1.00 11.45 ? 4   DG  A N9    1 
ATOM   75   C  C8    . DG  A 1 4  ? -2.279  -11.856 0.618   1.00 14.68 ? 4   DG  A C8    1 
ATOM   76   N  N7    . DG  A 1 4  ? -1.710  -11.065 -0.243  1.00 12.82 ? 4   DG  A N7    1 
ATOM   77   C  C5    . DG  A 1 4  ? -2.764  -10.507 -0.943  1.00 10.11 ? 4   DG  A C5    1 
ATOM   78   C  C6    . DG  A 1 4  ? -2.813  -9.584  -2.007  1.00 9.47  ? 4   DG  A C6    1 
ATOM   79   O  O6    . DG  A 1 4  ? -1.863  -9.105  -2.602  1.00 10.17 ? 4   DG  A O6    1 
ATOM   80   N  N1    . DG  A 1 4  ? -4.102  -9.162  -2.420  1.00 10.82 ? 4   DG  A N1    1 
ATOM   81   C  C2    . DG  A 1 4  ? -5.281  -9.687  -1.838  1.00 8.59  ? 4   DG  A C2    1 
ATOM   82   N  N2    . DG  A 1 4  ? -6.454  -9.243  -2.342  1.00 10.50 ? 4   DG  A N2    1 
ATOM   83   N  N3    . DG  A 1 4  ? -5.246  -10.530 -0.822  1.00 10.14 ? 4   DG  A N3    1 
ATOM   84   C  C4    . DG  A 1 4  ? -3.983  -10.922 -0.404  1.00 12.84 ? 4   DG  A C4    1 
ATOM   85   P  P     . DA  A 1 5  ? -7.333  -14.687 4.047   1.00 14.64 ? 5   DA  A P     1 
ATOM   86   O  OP1   . DA  A 1 5  ? -6.625  -15.710 4.834   1.00 16.13 ? 5   DA  A OP1   1 
ATOM   87   O  OP2   . DA  A 1 5  ? -8.635  -14.931 3.439   1.00 17.74 ? 5   DA  A OP2   1 
ATOM   88   O  "O5'" . DA  A 1 5  ? -7.391  -13.365 4.943   1.00 15.28 ? 5   DA  A "O5'" 1 
ATOM   89   C  "C5'" . DA  A 1 5  ? -7.861  -12.078 4.457   1.00 14.94 ? 5   DA  A "C5'" 1 
ATOM   90   C  "C4'" . DA  A 1 5  ? -8.372  -11.351 5.701   1.00 19.79 ? 5   DA  A "C4'" 1 
ATOM   91   O  "O4'" . DA  A 1 5  ? -9.621  -11.996 6.113   1.00 23.32 ? 5   DA  A "O4'" 1 
ATOM   92   C  "C3'" . DA  A 1 5  ? -7.534  -11.378 6.952   1.00 24.11 ? 5   DA  A "C3'" 1 
ATOM   93   O  "O3'" . DA  A 1 5  ? -7.842  -10.102 7.597   1.00 31.03 ? 5   DA  A "O3'" 1 
ATOM   94   C  "C2'" . DA  A 1 5  ? -8.098  -12.486 7.863   1.00 17.92 ? 5   DA  A "C2'" 1 
ATOM   95   C  "C1'" . DA  A 1 5  ? -9.570  -12.476 7.466   1.00 18.09 ? 5   DA  A "C1'" 1 
ATOM   96   N  N9    . DA  A 1 5  ? -10.173 -13.821 7.532   1.00 16.05 ? 5   DA  A N9    1 
ATOM   97   C  C8    . DA  A 1 5  ? -10.256 -14.802 6.549   1.00 17.84 ? 5   DA  A C8    1 
ATOM   98   N  N7    . DA  A 1 5  ? -10.862 -15.889 6.956   1.00 20.09 ? 5   DA  A N7    1 
ATOM   99   C  C5    . DA  A 1 5  ? -11.165 -15.609 8.292   1.00 18.28 ? 5   DA  A C5    1 
ATOM   100  C  C6    . DA  A 1 5  ? -11.870 -16.348 9.288   1.00 17.08 ? 5   DA  A C6    1 
ATOM   101  N  N6    . DA  A 1 5  ? -12.322 -17.616 9.088   1.00 21.32 ? 5   DA  A N6    1 
ATOM   102  N  N1    . DA  A 1 5  ? -12.029 -15.741 10.478  1.00 17.55 ? 5   DA  A N1    1 
ATOM   103  C  C2    . DA  A 1 5  ? -11.571 -14.487 10.669  1.00 17.35 ? 5   DA  A C2    1 
ATOM   104  N  N3    . DA  A 1 5  ? -10.909 -13.705 9.821   1.00 15.76 ? 5   DA  A N3    1 
ATOM   105  C  C4    . DA  A 1 5  ? -10.764 -14.353 8.645   1.00 17.93 ? 5   DA  A C4    1 
ATOM   106  P  P     . DG  A 1 6  ? -6.678  -9.032  7.861   1.00 28.48 ? 6   DG  A P     1 
ATOM   107  O  OP1   . DG  A 1 6  ? -5.409  -9.579  8.331   1.00 28.54 ? 6   DG  A OP1   1 
ATOM   108  O  OP2   . DG  A 1 6  ? -7.495  -8.254  8.857   1.00 29.79 ? 6   DG  A OP2   1 
ATOM   109  O  "O5'" . DG  A 1 6  ? -6.478  -8.196  6.476   1.00 22.69 ? 6   DG  A "O5'" 1 
ATOM   110  C  "C5'" . DG  A 1 6  ? -7.057  -6.934  6.712   1.00 21.23 ? 6   DG  A "C5'" 1 
ATOM   111  C  "C4'" . DG  A 1 6  ? -7.573  -6.033  5.622   1.00 17.53 ? 6   DG  A "C4'" 1 
ATOM   112  O  "O4'" . DG  A 1 6  ? -6.479  -5.128  5.379   1.00 16.24 ? 6   DG  A "O4'" 1 
ATOM   113  C  "C3'" . DG  A 1 6  ? -7.708  -6.725  4.292   1.00 16.03 ? 6   DG  A "C3'" 1 
ATOM   114  O  "O3'" . DG  A 1 6  ? -9.016  -7.277  4.280   1.00 19.11 ? 6   DG  A "O3'" 1 
ATOM   115  C  "C2'" . DG  A 1 6  ? -7.648  -5.548  3.349   1.00 14.62 ? 6   DG  A "C2'" 1 
ATOM   116  C  "C1'" . DG  A 1 6  ? -6.688  -4.673  4.038   1.00 13.00 ? 6   DG  A "C1'" 1 
ATOM   117  N  N9    . DG  A 1 6  ? -5.374  -4.629  3.408   1.00 10.49 ? 6   DG  A N9    1 
ATOM   118  C  C8    . DG  A 1 6  ? -4.222  -5.160  3.877   1.00 9.04  ? 6   DG  A C8    1 
ATOM   119  N  N7    . DG  A 1 6  ? -3.181  -4.859  3.157   1.00 9.65  ? 6   DG  A N7    1 
ATOM   120  C  C5    . DG  A 1 6  ? -3.709  -4.146  2.109   1.00 10.11 ? 6   DG  A C5    1 
ATOM   121  C  C6    . DG  A 1 6  ? -3.077  -3.554  0.997   1.00 7.87  ? 6   DG  A C6    1 
ATOM   122  O  O6    . DG  A 1 6  ? -1.852  -3.567  0.715   1.00 7.86  ? 6   DG  A O6    1 
ATOM   123  N  N1    . DG  A 1 6  ? -4.008  -2.890  0.198   1.00 8.41  ? 6   DG  A N1    1 
ATOM   124  C  C2    . DG  A 1 6  ? -5.352  -2.783  0.437   1.00 8.80  ? 6   DG  A C2    1 
ATOM   125  N  N2    . DG  A 1 6  ? -6.074  -2.087  -0.473  1.00 9.88  ? 6   DG  A N2    1 
ATOM   126  N  N3    . DG  A 1 6  ? -5.941  -3.346  1.478   1.00 8.75  ? 6   DG  A N3    1 
ATOM   127  C  C4    . DG  A 1 6  ? -5.078  -3.998  2.253   1.00 9.96  ? 6   DG  A C4    1 
ATOM   128  P  P     . DG  A 1 7  ? -9.299  -8.394  3.112   1.00 22.04 ? 7   DG  A P     1 
ATOM   129  O  OP1   . DG  A 1 7  ? -10.589 -8.984  3.455   1.00 19.12 ? 7   DG  A OP1   1 
ATOM   130  O  OP2   . DG  A 1 7  ? -8.085  -9.204  2.618   1.00 20.91 ? 7   DG  A OP2   1 
ATOM   131  O  "O5'" . DG  A 1 7  ? -9.723  -7.450  1.849   1.00 21.12 ? 7   DG  A "O5'" 1 
ATOM   132  C  "C5'" . DG  A 1 7  ? -10.791 -6.520  1.848   1.00 17.69 ? 7   DG  A "C5'" 1 
ATOM   133  C  "C4'" . DG  A 1 7  ? -10.890 -5.822  0.471   1.00 14.95 ? 7   DG  A "C4'" 1 
ATOM   134  O  "O4'" . DG  A 1 7  ? -9.597  -5.197  0.142   1.00 16.16 ? 7   DG  A "O4'" 1 
ATOM   135  C  "C3'" . DG  A 1 7  ? -11.197 -6.857  -0.597  1.00 12.78 ? 7   DG  A "C3'" 1 
ATOM   136  O  "O3'" . DG  A 1 7  ? -12.051 -6.231  -1.519  1.00 18.43 ? 7   DG  A "O3'" 1 
ATOM   137  C  "C2'" . DG  A 1 7  ? -9.818  -7.146  -1.232  1.00 16.43 ? 7   DG  A "C2'" 1 
ATOM   138  C  "C1'" . DG  A 1 7  ? -9.103  -5.805  -1.077  1.00 14.78 ? 7   DG  A "C1'" 1 
ATOM   139  N  N9    . DG  A 1 7  ? -7.627  -5.904  -1.041  1.00 11.53 ? 7   DG  A N9    1 
ATOM   140  C  C8    . DG  A 1 7  ? -6.952  -6.710  -0.168  1.00 12.62 ? 7   DG  A C8    1 
ATOM   141  N  N7    . DG  A 1 7  ? -5.640  -6.613  -0.327  1.00 9.96  ? 7   DG  A N7    1 
ATOM   142  C  C5    . DG  A 1 7  ? -5.482  -5.710  -1.330  1.00 11.14 ? 7   DG  A C5    1 
ATOM   143  C  C6    . DG  A 1 7  ? -4.317  -5.260  -1.968  1.00 8.31  ? 7   DG  A C6    1 
ATOM   144  O  O6    . DG  A 1 7  ? -3.114  -5.515  -1.713  1.00 9.78  ? 7   DG  A O6    1 
ATOM   145  N  N1    . DG  A 1 7  ? -4.621  -4.368  -2.996  1.00 7.31  ? 7   DG  A N1    1 
ATOM   146  C  C2    . DG  A 1 7  ? -5.827  -3.866  -3.382  1.00 7.45  ? 7   DG  A C2    1 
ATOM   147  N  N2    . DG  A 1 7  ? -5.923  -2.976  -4.401  1.00 8.72  ? 7   DG  A N2    1 
ATOM   148  N  N3    . DG  A 1 7  ? -6.941  -4.331  -2.788  1.00 8.32  ? 7   DG  A N3    1 
ATOM   149  C  C4    . DG  A 1 7  ? -6.689  -5.234  -1.794  1.00 11.50 ? 7   DG  A C4    1 
ATOM   150  P  P     . DG  A 1 8  ? -12.553 -6.919  -2.853  1.00 20.44 ? 8   DG  A P     1 
ATOM   151  O  OP1   . DG  A 1 8  ? -13.938 -6.470  -3.198  1.00 22.83 ? 8   DG  A OP1   1 
ATOM   152  O  OP2   . DG  A 1 8  ? -12.198 -8.334  -2.928  1.00 19.13 ? 8   DG  A OP2   1 
ATOM   153  O  "O5'" . DG  A 1 8  ? -11.682 -6.136  -3.938  1.00 17.47 ? 8   DG  A "O5'" 1 
ATOM   154  C  "C5'" . DG  A 1 8  ? -11.884 -4.788  -4.239  1.00 15.83 ? 8   DG  A "C5'" 1 
ATOM   155  C  "C4'" . DG  A 1 8  ? -11.180 -4.476  -5.573  1.00 15.95 ? 8   DG  A "C4'" 1 
ATOM   156  O  "O4'" . DG  A 1 8  ? -9.685  -4.449  -5.497  1.00 15.03 ? 8   DG  A "O4'" 1 
ATOM   157  C  "C3'" . DG  A 1 8  ? -11.530 -5.367  -6.738  1.00 12.90 ? 8   DG  A "C3'" 1 
ATOM   158  O  "O3'" . DG  A 1 8  ? -11.632 -4.481  -7.839  1.00 19.88 ? 8   DG  A "O3'" 1 
ATOM   159  C  "C2'" . DG  A 1 8  ? -10.305 -6.281  -6.874  1.00 11.61 ? 8   DG  A "C2'" 1 
ATOM   160  C  "C1'" . DG  A 1 8  ? -9.174  -5.345  -6.491  1.00 14.04 ? 8   DG  A "C1'" 1 
ATOM   161  N  N9    . DG  A 1 8  ? -8.067  -6.036  -5.812  1.00 10.26 ? 8   DG  A N9    1 
ATOM   162  C  C8    . DG  A 1 8  ? -8.133  -6.876  -4.763  1.00 9.44  ? 8   DG  A C8    1 
ATOM   163  N  N7    . DG  A 1 8  ? -6.948  -7.291  -4.404  1.00 10.93 ? 8   DG  A N7    1 
ATOM   164  C  C5    . DG  A 1 8  ? -6.073  -6.674  -5.277  1.00 8.93  ? 8   DG  A C5    1 
ATOM   165  C  C6    . DG  A 1 8  ? -4.650  -6.752  -5.356  1.00 8.88  ? 8   DG  A C6    1 
ATOM   166  O  O6    . DG  A 1 8  ? -3.892  -7.432  -4.638  1.00 11.38 ? 8   DG  A O6    1 
ATOM   167  N  N1    . DG  A 1 8  ? -4.165  -5.982  -6.395  1.00 9.38  ? 8   DG  A N1    1 
ATOM   168  C  C2    . DG  A 1 8  ? -4.922  -5.192  -7.236  1.00 10.65 ? 8   DG  A C2    1 
ATOM   169  N  N2    . DG  A 1 8  ? -4.327  -4.515  -8.206  1.00 11.79 ? 8   DG  A N2    1 
ATOM   170  N  N3    . DG  A 1 8  ? -6.260  -5.087  -7.151  1.00 10.61 ? 8   DG  A N3    1 
ATOM   171  C  C4    . DG  A 1 8  ? -6.748  -5.867  -6.143  1.00 11.77 ? 8   DG  A C4    1 
ATOM   172  P  P     . DC  A 1 9  ? -12.834 -3.369  -8.056  1.00 18.32 ? 9   DC  A P     1 
ATOM   173  O  OP1   . DC  A 1 9  ? -13.987 -3.731  -7.191  1.00 15.58 ? 9   DC  A OP1   1 
ATOM   174  O  OP2   . DC  A 1 9  ? -13.032 -3.246  -9.526  1.00 17.91 ? 9   DC  A OP2   1 
ATOM   175  O  "O5'" . DC  A 1 9  ? -12.280 -2.007  -7.540  1.00 15.19 ? 9   DC  A "O5'" 1 
ATOM   176  C  "C5'" . DC  A 1 9  ? -11.081 -1.417  -8.060  1.00 14.60 ? 9   DC  A "C5'" 1 
ATOM   177  C  "C4'" . DC  A 1 9  ? -11.167 0.076   -7.837  1.00 17.39 ? 9   DC  A "C4'" 1 
ATOM   178  O  "O4'" . DC  A 1 9  ? -12.233 0.578   -8.669  1.00 18.28 ? 9   DC  A "O4'" 1 
ATOM   179  C  "C3'" . DC  A 1 9  ? -11.546 0.565   -6.440  1.00 18.41 ? 9   DC  A "C3'" 1 
ATOM   180  O  "O3'" . DC  A 1 9  ? -10.395 1.061   -5.891  1.00 13.53 ? 9   DC  A "O3'" 1 
ATOM   181  C  "C2'" . DC  A 1 9  ? -12.468 1.736   -6.633  1.00 18.09 ? 9   DC  A "C2'" 1 
ATOM   182  C  "C1'" . DC  A 1 9  ? -12.818 1.714   -8.086  1.00 19.62 ? 9   DC  A "C1'" 1 
ATOM   183  N  N1    . DC  A 1 9  ? -14.303 1.589   -8.291  1.00 19.36 ? 9   DC  A N1    1 
ATOM   184  C  C2    . DC  A 1 9  ? -15.109 2.752   -8.307  1.00 21.61 ? 9   DC  A C2    1 
ATOM   185  O  O2    . DC  A 1 9  ? -14.538 3.835   -8.212  1.00 22.64 ? 9   DC  A O2    1 
ATOM   186  N  N3    . DC  A 1 9  ? -16.448 2.619   -8.536  1.00 21.77 ? 9   DC  A N3    1 
ATOM   187  C  C4    . DC  A 1 9  ? -16.936 1.398   -8.641  1.00 23.09 ? 9   DC  A C4    1 
ATOM   188  N  N4    . DC  A 1 9  ? -18.245 1.263   -8.835  1.00 26.76 ? 9   DC  A N4    1 
ATOM   189  C  C5    . DC  A 1 9  ? -16.152 0.220   -8.602  1.00 22.79 ? 9   DC  A C5    1 
ATOM   190  C  C6    . DC  A 1 9  ? -14.846 0.344   -8.399  1.00 21.83 ? 9   DC  A C6    1 
ATOM   191  P  P     . DG  A 1 10 ? -10.164 1.071   -4.283  1.00 14.85 ? 10  DG  A P     1 
ATOM   192  O  OP1   . DG  A 1 10 ? -9.901  -0.356  -3.865  1.00 15.89 ? 10  DG  A OP1   1 
ATOM   193  O  OP2   . DG  A 1 10 ? -11.271 1.831   -3.677  1.00 16.14 ? 10  DG  A OP2   1 
ATOM   194  O  "O5'" . DG  A 1 10 ? -8.805  1.925   -4.230  1.00 13.90 ? 10  DG  A "O5'" 1 
ATOM   195  C  "C5'" . DG  A 1 10 ? -8.682  3.292   -4.558  1.00 15.62 ? 10  DG  A "C5'" 1 
ATOM   196  C  "C4'" . DG  A 1 10 ? -7.409  3.382   -5.372  1.00 12.95 ? 10  DG  A "C4'" 1 
ATOM   197  O  "O4'" . DG  A 1 10 ? -6.257  2.965   -4.589  1.00 12.59 ? 10  DG  A "O4'" 1 
ATOM   198  C  "C3'" . DG  A 1 10 ? -7.349  2.576   -6.657  1.00 10.56 ? 10  DG  A "C3'" 1 
ATOM   199  O  "O3'" . DG  A 1 10 ? -6.549  3.230   -7.687  1.00 16.38 ? 10  DG  A "O3'" 1 
ATOM   200  C  "C2'" . DG  A 1 10 ? -6.646  1.272   -6.259  1.00 12.37 ? 10  DG  A "C2'" 1 
ATOM   201  C  "C1'" . DG  A 1 10 ? -5.615  1.887   -5.326  1.00 10.24 ? 10  DG  A "C1'" 1 
ATOM   202  N  N9    . DG  A 1 10 ? -5.152  0.958   -4.314  1.00 9.13  ? 10  DG  A N9    1 
ATOM   203  C  C8    . DG  A 1 10 ? -5.870  0.372   -3.263  1.00 9.26  ? 10  DG  A C8    1 
ATOM   204  N  N7    . DG  A 1 10 ? -5.112  -0.379  -2.499  1.00 12.85 ? 10  DG  A N7    1 
ATOM   205  C  C5    . DG  A 1 10 ? -3.819  -0.287  -3.064  1.00 9.82  ? 10  DG  A C5    1 
ATOM   206  C  C6    . DG  A 1 10 ? -2.595  -0.893  -2.687  1.00 9.11  ? 10  DG  A C6    1 
ATOM   207  O  O6    . DG  A 1 10 ? -2.357  -1.675  -1.756  1.00 8.32  ? 10  DG  A O6    1 
ATOM   208  N  N1    . DG  A 1 10 ? -1.512  -0.533  -3.537  1.00 8.18  ? 10  DG  A N1    1 
ATOM   209  C  C2    . DG  A 1 10 ? -1.669  0.283   -4.668  1.00 11.67 ? 10  DG  A C2    1 
ATOM   210  N  N2    . DG  A 1 10 ? -0.572  0.518   -5.395  1.00 12.98 ? 10  DG  A N2    1 
ATOM   211  N  N3    . DG  A 1 10 ? -2.815  0.867   -5.034  1.00 11.07 ? 10  DG  A N3    1 
ATOM   212  C  C4    . DG  A 1 10 ? -3.849  0.530   -4.192  1.00 11.07 ? 10  DG  A C4    1 
ATOM   213  P  P     A DC  A 1 11 ? -7.094  4.401   -8.609  0.50 17.39 ? 11  DC  A P     1 
ATOM   214  P  P     B DC  A 1 11 ? -6.887  4.712   -8.259  0.50 14.39 ? 11  DC  A P     1 
ATOM   215  O  OP1   A DC  A 1 11 ? -8.558  4.515   -8.438  0.50 18.96 ? 11  DC  A OP1   1 
ATOM   216  O  OP1   B DC  A 1 11 ? -8.334  4.979   -8.161  0.50 12.37 ? 11  DC  A OP1   1 
ATOM   217  O  OP2   A DC  A 1 11 ? -6.371  4.273   -9.904  0.50 15.51 ? 11  DC  A OP2   1 
ATOM   218  O  OP2   B DC  A 1 11 ? -6.066  4.777   -9.509  0.50 14.33 ? 11  DC  A OP2   1 
ATOM   219  O  "O5'" A DC  A 1 11 ? -6.467  5.688   -7.887  0.50 15.29 ? 11  DC  A "O5'" 1 
ATOM   220  O  "O5'" B DC  A 1 11 ? -6.230  5.761   -7.255  0.50 16.04 ? 11  DC  A "O5'" 1 
ATOM   221  C  "C5'" A DC  A 1 11 ? -5.070  5.676   -7.472  0.50 18.23 ? 11  DC  A "C5'" 1 
ATOM   222  C  "C5'" B DC  A 1 11 ? -4.843  5.676   -6.873  0.50 15.65 ? 11  DC  A "C5'" 1 
ATOM   223  C  "C4'" A DC  A 1 11 ? -4.109  6.357   -8.448  0.50 18.74 ? 11  DC  A "C4'" 1 
ATOM   224  C  "C4'" B DC  A 1 11 ? -3.982  6.287   -7.971  0.50 17.31 ? 11  DC  A "C4'" 1 
ATOM   225  O  "O4'" A DC  A 1 11 ? -4.506  7.746   -8.634  0.50 16.84 ? 11  DC  A "O4'" 1 
ATOM   226  O  "O4'" B DC  A 1 11 ? -4.431  7.656   -8.216  0.50 15.32 ? 11  DC  A "O4'" 1 
ATOM   227  C  "C3'" A DC  A 1 11 ? -2.699  6.405   -7.874  0.50 17.84 ? 11  DC  A "C3'" 1 
ATOM   228  C  "C3'" B DC  A 1 11 ? -2.491  6.359   -7.689  0.50 16.26 ? 11  DC  A "C3'" 1 
ATOM   229  O  "O3'" A DC  A 1 11 ? -1.708  6.421   -8.926  0.50 18.96 ? 11  DC  A "O3'" 1 
ATOM   230  O  "O3'" B DC  A 1 11 ? -1.794  6.350   -8.925  0.50 18.16 ? 11  DC  A "O3'" 1 
ATOM   231  C  "C2'" A DC  A 1 11 ? -2.714  7.684   -7.044  0.50 17.55 ? 11  DC  A "C2'" 1 
ATOM   232  C  "C2'" B DC  A 1 11 ? -2.328  7.734   -7.106  0.50 14.58 ? 11  DC  A "C2'" 1 
ATOM   233  C  "C1'" A DC  A 1 11 ? -3.648  8.588   -7.861  0.50 17.74 ? 11  DC  A "C1'" 1 
ATOM   234  C  "C1'" B DC  A 1 11 ? -3.329  8.500   -7.965  0.50 15.26 ? 11  DC  A "C1'" 1 
ATOM   235  N  N1    A DC  A 1 11 ? -4.443  9.665   -7.118  0.50 19.03 ? 11  DC  A N1    1 
ATOM   236  N  N1    B DC  A 1 11 ? -3.774  9.708   -7.261  0.50 12.35 ? 11  DC  A N1    1 
ATOM   237  C  C2    A DC  A 1 11 ? -5.765  9.400   -6.742  0.50 17.55 ? 11  DC  A C2    1 
ATOM   238  C  C2    B DC  A 1 11 ? -2.939  10.809  -7.258  0.50 8.15  ? 11  DC  A C2    1 
ATOM   239  O  O2    A DC  A 1 11 ? -6.203  8.289   -6.992  0.50 25.66 ? 11  DC  A O2    1 
ATOM   240  O  O2    B DC  A 1 11 ? -1.884  10.708  -7.871  0.50 12.36 ? 11  DC  A O2    1 
ATOM   241  N  N3    A DC  A 1 11 ? -6.520  10.337  -6.092  0.50 17.59 ? 11  DC  A N3    1 
ATOM   242  N  N3    B DC  A 1 11 ? -3.317  11.909  -6.634  0.50 11.47 ? 11  DC  A N3    1 
ATOM   243  C  C4    A DC  A 1 11 ? -5.985  11.546  -5.862  0.50 17.36 ? 11  DC  A C4    1 
ATOM   244  C  C4    B DC  A 1 11 ? -4.502  11.934  -5.999  0.50 13.05 ? 11  DC  A C4    1 
ATOM   245  N  N4    A DC  A 1 11 ? -6.760  12.451  -5.248  0.50 18.24 ? 11  DC  A N4    1 
ATOM   246  N  N4    B DC  A 1 11 ? -4.859  13.042  -5.345  0.50 14.76 ? 11  DC  A N4    1 
ATOM   247  C  C5    A DC  A 1 11 ? -4.647  11.848  -6.258  0.50 15.69 ? 11  DC  A C5    1 
ATOM   248  C  C5    B DC  A 1 11 ? -5.353  10.801  -5.953  0.50 13.41 ? 11  DC  A C5    1 
ATOM   249  C  C6    A DC  A 1 11 ? -3.907  10.900  -6.865  0.50 15.19 ? 11  DC  A C6    1 
ATOM   250  C  C6    B DC  A 1 11 ? -4.961  9.702   -6.597  0.50 12.74 ? 11  DC  A C6    1 
HETATM 251  N  N1    . BRU A 1 12 ? 1.088   3.656   -4.551  1.00 13.50 ? 12  BRU A N1    1 
HETATM 252  C  C2    . BRU A 1 12 ? 1.355   2.874   -3.457  1.00 16.35 ? 12  BRU A C2    1 
HETATM 253  N  N3    . BRU A 1 12 ? 0.353   2.539   -2.629  1.00 11.58 ? 12  BRU A N3    1 
HETATM 254  C  C4    . BRU A 1 12 ? -0.926  2.961   -2.845  1.00 13.84 ? 12  BRU A C4    1 
HETATM 255  C  C5    . BRU A 1 12 ? -1.184  3.806   -3.962  1.00 13.55 ? 12  BRU A C5    1 
HETATM 256  C  C6    . BRU A 1 12 ? -0.168  4.138   -4.788  1.00 14.20 ? 12  BRU A C6    1 
HETATM 257  O  O2    . BRU A 1 12 ? 2.490   2.449   -3.220  1.00 16.93 ? 12  BRU A O2    1 
HETATM 258  O  O4    . BRU A 1 12 ? -1.847  2.611   -2.051  1.00 12.61 ? 12  BRU A O4    1 
HETATM 259  BR BR    . BRU A 1 12 ? -2.907  4.469   -4.314  1.00 17.64 ? 12  BRU A BR    1 
HETATM 260  C  "C1'" . BRU A 1 12 ? 2.240   4.026   -5.374  1.00 15.87 ? 12  BRU A "C1'" 1 
HETATM 261  C  "C2'" . BRU A 1 12 ? 2.555   2.926   -6.421  1.00 17.76 ? 12  BRU A "C2'" 1 
HETATM 262  C  "C3'" . BRU A 1 12 ? 2.626   3.725   -7.750  1.00 23.40 ? 12  BRU A "C3'" 1 
HETATM 263  C  "C4'" . BRU A 1 12 ? 2.367   5.215   -7.416  1.00 21.43 ? 12  BRU A "C4'" 1 
HETATM 264  O  "O3'" . BRU A 1 12 ? 3.901   3.490   -8.366  1.00 33.34 ? 12  BRU A "O3'" 1 
HETATM 265  O  "O4'" . BRU A 1 12 ? 1.842   5.241   -6.048  1.00 17.27 ? 12  BRU A "O4'" 1 
HETATM 266  C  "C5'" . BRU A 1 12 ? 1.268   5.817   -8.309  1.00 19.74 ? 12  BRU A "C5'" 1 
HETATM 267  O  "O5'" . BRU A 1 12 ? 0.143   4.902   -8.197  1.00 19.95 ? 12  BRU A "O5'" 1 
HETATM 268  P  P     . BRU A 1 12 ? -0.967  5.060   -9.354  1.00 20.56 ? 12  BRU A P     1 
HETATM 269  O  OP1   . BRU A 1 12 ? -0.453  5.308   -10.703 1.00 19.81 ? 12  BRU A OP1   1 
HETATM 270  O  OP2   . BRU A 1 12 ? -1.927  3.774   -9.224  1.00 20.91 ? 12  BRU A OP2   1 
ATOM   271  P  P     . DG  A 1 13 ? 4.012   2.212   -9.403  1.00 43.24 ? 13  DG  A P     1 
ATOM   272  O  OP1   . DG  A 1 13 ? 4.389   2.774   -10.701 1.00 44.92 ? 13  DG  A OP1   1 
ATOM   273  O  OP2   . DG  A 1 13 ? 2.816   1.303   -9.361  1.00 42.05 ? 13  DG  A OP2   1 
ATOM   274  O  "O5'" . DG  A 1 13 ? 5.173   1.263   -8.859  1.00 39.65 ? 13  DG  A "O5'" 1 
ATOM   275  C  "C5'" . DG  A 1 13 ? 6.176   1.501   -7.965  1.00 28.98 ? 13  DG  A "C5'" 1 
ATOM   276  C  "C4'" . DG  A 1 13 ? 6.592   0.083   -7.575  1.00 25.63 ? 13  DG  A "C4'" 1 
ATOM   277  O  "O4'" . DG  A 1 13 ? 5.852   -0.217  -6.373  1.00 20.43 ? 13  DG  A "O4'" 1 
ATOM   278  C  "C3'" . DG  A 1 13 ? 6.350   -1.144  -8.475  1.00 21.25 ? 13  DG  A "C3'" 1 
ATOM   279  O  "O3'" . DG  A 1 13 ? 7.541   -1.957  -8.337  1.00 21.39 ? 13  DG  A "O3'" 1 
ATOM   280  C  "C2'" . DG  A 1 13 ? 5.115   -1.817  -7.866  1.00 18.69 ? 13  DG  A "C2'" 1 
ATOM   281  C  "C1'" . DG  A 1 13 ? 5.334   -1.515  -6.383  1.00 17.76 ? 13  DG  A "C1'" 1 
ATOM   282  N  N9    . DG  A 1 13 ? 4.045   -1.396  -5.629  1.00 10.87 ? 13  DG  A N9    1 
ATOM   283  C  C8    . DG  A 1 13 ? 2.928   -0.713  -6.012  1.00 13.72 ? 13  DG  A C8    1 
ATOM   284  N  N7    . DG  A 1 13 ? 1.964   -0.777  -5.100  1.00 11.89 ? 13  DG  A N7    1 
ATOM   285  C  C5    . DG  A 1 13 ? 2.506   -1.589  -4.094  1.00 12.16 ? 13  DG  A C5    1 
ATOM   286  C  C6    . DG  A 1 13 ? 1.997   -2.007  -2.847  1.00 10.13 ? 13  DG  A C6    1 
ATOM   287  O  O6    . DG  A 1 13 ? 0.845   -1.743  -2.414  1.00 9.60  ? 13  DG  A O6    1 
ATOM   288  N  N1    . DG  A 1 13 ? 2.881   -2.745  -2.079  1.00 10.90 ? 13  DG  A N1    1 
ATOM   289  C  C2    . DG  A 1 13 ? 4.184   -3.064  -2.487  1.00 13.18 ? 13  DG  A C2    1 
ATOM   290  N  N2    . DG  A 1 13 ? 4.888   -3.813  -1.635  1.00 11.70 ? 13  DG  A N2    1 
ATOM   291  N  N3    . DG  A 1 13 ? 4.704   -2.613  -3.641  1.00 11.24 ? 13  DG  A N3    1 
ATOM   292  C  C4    . DG  A 1 13 ? 3.819   -1.920  -4.392  1.00 11.52 ? 13  DG  A C4    1 
ATOM   293  P  P     . DG  A 1 14 ? 7.753   -3.384  -9.050  1.00 24.50 ? 14  DG  A P     1 
ATOM   294  O  OP1   . DG  A 1 14 ? 9.228   -3.441  -9.415  1.00 23.71 ? 14  DG  A OP1   1 
ATOM   295  O  OP2   . DG  A 1 14 ? 6.678   -3.698  -9.976  1.00 23.80 ? 14  DG  A OP2   1 
ATOM   296  O  "O5'" . DG  A 1 14 ? 7.616   -4.430  -7.850  1.00 20.92 ? 14  DG  A "O5'" 1 
ATOM   297  C  "C5'" . DG  A 1 14 ? 8.668   -4.262  -6.862  1.00 21.85 ? 14  DG  A "C5'" 1 
ATOM   298  C  "C4'" . DG  A 1 14 ? 8.535   -5.335  -5.831  1.00 19.00 ? 14  DG  A "C4'" 1 
ATOM   299  O  "O4'" . DG  A 1 14 ? 7.274   -5.160  -5.129  1.00 17.41 ? 14  DG  A "O4'" 1 
ATOM   300  C  "C3'" . DG  A 1 14 ? 8.432   -6.687  -6.510  1.00 20.94 ? 14  DG  A "C3'" 1 
ATOM   301  O  "O3'" . DG  A 1 14 ? 9.183   -7.549  -5.690  1.00 23.13 ? 14  DG  A "O3'" 1 
ATOM   302  C  "C2'" . DG  A 1 14 ? 6.940   -7.016  -6.528  1.00 17.05 ? 14  DG  A "C2'" 1 
ATOM   303  C  "C1'" . DG  A 1 14 ? 6.532   -6.360  -5.211  1.00 16.05 ? 14  DG  A "C1'" 1 
ATOM   304  N  N9    . DG  A 1 14 ? 5.126   -5.889  -5.168  1.00 12.97 ? 14  DG  A N9    1 
ATOM   305  C  C8    . DG  A 1 14 ? 4.434   -5.107  -6.074  1.00 10.09 ? 14  DG  A C8    1 
ATOM   306  N  N7    . DG  A 1 14 ? 3.203   -4.917  -5.650  1.00 11.11 ? 14  DG  A N7    1 
ATOM   307  C  C5    . DG  A 1 14 ? 3.102   -5.536  -4.406  1.00 9.76  ? 14  DG  A C5    1 
ATOM   308  C  C6    . DG  A 1 14 ? 2.004   -5.618  -3.548  1.00 8.55  ? 14  DG  A C6    1 
ATOM   309  O  O6    . DG  A 1 14 ? 0.855   -5.089  -3.700  1.00 12.31 ? 14  DG  A O6    1 
ATOM   310  N  N1    . DG  A 1 14 ? 2.291   -6.363  -2.411  1.00 9.92  ? 14  DG  A N1    1 
ATOM   311  C  C2    . DG  A 1 14 ? 3.517   -6.965  -2.126  1.00 11.23 ? 14  DG  A C2    1 
ATOM   312  N  N2    . DG  A 1 14 ? 3.654   -7.703  -0.960  1.00 11.53 ? 14  DG  A N2    1 
ATOM   313  N  N3    . DG  A 1 14 ? 4.576   -6.853  -2.947  1.00 10.41 ? 14  DG  A N3    1 
ATOM   314  C  C4    . DG  A 1 14 ? 4.265   -6.160  -4.079  1.00 12.34 ? 14  DG  A C4    1 
ATOM   315  P  P     . DG  A 1 15 ? 9.463   -9.089  -6.006  1.00 25.01 ? 15  DG  A P     1 
ATOM   316  O  OP1   . DG  A 1 15 ? 10.891  -9.345  -5.661  1.00 24.65 ? 15  DG  A OP1   1 
ATOM   317  O  OP2   . DG  A 1 15 ? 8.801   -9.553  -7.261  1.00 23.38 ? 15  DG  A OP2   1 
ATOM   318  O  "O5'" . DG  A 1 15 ? 8.555   -9.888  -4.911  1.00 24.49 ? 15  DG  A "O5'" 1 
ATOM   319  C  "C5'" . DG  A 1 15 ? 8.846   -9.775  -3.496  1.00 22.79 ? 15  DG  A "C5'" 1 
ATOM   320  C  "C4'" . DG  A 1 15 ? 8.008   -10.787 -2.721  1.00 20.40 ? 15  DG  A "C4'" 1 
ATOM   321  O  "O4'" . DG  A 1 15 ? 6.612   -10.320 -2.663  1.00 16.30 ? 15  DG  A "O4'" 1 
ATOM   322  C  "C3'" . DG  A 1 15 ? 7.984   -12.178 -3.342  1.00 15.27 ? 15  DG  A "C3'" 1 
ATOM   323  O  "O3'" . DG  A 1 15 ? 8.023   -13.053 -2.249  1.00 17.96 ? 15  DG  A "O3'" 1 
ATOM   324  C  "C2'" . DG  A 1 15 ? 6.576   -12.285 -3.932  1.00 13.65 ? 15  DG  A "C2'" 1 
ATOM   325  C  "C1'" . DG  A 1 15 ? 5.717   -11.365 -3.033  1.00 14.41 ? 15  DG  A "C1'" 1 
ATOM   326  N  N9    . DG  A 1 15 ? 4.686   -10.575 -3.730  1.00 7.83  ? 15  DG  A N9    1 
ATOM   327  C  C8    . DG  A 1 15 ? 4.773   -9.814  -4.852  1.00 10.30 ? 15  DG  A C8    1 
ATOM   328  N  N7    . DG  A 1 15 ? 3.654   -9.203  -5.128  1.00 11.07 ? 15  DG  A N7    1 
ATOM   329  C  C5    . DG  A 1 15 ? 2.764   -9.532  -4.115  1.00 8.46  ? 15  DG  A C5    1 
ATOM   330  C  C6    . DG  A 1 15 ? 1.404   -9.157  -3.842  1.00 8.95  ? 15  DG  A C6    1 
ATOM   331  O  O6    . DG  A 1 15 ? 0.689   -8.417  -4.541  1.00 11.88 ? 15  DG  A O6    1 
ATOM   332  N  N1    . DG  A 1 15 ? 0.855   -9.741  -2.677  1.00 8.04  ? 15  DG  A N1    1 
ATOM   333  C  C2    . DG  A 1 15 ? 1.595   -10.573 -1.843  1.00 11.29 ? 15  DG  A C2    1 
ATOM   334  N  N2    . DG  A 1 15 ? 1.059   -11.165 -0.797  1.00 10.90 ? 15  DG  A N2    1 
ATOM   335  N  N3    . DG  A 1 15 ? 2.900   -10.893 -2.089  1.00 10.21 ? 15  DG  A N3    1 
ATOM   336  C  C4    . DG  A 1 15 ? 3.388   -10.356 -3.212  1.00 11.16 ? 15  DG  A C4    1 
ATOM   337  P  P     . DA  A 1 16 ? 8.024   -14.663 -2.383  1.00 24.69 ? 16  DA  A P     1 
ATOM   338  O  OP1   . DA  A 1 16 ? 8.575   -15.193 -1.093  1.00 23.19 ? 16  DA  A OP1   1 
ATOM   339  O  OP2   . DA  A 1 16 ? 8.554   -14.937 -3.713  1.00 22.13 ? 16  DA  A OP2   1 
ATOM   340  O  "O5'" . DA  A 1 16 ? 6.544   -15.195 -2.198  1.00 18.87 ? 16  DA  A "O5'" 1 
ATOM   341  C  "C5'" . DA  A 1 16 ? 5.726   -14.831 -1.095  1.00 19.16 ? 16  DA  A "C5'" 1 
ATOM   342  C  "C4'" . DA  A 1 16 ? 4.270   -15.189 -1.386  1.00 16.44 ? 16  DA  A "C4'" 1 
ATOM   343  O  "O4'" . DA  A 1 16 ? 3.786   -14.246 -2.379  1.00 13.94 ? 16  DA  A "O4'" 1 
ATOM   344  C  "C3'" . DA  A 1 16 ? 3.957   -16.604 -1.923  1.00 12.94 ? 16  DA  A "C3'" 1 
ATOM   345  O  "O3'" . DA  A 1 16 ? 2.811   -17.034 -1.275  1.00 15.89 ? 16  DA  A "O3'" 1 
ATOM   346  C  "C2'" . DA  A 1 16 ? 3.613   -16.359 -3.394  1.00 14.63 ? 16  DA  A "C2'" 1 
ATOM   347  C  "C1'" . DA  A 1 16 ? 3.025   -14.955 -3.373  1.00 15.41 ? 16  DA  A "C1'" 1 
ATOM   348  N  N9    . DA  A 1 16 ? 3.240   -14.206 -4.614  1.00 12.51 ? 16  DA  A N9    1 
ATOM   349  C  C8    . DA  A 1 16 ? 4.256   -14.241 -5.509  1.00 11.86 ? 16  DA  A C8    1 
ATOM   350  N  N7    . DA  A 1 16 ? 4.155   -13.380 -6.513  1.00 14.00 ? 16  DA  A N7    1 
ATOM   351  C  C5    . DA  A 1 16 ? 2.948   -12.728 -6.256  1.00 12.09 ? 16  DA  A C5    1 
ATOM   352  C  C6    . DA  A 1 16 ? 2.224   -11.733 -6.970  1.00 11.37 ? 16  DA  A C6    1 
ATOM   353  N  N6    . DA  A 1 16 ? 2.663   -11.163 -8.102  1.00 13.48 ? 16  DA  A N6    1 
ATOM   354  N  N1    . DA  A 1 16 ? 1.070   -11.229 -6.427  1.00 10.50 ? 16  DA  A N1    1 
ATOM   355  C  C2    . DA  A 1 16 ? 0.700   -11.789 -5.267  1.00 7.42  ? 16  DA  A C2    1 
ATOM   356  N  N3    . DA  A 1 16 ? 1.257   -12.784 -4.502  1.00 9.48  ? 16  DA  A N3    1 
ATOM   357  C  C4    . DA  A 1 16 ? 2.409   -13.198 -5.086  1.00 13.15 ? 16  DA  A C4    1 
ATOM   358  P  P     . DG  A 1 17 ? 2.221   -18.493 -1.500  1.00 20.33 ? 17  DG  A P     1 
ATOM   359  O  OP1   . DG  A 1 17 ? 1.529   -18.753 -0.262  1.00 21.13 ? 17  DG  A OP1   1 
ATOM   360  O  OP2   . DG  A 1 17 ? 3.283   -19.385 -2.186  1.00 17.68 ? 17  DG  A OP2   1 
ATOM   361  O  "O5'" . DG  A 1 17 ? 1.040   -18.190 -2.585  1.00 17.78 ? 17  DG  A "O5'" 1 
ATOM   362  C  "C5'" . DG  A 1 17 ? -0.068  -17.377 -2.273  1.00 13.51 ? 17  DG  A "C5'" 1 
ATOM   363  C  "C4'" . DG  A 1 17 ? -0.891  -17.182 -3.548  1.00 12.42 ? 17  DG  A "C4'" 1 
ATOM   364  O  "O4'" . DG  A 1 17 ? -0.040  -16.645 -4.633  1.00 15.73 ? 17  DG  A "O4'" 1 
ATOM   365  C  "C3'" . DG  A 1 17 ? -1.420  -18.508 -4.123  1.00 15.32 ? 17  DG  A "C3'" 1 
ATOM   366  O  "O3'" . DG  A 1 17 ? -2.623  -18.234 -4.896  1.00 18.01 ? 17  DG  A "O3'" 1 
ATOM   367  C  "C2'" . DG  A 1 17 ? -0.331  -18.914 -5.099  1.00 13.25 ? 17  DG  A "C2'" 1 
ATOM   368  C  "C1'" . DG  A 1 17 ? -0.034  -17.553 -5.708  1.00 14.79 ? 17  DG  A "C1'" 1 
ATOM   369  N  N9    . DG  A 1 17 ? 1.311   -17.539 -6.271  1.00 12.79 ? 17  DG  A N9    1 
ATOM   370  C  C8    . DG  A 1 17 ? 2.380   -18.402 -5.970  1.00 13.89 ? 17  DG  A C8    1 
ATOM   371  N  N7    . DG  A 1 17 ? 3.450   -18.141 -6.673  1.00 13.15 ? 17  DG  A N7    1 
ATOM   372  C  C5    . DG  A 1 17 ? 3.097   -16.997 -7.414  1.00 14.17 ? 17  DG  A C5    1 
ATOM   373  C  C6    . DG  A 1 17 ? 3.850   -16.210 -8.354  1.00 15.97 ? 17  DG  A C6    1 
ATOM   374  O  O6    . DG  A 1 17 ? 5.057   -16.333 -8.737  1.00 15.07 ? 17  DG  A O6    1 
ATOM   375  N  N1    . DG  A 1 17 ? 3.078   -15.180 -8.896  1.00 14.87 ? 17  DG  A N1    1 
ATOM   376  C  C2    . DG  A 1 17 ? 1.730   -14.915 -8.587  1.00 12.24 ? 17  DG  A C2    1 
ATOM   377  N  N2    . DG  A 1 17 ? 1.096   -13.891 -9.203  1.00 13.80 ? 17  DG  A N2    1 
ATOM   378  N  N3    . DG  A 1 17 ? 1.032   -15.638 -7.709  1.00 14.24 ? 17  DG  A N3    1 
ATOM   379  C  C4    . DG  A 1 17 ? 1.777   -16.654 -7.175  1.00 14.82 ? 17  DG  A C4    1 
ATOM   380  P  P     . DG  A 1 18 ? -4.130  -18.372 -4.311  1.00 21.39 ? 18  DG  A P     1 
ATOM   381  O  OP1   . DG  A 1 18 ? -4.207  -17.631 -3.073  1.00 20.22 ? 18  DG  A OP1   1 
ATOM   382  O  OP2   . DG  A 1 18 ? -4.532  -19.798 -4.487  1.00 21.86 ? 18  DG  A OP2   1 
ATOM   383  O  "O5'" . DG  A 1 18 ? -4.900  -17.454 -5.391  1.00 19.18 ? 18  DG  A "O5'" 1 
ATOM   384  C  "C5'" . DG  A 1 18 ? -4.763  -16.022 -5.512  1.00 17.26 ? 18  DG  A "C5'" 1 
ATOM   385  C  "C4'" . DG  A 1 18 ? -4.620  -15.655 -6.996  1.00 18.02 ? 18  DG  A "C4'" 1 
ATOM   386  O  "O4'" . DG  A 1 18 ? -3.464  -16.299 -7.639  1.00 16.15 ? 18  DG  A "O4'" 1 
ATOM   387  C  "C3'" . DG  A 1 18 ? -5.828  -16.090 -7.814  1.00 15.13 ? 18  DG  A "C3'" 1 
ATOM   388  O  "O3'" . DG  A 1 18 ? -5.936  -15.220 -8.885  1.00 16.29 ? 18  DG  A "O3'" 1 
ATOM   389  C  "C2'" . DG  A 1 18 ? -5.376  -17.426 -8.413  1.00 13.14 ? 18  DG  A "C2'" 1 
ATOM   390  C  "C1'" . DG  A 1 18 ? -3.886  -17.151 -8.726  1.00 13.89 ? 18  DG  A "C1'" 1 
ATOM   391  N  N9    . DG  A 1 18 ? -3.005  -18.293 -8.528  1.00 13.91 ? 18  DG  A N9    1 
ATOM   392  C  C8    . DG  A 1 18 ? -3.241  -19.397 -7.746  1.00 16.50 ? 18  DG  A C8    1 
ATOM   393  N  N7    . DG  A 1 18 ? -2.236  -20.236 -7.720  1.00 15.66 ? 18  DG  A N7    1 
ATOM   394  C  C5    . DG  A 1 18 ? -1.241  -19.607 -8.501  1.00 11.98 ? 18  DG  A C5    1 
ATOM   395  C  C6    . DG  A 1 18 ? 0.094   -19.951 -8.830  1.00 14.77 ? 18  DG  A C6    1 
ATOM   396  O  O6    . DG  A 1 18 ? 0.768   -20.905 -8.507  1.00 18.09 ? 18  DG  A O6    1 
ATOM   397  N  N1    . DG  A 1 18 ? 0.720   -19.009 -9.635  1.00 14.95 ? 18  DG  A N1    1 
ATOM   398  C  C2    . DG  A 1 18 ? 0.180   -17.850 -10.104 1.00 16.79 ? 18  DG  A C2    1 
ATOM   399  N  N2    . DG  A 1 18 ? 0.988   -17.081 -10.874 1.00 15.44 ? 18  DG  A N2    1 
ATOM   400  N  N3    . DG  A 1 18 ? -1.055  -17.509 -9.786  1.00 12.51 ? 18  DG  A N3    1 
ATOM   401  C  C4    . DG  A 1 18 ? -1.703  -18.383 -8.988  1.00 14.75 ? 18  DG  A C4    1 
ATOM   402  P  P     . DA  A 1 19 ? -7.118  -14.189 -9.105  1.00 18.77 ? 19  DA  A P     1 
ATOM   403  O  OP1   . DA  A 1 19 ? -8.369  -15.022 -8.966  1.00 18.81 ? 19  DA  A OP1   1 
ATOM   404  O  OP2   . DA  A 1 19 ? -6.962  -13.322 -10.278 1.00 18.59 ? 19  DA  A OP2   1 
ATOM   405  O  "O5'" . DA  A 1 19 ? -7.091  -13.309 -7.775  1.00 19.98 ? 19  DA  A "O5'" 1 
ATOM   406  C  "C5'" . DA  A 1 19 ? -8.251  -12.801 -7.097  1.00 17.34 ? 19  DA  A "C5'" 1 
ATOM   407  C  "C4'" . DA  A 1 19 ? -7.914  -11.360 -6.673  1.00 13.82 ? 19  DA  A "C4'" 1 
ATOM   408  O  "O4'" . DA  A 1 19 ? -6.907  -11.379 -5.621  1.00 14.93 ? 19  DA  A "O4'" 1 
ATOM   409  C  "C3'" . DA  A 1 19 ? -7.445  -10.406 -7.765  1.00 14.73 ? 19  DA  A "C3'" 1 
ATOM   410  O  "O3'" . DA  A 1 19 ? -8.439  -9.444  -8.145  1.00 16.57 ? 19  DA  A "O3'" 1 
ATOM   411  C  "C2'" . DA  A 1 19 ? -6.334  -9.627  -7.106  1.00 14.38 ? 19  DA  A "C2'" 1 
ATOM   412  C  "C1'" . DA  A 1 19 ? -5.844  -10.470 -5.926  1.00 14.52 ? 19  DA  A "C1'" 1 
ATOM   413  N  N9    . DA  A 1 19 ? -4.721  -11.345 -6.289  1.00 14.65 ? 19  DA  A N9    1 
ATOM   414  C  C8    . DA  A 1 19 ? -4.188  -11.635 -7.593  1.00 11.51 ? 19  DA  A C8    1 
ATOM   415  N  N7    . DA  A 1 19 ? -3.189  -12.484 -7.604  1.00 14.18 ? 19  DA  A N7    1 
ATOM   416  C  C5    . DA  A 1 19 ? -3.046  -12.750 -6.216  1.00 14.87 ? 19  DA  A C5    1 
ATOM   417  C  C6    . DA  A 1 19 ? -2.157  -13.544 -5.487  1.00 16.51 ? 19  DA  A C6    1 
ATOM   418  N  N6    . DA  A 1 19 ? -1.226  -14.315 -6.116  1.00 12.63 ? 19  DA  A N6    1 
ATOM   419  N  N1    . DA  A 1 19 ? -2.279  -13.584 -4.113  1.00 18.02 ? 19  DA  A N1    1 
ATOM   420  C  C2    . DA  A 1 19 ? -3.220  -12.858 -3.479  1.00 20.99 ? 19  DA  A C2    1 
ATOM   421  N  N3    . DA  A 1 19 ? -4.111  -12.066 -4.065  1.00 18.73 ? 19  DA  A N3    1 
ATOM   422  C  C4    . DA  A 1 19 ? -3.961  -12.068 -5.409  1.00 16.75 ? 19  DA  A C4    1 
ATOM   423  P  P     . DG  A 1 20 ? -9.389  -9.713  -9.413  1.00 18.38 ? 20  DG  A P     1 
ATOM   424  O  OP1   . DG  A 1 20 ? -10.339 -8.551  -9.438  1.00 16.48 ? 20  DG  A OP1   1 
ATOM   425  O  OP2   . DG  A 1 20 ? -9.852  -11.123 -9.426  1.00 20.98 ? 20  DG  A OP2   1 
ATOM   426  O  "O5'" . DG  A 1 20 ? -8.362  -9.673  -10.649 1.00 15.97 ? 20  DG  A "O5'" 1 
ATOM   427  C  "C5'" . DG  A 1 20 ? -8.005  -8.436  -11.310 1.00 15.55 ? 20  DG  A "C5'" 1 
ATOM   428  C  "C4'" . DG  A 1 20 ? -6.982  -7.654  -10.498 1.00 16.42 ? 20  DG  A "C4'" 1 
ATOM   429  O  "O4'" . DG  A 1 20 ? -5.731  -8.370  -10.346 1.00 15.20 ? 20  DG  A "O4'" 1 
ATOM   430  C  "C3'" . DG  A 1 20 ? -6.578  -6.288  -11.087 1.00 12.65 ? 20  DG  A "C3'" 1 
ATOM   431  O  "O3'" . DG  A 1 20 ? -6.996  -5.193  -10.214 1.00 13.43 ? 20  DG  A "O3'" 1 
ATOM   432  C  "C2'" . DG  A 1 20 ? -5.043  -6.272  -11.085 1.00 11.17 ? 20  DG  A "C2'" 1 
ATOM   433  C  "C1'" . DG  A 1 20 ? -4.697  -7.430  -10.122 1.00 10.52 ? 20  DG  A "C1'" 1 
ATOM   434  N  N9    . DG  A 1 20 ? -3.408  -8.103  -10.414 1.00 13.08 ? 20  DG  A N9    1 
ATOM   435  C  C8    . DG  A 1 20 ? -2.782  -8.304  -11.655 1.00 16.45 ? 20  DG  A C8    1 
ATOM   436  N  N7    . DG  A 1 20 ? -1.655  -8.933  -11.508 1.00 11.87 ? 20  DG  A N7    1 
ATOM   437  C  C5    . DG  A 1 20 ? -1.512  -9.171  -10.133 1.00 10.63 ? 20  DG  A C5    1 
ATOM   438  C  C6    . DG  A 1 20 ? -0.482  -9.763  -9.378  1.00 11.27 ? 20  DG  A C6    1 
ATOM   439  O  O6    . DG  A 1 20 ? 0.547   -10.277 -9.819  1.00 15.89 ? 20  DG  A O6    1 
ATOM   440  N  N1    . DG  A 1 20 ? -0.703  -9.794  -8.009  1.00 10.46 ? 20  DG  A N1    1 
ATOM   441  C  C2    . DG  A 1 20 ? -1.853  -9.254  -7.436  1.00 11.15 ? 20  DG  A C2    1 
ATOM   442  N  N2    . DG  A 1 20 ? -1.950  -9.365  -6.089  1.00 9.78  ? 20  DG  A N2    1 
ATOM   443  N  N3    . DG  A 1 20 ? -2.826  -8.640  -8.114  1.00 9.58  ? 20  DG  A N3    1 
ATOM   444  C  C4    . DG  A 1 20 ? -2.614  -8.646  -9.456  1.00 10.96 ? 20  DG  A C4    1 
ATOM   445  P  P     . DG  A 1 21 ? -7.267  -3.749  -10.773 1.00 13.86 ? 21  DG  A P     1 
ATOM   446  O  OP1   . DG  A 1 21 ? -8.288  -3.156  -9.904  1.00 14.30 ? 21  DG  A OP1   1 
ATOM   447  O  OP2   . DG  A 1 21 ? -7.689  -3.817  -12.188 1.00 12.23 ? 21  DG  A OP2   1 
ATOM   448  O  "O5'" . DG  A 1 21 ? -5.867  -3.031  -10.716 1.00 13.63 ? 21  DG  A "O5'" 1 
ATOM   449  C  "C5'" . DG  A 1 21 ? -5.791  -1.726  -11.214 1.00 13.40 ? 21  DG  A "C5'" 1 
ATOM   450  C  "C4'" . DG  A 1 21 ? -4.371  -1.143  -11.089 1.00 14.21 ? 21  DG  A "C4'" 1 
ATOM   451  O  "O4'" . DG  A 1 21 ? -4.244  -0.700  -9.704  1.00 15.31 ? 21  DG  A "O4'" 1 
ATOM   452  C  "C3'" . DG  A 1 21 ? -3.232  -2.100  -11.349 1.00 13.52 ? 21  DG  A "C3'" 1 
ATOM   453  O  "O3'" . DG  A 1 21 ? -2.865  -1.721  -12.742 1.00 15.72 ? 21  DG  A "O3'" 1 
ATOM   454  C  "C2'" . DG  A 1 21 ? -2.137  -1.627  -10.388 1.00 15.05 ? 21  DG  A "C2'" 1 
ATOM   455  C  "C1'" . DG  A 1 21 ? -2.895  -0.840  -9.315  1.00 12.17 ? 21  DG  A "C1'" 1 
ATOM   456  N  N9    . DG  A 1 21 ? -2.923  -1.531  -8.017  1.00 11.51 ? 21  DG  A N9    1 
ATOM   457  C  C8    . DG  A 1 21 ? -4.045  -1.604  -7.197  1.00 10.71 ? 21  DG  A C8    1 
ATOM   458  N  N7    . DG  A 1 21 ? -3.794  -2.276  -6.053  1.00 12.26 ? 21  DG  A N7    1 
ATOM   459  C  C5    . DG  A 1 21 ? -2.474  -2.634  -6.157  1.00 10.74 ? 21  DG  A C5    1 
ATOM   460  C  C6    . DG  A 1 21 ? -1.682  -3.373  -5.258  1.00 11.67 ? 21  DG  A C6    1 
ATOM   461  O  O6    . DG  A 1 21 ? -1.982  -3.863  -4.159  1.00 10.26 ? 21  DG  A O6    1 
ATOM   462  N  N1    . DG  A 1 21 ? -0.335  -3.517  -5.691  1.00 8.77  ? 21  DG  A N1    1 
ATOM   463  C  C2    . DG  A 1 21 ? 0.094   -3.035  -6.922  1.00 13.12 ? 21  DG  A C2    1 
ATOM   464  N  N2    . DG  A 1 21 ? 1.379   -3.308  -7.230  1.00 13.46 ? 21  DG  A N2    1 
ATOM   465  N  N3    . DG  A 1 21 ? -0.631  -2.342  -7.808  1.00 11.32 ? 21  DG  A N3    1 
ATOM   466  C  C4    . DG  A 1 21 ? -1.914  -2.155  -7.342  1.00 12.32 ? 21  DG  A C4    1 
ATOM   467  P  P     . DG  A 1 22 ? -2.663  -2.889  -13.768 1.00 17.18 ? 22  DG  A P     1 
ATOM   468  O  OP1   . DG  A 1 22 ? -2.540  -2.057  -14.967 1.00 19.96 ? 22  DG  A OP1   1 
ATOM   469  O  OP2   . DG  A 1 22 ? -3.698  -3.927  -13.639 1.00 16.33 ? 22  DG  A OP2   1 
ATOM   470  O  "O5'" . DG  A 1 22 ? -1.242  -3.502  -13.390 1.00 16.55 ? 22  DG  A "O5'" 1 
ATOM   471  C  "C5'" . DG  A 1 22 ? -0.028  -2.790  -13.558 1.00 20.42 ? 22  DG  A "C5'" 1 
ATOM   472  C  "C4'" . DG  A 1 22 ? 1.050   -3.843  -13.388 1.00 18.71 ? 22  DG  A "C4'" 1 
ATOM   473  O  "O4'" . DG  A 1 22 ? 1.088   -4.239  -11.988 1.00 18.77 ? 22  DG  A "O4'" 1 
ATOM   474  C  "C3'" . DG  A 1 22 ? 0.792   -5.147  -14.124 1.00 18.81 ? 22  DG  A "C3'" 1 
ATOM   475  O  "O3'" . DG  A 1 22 ? 2.052   -5.747  -14.556 1.00 22.09 ? 22  DG  A "O3'" 1 
ATOM   476  C  "C2'" . DG  A 1 22 ? 0.134   -6.092  -13.114 1.00 14.22 ? 22  DG  A "C2'" 1 
ATOM   477  C  "C1'" . DG  A 1 22 ? 0.839   -5.633  -11.852 1.00 14.26 ? 22  DG  A "C1'" 1 
ATOM   478  N  N9    . DG  A 1 22 ? 0.012   -5.715  -10.650 1.00 13.72 ? 22  DG  A N9    1 
ATOM   479  C  C8    . DG  A 1 22 ? -1.287  -5.209  -10.436 1.00 9.28  ? 22  DG  A C8    1 
ATOM   480  N  N7    . DG  A 1 22 ? -1.689  -5.369  -9.197  1.00 10.28 ? 22  DG  A N7    1 
ATOM   481  C  C5    . DG  A 1 22 ? -0.626  -6.032  -8.564  1.00 9.60  ? 22  DG  A C5    1 
ATOM   482  C  C6    . DG  A 1 22 ? -0.492  -6.457  -7.230  1.00 12.09 ? 22  DG  A C6    1 
ATOM   483  O  O6    . DG  A 1 22 ? -1.328  -6.381  -6.310  1.00 10.85 ? 22  DG  A O6    1 
ATOM   484  N  N1    . DG  A 1 22 ? 0.754   -7.053  -6.976  1.00 10.64 ? 22  DG  A N1    1 
ATOM   485  C  C2    . DG  A 1 22 ? 1.771   -7.227  -7.922  1.00 16.01 ? 22  DG  A C2    1 
ATOM   486  N  N2    . DG  A 1 22 ? 2.918   -7.826  -7.508  1.00 11.84 ? 22  DG  A N2    1 
ATOM   487  N  N3    . DG  A 1 22 ? 1.668   -6.768  -9.195  1.00 13.47 ? 22  DG  A N3    1 
ATOM   488  C  C4    . DG  A 1 22 ? 0.457   -6.199  -9.429  1.00 11.43 ? 22  DG  A C4    1 
ATOM   489  O  "O5'" . DA  B 1 1  ? 13.104  1.446   4.175   1.00 49.26 ? 1   DA  B "O5'" 1 
ATOM   490  C  "C5'" . DA  B 1 1  ? 14.146  0.768   4.843   1.00 46.52 ? 1   DA  B "C5'" 1 
ATOM   491  C  "C4'" . DA  B 1 1  ? 15.126  0.366   3.789   1.00 45.17 ? 1   DA  B "C4'" 1 
ATOM   492  O  "O4'" . DA  B 1 1  ? 16.364  -0.028  4.426   1.00 47.21 ? 1   DA  B "O4'" 1 
ATOM   493  C  "C3'" . DA  B 1 1  ? 14.657  -0.793  2.921   1.00 41.54 ? 1   DA  B "C3'" 1 
ATOM   494  O  "O3'" . DA  B 1 1  ? 14.887  -0.333  1.607   1.00 35.97 ? 1   DA  B "O3'" 1 
ATOM   495  C  "C2'" . DA  B 1 1  ? 15.597  -1.952  3.256   1.00 44.91 ? 1   DA  B "C2'" 1 
ATOM   496  C  "C1'" . DA  B 1 1  ? 16.788  -1.272  3.920   1.00 46.62 ? 1   DA  B "C1'" 1 
ATOM   497  N  N9    . DA  B 1 1  ? 17.262  -1.996  5.090   1.00 48.29 ? 1   DA  B N9    1 
ATOM   498  C  C8    . DA  B 1 1  ? 16.579  -2.956  5.795   1.00 47.89 ? 1   DA  B C8    1 
ATOM   499  N  N7    . DA  B 1 1  ? 17.284  -3.430  6.798   1.00 50.16 ? 1   DA  B N7    1 
ATOM   500  C  C5    . DA  B 1 1  ? 18.490  -2.733  6.749   1.00 48.11 ? 1   DA  B C5    1 
ATOM   501  C  C6    . DA  B 1 1  ? 19.646  -2.788  7.548   1.00 48.64 ? 1   DA  B C6    1 
ATOM   502  N  N6    . DA  B 1 1  ? 19.736  -3.626  8.588   1.00 48.05 ? 1   DA  B N6    1 
ATOM   503  N  N1    . DA  B 1 1  ? 20.677  -1.962  7.226   1.00 48.32 ? 1   DA  B N1    1 
ATOM   504  C  C2    . DA  B 1 1  ? 20.552  -1.135  6.175   1.00 47.89 ? 1   DA  B C2    1 
ATOM   505  N  N3    . DA  B 1 1  ? 19.505  -0.997  5.341   1.00 48.36 ? 1   DA  B N3    1 
ATOM   506  C  C4    . DA  B 1 1  ? 18.500  -1.835  5.694   1.00 48.31 ? 1   DA  B C4    1 
ATOM   507  P  P     . DG  B 1 2  ? 14.083  -0.861  0.336   1.00 30.90 ? 2   DG  B P     1 
ATOM   508  O  OP1   . DG  B 1 2  ? 14.111  -2.334  0.274   1.00 34.68 ? 2   DG  B OP1   1 
ATOM   509  O  OP2   . DG  B 1 2  ? 14.471  -0.114  -0.888  1.00 32.17 ? 2   DG  B OP2   1 
ATOM   510  O  "O5'" . DG  B 1 2  ? 12.615  -0.365  0.721   1.00 28.52 ? 2   DG  B "O5'" 1 
ATOM   511  C  "C5'" . DG  B 1 2  ? 12.298  1.001   0.864   1.00 22.27 ? 2   DG  B "C5'" 1 
ATOM   512  C  "C4'" . DG  B 1 2  ? 11.583  1.472   -0.389  1.00 20.03 ? 2   DG  B "C4'" 1 
ATOM   513  O  "O4'" . DG  B 1 2  ? 10.283  0.812   -0.532  1.00 18.90 ? 2   DG  B "O4'" 1 
ATOM   514  C  "C3'" . DG  B 1 2  ? 11.274  2.938   -0.286  1.00 19.27 ? 2   DG  B "C3'" 1 
ATOM   515  O  "O3'" . DG  B 1 2  ? 12.455  3.701   -0.661  1.00 20.34 ? 2   DG  B "O3'" 1 
ATOM   516  C  "C2'" . DG  B 1 2  ? 10.143  3.106   -1.309  1.00 18.73 ? 2   DG  B "C2'" 1 
ATOM   517  C  "C1'" . DG  B 1 2  ? 9.413   1.801   -1.076  1.00 16.57 ? 2   DG  B "C1'" 1 
ATOM   518  N  N9    . DG  B 1 2  ? 8.240   1.890   -0.139  1.00 15.00 ? 2   DG  B N9    1 
ATOM   519  C  C8    . DG  B 1 2  ? 8.047   1.245   1.072   1.00 12.25 ? 2   DG  B C8    1 
ATOM   520  N  N7    . DG  B 1 2  ? 6.855   1.468   1.580   1.00 13.17 ? 2   DG  B N7    1 
ATOM   521  C  C5    . DG  B 1 2  ? 6.234   2.304   0.663   1.00 11.10 ? 2   DG  B C5    1 
ATOM   522  C  C6    . DG  B 1 2  ? 4.926   2.869   0.658   1.00 12.34 ? 2   DG  B C6    1 
ATOM   523  O  O6    . DG  B 1 2  ? 4.053   2.714   1.551   1.00 10.27 ? 2   DG  B O6    1 
ATOM   524  N  N1    . DG  B 1 2  ? 4.651   3.642   -0.473  1.00 12.45 ? 2   DG  B N1    1 
ATOM   525  C  C2    . DG  B 1 2  ? 5.565   3.889   -1.513  1.00 16.08 ? 2   DG  B C2    1 
ATOM   526  N  N2    . DG  B 1 2  ? 5.169   4.691   -2.553  1.00 15.47 ? 2   DG  B N2    1 
ATOM   527  N  N3    . DG  B 1 2  ? 6.794   3.334   -1.522  1.00 13.21 ? 2   DG  B N3    1 
ATOM   528  C  C4    . DG  B 1 2  ? 7.064   2.574   -0.414  1.00 13.24 ? 2   DG  B C4    1 
ATOM   529  P  P     . DG  B 1 3  ? 12.572  5.193   -0.170  1.00 22.66 ? 3   DG  B P     1 
ATOM   530  O  OP1   . DG  B 1 3  ? 13.877  5.551   -0.762  1.00 29.96 ? 3   DG  B OP1   1 
ATOM   531  O  OP2   . DG  B 1 3  ? 12.297  5.416   1.296   1.00 22.95 ? 3   DG  B OP2   1 
ATOM   532  O  "O5'" . DG  B 1 3  ? 11.455  6.057   -0.956  1.00 23.46 ? 3   DG  B "O5'" 1 
ATOM   533  C  "C5'" . DG  B 1 3  ? 11.561  6.236   -2.393  1.00 22.36 ? 3   DG  B "C5'" 1 
ATOM   534  C  "C4'" . DG  B 1 3  ? 10.588  7.288   -2.875  1.00 19.85 ? 3   DG  B "C4'" 1 
ATOM   535  O  "O4'" . DG  B 1 3  ? 9.207   6.810   -2.570  1.00 21.45 ? 3   DG  B "O4'" 1 
ATOM   536  C  "C3'" . DG  B 1 3  ? 10.720  8.671   -2.255  1.00 23.52 ? 3   DG  B "C3'" 1 
ATOM   537  O  "O3'" . DG  B 1 3  ? 10.330  9.672   -3.216  1.00 27.85 ? 3   DG  B "O3'" 1 
ATOM   538  C  "C2'" . DG  B 1 3  ? 9.670   8.603   -1.139  1.00 22.32 ? 3   DG  B "C2'" 1 
ATOM   539  C  "C1'" . DG  B 1 3  ? 8.545   7.752   -1.784  1.00 20.85 ? 3   DG  B "C1'" 1 
ATOM   540  N  N9    . DG  B 1 3  ? 7.737   7.053   -0.729  1.00 19.11 ? 3   DG  B N9    1 
ATOM   541  C  C8    . DG  B 1 3  ? 8.157   6.115   0.206   1.00 19.91 ? 3   DG  B C8    1 
ATOM   542  N  N7    . DG  B 1 3  ? 7.201   5.742   1.033   1.00 12.26 ? 3   DG  B N7    1 
ATOM   543  C  C5    . DG  B 1 3  ? 6.118   6.479   0.644   1.00 11.70 ? 3   DG  B C5    1 
ATOM   544  C  C6    . DG  B 1 3  ? 4.814   6.499   1.174   1.00 12.49 ? 3   DG  B C6    1 
ATOM   545  O  O6    . DG  B 1 3  ? 4.444   5.820   2.163   1.00 11.80 ? 3   DG  B O6    1 
ATOM   546  N  N1    . DG  B 1 3  ? 3.974   7.369   0.503   1.00 8.59  ? 3   DG  B N1    1 
ATOM   547  C  C2    . DG  B 1 3  ? 4.372   8.175   -0.593  1.00 15.42 ? 3   DG  B C2    1 
ATOM   548  N  N2    . DG  B 1 3  ? 3.448   9.016   -1.106  1.00 13.50 ? 3   DG  B N2    1 
ATOM   549  N  N3    . DG  B 1 3  ? 5.604   8.135   -1.117  1.00 12.62 ? 3   DG  B N3    1 
ATOM   550  C  C4    . DG  B 1 3  ? 6.407   7.276   -0.460  1.00 16.02 ? 3   DG  B C4    1 
ATOM   551  P  P     . DG  B 1 4  ? 10.465  11.225  -2.861  1.00 34.74 ? 4   DG  B P     1 
ATOM   552  O  OP1   . DG  B 1 4  ? 10.820  11.854  -4.175  1.00 37.00 ? 4   DG  B OP1   1 
ATOM   553  O  OP2   . DG  B 1 4  ? 11.308  11.361  -1.666  1.00 35.69 ? 4   DG  B OP2   1 
ATOM   554  O  "O5'" . DG  B 1 4  ? 8.986   11.700  -2.509  1.00 33.54 ? 4   DG  B "O5'" 1 
ATOM   555  C  "C5'" . DG  B 1 4  ? 7.999   11.598  -3.576  1.00 33.41 ? 4   DG  B "C5'" 1 
ATOM   556  C  "C4'" . DG  B 1 4  ? 6.840   12.532  -3.248  1.00 32.08 ? 4   DG  B "C4'" 1 
ATOM   557  O  "O4'" . DG  B 1 4  ? 5.977   11.914  -2.240  1.00 25.67 ? 4   DG  B "O4'" 1 
ATOM   558  C  "C3'" . DG  B 1 4  ? 7.223   13.861  -2.646  1.00 33.19 ? 4   DG  B "C3'" 1 
ATOM   559  O  "O3'" . DG  B 1 4  ? 6.238   14.774  -3.064  1.00 38.52 ? 4   DG  B "O3'" 1 
ATOM   560  C  "C2'" . DG  B 1 4  ? 7.067   13.677  -1.132  1.00 30.13 ? 4   DG  B "C2'" 1 
ATOM   561  C  "C1'" . DG  B 1 4  ? 5.862   12.739  -1.093  1.00 24.05 ? 4   DG  B "C1'" 1 
ATOM   562  N  N9    . DG  B 1 4  ? 5.815   11.769  0.020   1.00 19.51 ? 4   DG  B N9    1 
ATOM   563  C  C8    . DG  B 1 4  ? 6.793   10.932  0.414   1.00 16.32 ? 4   DG  B C8    1 
ATOM   564  N  N7    . DG  B 1 4  ? 6.451   10.187  1.441   1.00 15.49 ? 4   DG  B N7    1 
ATOM   565  C  C5    . DG  B 1 4  ? 5.139   10.516  1.685   1.00 15.01 ? 4   DG  B C5    1 
ATOM   566  C  C6    . DG  B 1 4  ? 4.243   9.985   2.642   1.00 15.28 ? 4   DG  B C6    1 
ATOM   567  O  O6    . DG  B 1 4  ? 4.520   9.092   3.457   1.00 12.57 ? 4   DG  B O6    1 
ATOM   568  N  N1    . DG  B 1 4  ? 2.996   10.584  2.530   1.00 10.37 ? 4   DG  B N1    1 
ATOM   569  C  C2    . DG  B 1 4  ? 2.631   11.599  1.631   1.00 13.03 ? 4   DG  B C2    1 
ATOM   570  N  N2    . DG  B 1 4  ? 1.409   12.090  1.665   1.00 10.91 ? 4   DG  B N2    1 
ATOM   571  N  N3    . DG  B 1 4  ? 3.505   12.127  0.726   1.00 13.23 ? 4   DG  B N3    1 
ATOM   572  C  C4    . DG  B 1 4  ? 4.707   11.499  0.820   1.00 16.47 ? 4   DG  B C4    1 
ATOM   573  P  P     . DA  B 1 5  ? 6.403   15.685  -4.403  1.00 43.45 ? 5   DA  B P     1 
ATOM   574  O  OP1   . DA  B 1 5  ? 7.811   15.542  -4.899  1.00 41.68 ? 5   DA  B OP1   1 
ATOM   575  O  OP2   . DA  B 1 5  ? 5.838   17.013  -4.060  1.00 41.03 ? 5   DA  B OP2   1 
ATOM   576  O  "O5'" . DA  B 1 5  ? 5.352   15.008  -5.312  1.00 31.32 ? 5   DA  B "O5'" 1 
ATOM   577  C  "C5'" . DA  B 1 5  ? 5.589   13.947  -6.142  1.00 41.52 ? 5   DA  B "C5'" 1 
ATOM   578  C  "C4'" . DA  B 1 5  ? 4.366   13.808  -7.012  1.00 41.97 ? 5   DA  B "C4'" 1 
ATOM   579  O  "O4'" . DA  B 1 5  ? 4.085   15.096  -7.598  1.00 45.39 ? 5   DA  B "O4'" 1 
ATOM   580  C  "C3'" . DA  B 1 5  ? 4.662   12.862  -8.148  1.00 46.68 ? 5   DA  B "C3'" 1 
ATOM   581  O  "O3'" . DA  B 1 5  ? 3.926   11.708  -7.885  1.00 48.15 ? 5   DA  B "O3'" 1 
ATOM   582  C  "C2'" . DA  B 1 5  ? 4.146   13.539  -9.410  1.00 46.60 ? 5   DA  B "C2'" 1 
ATOM   583  C  "C1'" . DA  B 1 5  ? 4.320   14.982  -8.990  1.00 45.94 ? 5   DA  B "C1'" 1 
ATOM   584  N  N9    . DA  B 1 5  ? 5.602   15.570  -9.415  1.00 44.41 ? 5   DA  B N9    1 
ATOM   585  C  C8    . DA  B 1 5  ? 6.735   15.863  -8.703  1.00 43.04 ? 5   DA  B C8    1 
ATOM   586  N  N7    . DA  B 1 5  ? 7.670   16.413  -9.432  1.00 42.41 ? 5   DA  B N7    1 
ATOM   587  C  C5    . DA  B 1 5  ? 7.121   16.465  -10.706 1.00 42.69 ? 5   DA  B C5    1 
ATOM   588  C  C6    . DA  B 1 5  ? 7.581   16.937  -11.945 1.00 43.05 ? 5   DA  B C6    1 
ATOM   589  N  N6    . DA  B 1 5  ? 8.800   17.460  -12.096 1.00 45.48 ? 5   DA  B N6    1 
ATOM   590  N  N1    . DA  B 1 5  ? 6.770   16.855  -13.025 1.00 42.24 ? 5   DA  B N1    1 
ATOM   591  C  C2    . DA  B 1 5  ? 5.550   16.315  -12.896 1.00 43.77 ? 5   DA  B C2    1 
ATOM   592  N  N3    . DA  B 1 5  ? 4.999   15.830  -11.771 1.00 43.04 ? 5   DA  B N3    1 
ATOM   593  C  C4    . DA  B 1 5  ? 5.843   15.946  -10.717 1.00 43.79 ? 5   DA  B C4    1 
ATOM   594  P  P     . DG  B 1 6  ? 4.560   10.431  -7.139  1.00 49.87 ? 6   DG  B P     1 
ATOM   595  O  OP1   . DG  B 1 6  ? 5.388   10.720  -5.930  1.00 46.09 ? 6   DG  B OP1   1 
ATOM   596  O  OP2   . DG  B 1 6  ? 5.011   9.553   -8.247  1.00 47.91 ? 6   DG  B OP2   1 
ATOM   597  O  "O5'" . DG  B 1 6  ? 3.197   9.749   -6.647  1.00 37.13 ? 6   DG  B "O5'" 1 
ATOM   598  C  "C5'" . DG  B 1 6  ? 2.022   9.806   -7.457  1.00 28.69 ? 6   DG  B "C5'" 1 
ATOM   599  C  "C4'" . DG  B 1 6  ? 0.903   9.667   -6.437  1.00 23.68 ? 6   DG  B "C4'" 1 
ATOM   600  O  "O4'" . DG  B 1 6  ? 1.007   8.318   -5.906  1.00 18.35 ? 6   DG  B "O4'" 1 
ATOM   601  C  "C3'" . DG  B 1 6  ? 1.041   10.490  -5.159  1.00 23.11 ? 6   DG  B "C3'" 1 
ATOM   602  O  "O3'" . DG  B 1 6  ? 0.374   11.661  -5.332  1.00 20.82 ? 6   DG  B "O3'" 1 
ATOM   603  C  "C2'" . DG  B 1 6  ? 0.097   9.732   -4.234  1.00 23.07 ? 6   DG  B "C2'" 1 
ATOM   604  C  "C1'" . DG  B 1 6  ? 0.262   8.311   -4.704  1.00 17.99 ? 6   DG  B "C1'" 1 
ATOM   605  N  N9    . DG  B 1 6  ? 1.011   7.483   -3.746  1.00 15.24 ? 6   DG  B N9    1 
ATOM   606  C  C8    . DG  B 1 6  ? 2.348   7.115   -3.761  1.00 14.41 ? 6   DG  B C8    1 
ATOM   607  N  N7    . DG  B 1 6  ? 2.685   6.298   -2.798  1.00 15.71 ? 6   DG  B N7    1 
ATOM   608  C  C5    . DG  B 1 6  ? 1.500   6.105   -2.118  1.00 13.76 ? 6   DG  B C5    1 
ATOM   609  C  C6    . DG  B 1 6  ? 1.211   5.301   -0.994  1.00 10.83 ? 6   DG  B C6    1 
ATOM   610  O  O6    . DG  B 1 6  ? 1.971   4.581   -0.324  1.00 11.00 ? 6   DG  B O6    1 
ATOM   611  N  N1    . DG  B 1 6  ? -0.145  5.377   -0.654  1.00 10.71 ? 6   DG  B N1    1 
ATOM   612  C  C2    . DG  B 1 6  ? -1.089  6.171   -1.291  1.00 13.09 ? 6   DG  B C2    1 
ATOM   613  N  N2    . DG  B 1 6  ? -2.307  6.110   -0.842  1.00 10.53 ? 6   DG  B N2    1 
ATOM   614  N  N3    . DG  B 1 6  ? -0.836  6.908   -2.362  1.00 14.13 ? 6   DG  B N3    1 
ATOM   615  C  C4    . DG  B 1 6  ? 0.464   6.822   -2.705  1.00 13.43 ? 6   DG  B C4    1 
ATOM   616  P  P     . DG  B 1 7  ? 0.294   12.861  -4.255  1.00 20.69 ? 7   DG  B P     1 
ATOM   617  O  OP1   . DG  B 1 7  ? -0.092  14.050  -5.045  1.00 21.95 ? 7   DG  B OP1   1 
ATOM   618  O  OP2   . DG  B 1 7  ? 1.570   12.877  -3.473  1.00 21.98 ? 7   DG  B OP2   1 
ATOM   619  O  "O5'" . DG  B 1 7  ? -0.891  12.511  -3.244  1.00 21.05 ? 7   DG  B "O5'" 1 
ATOM   620  C  "C5'" . DG  B 1 7  ? -2.237  12.267  -3.650  1.00 17.90 ? 7   DG  B "C5'" 1 
ATOM   621  C  "C4'" . DG  B 1 7  ? -3.123  12.073  -2.450  1.00 16.20 ? 7   DG  B "C4'" 1 
ATOM   622  O  "O4'" . DG  B 1 7  ? -2.665  10.788  -1.947  1.00 16.97 ? 7   DG  B "O4'" 1 
ATOM   623  C  "C3'" . DG  B 1 7  ? -3.035  13.096  -1.326  1.00 15.24 ? 7   DG  B "C3'" 1 
ATOM   624  O  "O3'" . DG  B 1 7  ? -4.334  13.318  -0.815  1.00 17.06 ? 7   DG  B "O3'" 1 
ATOM   625  C  "C2'" . DG  B 1 7  ? -2.164  12.381  -0.298  1.00 15.47 ? 7   DG  B "C2'" 1 
ATOM   626  C  "C1'" . DG  B 1 7  ? -2.439  10.903  -0.563  1.00 16.81 ? 7   DG  B "C1'" 1 
ATOM   627  N  N9    . DG  B 1 7  ? -1.272  10.100  -0.241  1.00 12.99 ? 7   DG  B N9    1 
ATOM   628  C  C8    . DG  B 1 7  ? 0.041   10.182  -0.737  1.00 9.66  ? 7   DG  B C8    1 
ATOM   629  N  N7    . DG  B 1 7  ? 0.858   9.344   -0.185  1.00 9.67  ? 7   DG  B N7    1 
ATOM   630  C  C5    . DG  B 1 7  ? 0.050   8.684   0.775   1.00 11.83 ? 7   DG  B C5    1 
ATOM   631  C  C6    . DG  B 1 7  ? 0.385   7.674   1.706   1.00 12.67 ? 7   DG  B C6    1 
ATOM   632  O  O6    . DG  B 1 7  ? 1.476   7.148   1.875   1.00 9.54  ? 7   DG  B O6    1 
ATOM   633  N  N1    . DG  B 1 7  ? -0.710  7.240   2.482   1.00 10.32 ? 7   DG  B N1    1 
ATOM   634  C  C2    . DG  B 1 7  ? -1.981  7.760   2.389   1.00 10.30 ? 7   DG  B C2    1 
ATOM   635  N  N2    . DG  B 1 7  ? -2.923  7.268   3.193   1.00 11.30 ? 7   DG  B N2    1 
ATOM   636  N  N3    . DG  B 1 7  ? -2.354  8.702   1.500   1.00 9.87  ? 7   DG  B N3    1 
ATOM   637  C  C4    . DG  B 1 7  ? -1.270  9.114   0.754   1.00 13.15 ? 7   DG  B C4    1 
ATOM   638  P  P     . DG  B 1 8  ? -4.585  14.393  0.339   1.00 20.26 ? 8   DG  B P     1 
ATOM   639  O  OP1   . DG  B 1 8  ? -5.952  14.888  0.085   1.00 23.22 ? 8   DG  B OP1   1 
ATOM   640  O  OP2   . DG  B 1 8  ? -3.388  15.190  0.593   1.00 17.89 ? 8   DG  B OP2   1 
ATOM   641  O  "O5'" . DG  B 1 8  ? -4.701  13.423  1.654   1.00 16.86 ? 8   DG  B "O5'" 1 
ATOM   642  C  "C5'" . DG  B 1 8  ? -5.830  12.528  1.660   1.00 11.50 ? 8   DG  B "C5'" 1 
ATOM   643  C  "C4'" . DG  B 1 8  ? -5.976  11.935  3.063   1.00 14.99 ? 8   DG  B "C4'" 1 
ATOM   644  O  "O4'" . DG  B 1 8  ? -4.893  11.069  3.318   1.00 16.27 ? 8   DG  B "O4'" 1 
ATOM   645  C  "C3'" . DG  B 1 8  ? -5.992  12.906  4.236   1.00 9.78  ? 8   DG  B "C3'" 1 
ATOM   646  O  "O3'" . DG  B 1 8  ? -6.935  12.363  5.180   1.00 13.91 ? 8   DG  B "O3'" 1 
ATOM   647  C  "C2'" . DG  B 1 8  ? -4.599  12.861  4.875   1.00 12.99 ? 8   DG  B "C2'" 1 
ATOM   648  C  "C1'" . DG  B 1 8  ? -4.236  11.398  4.594   1.00 13.31 ? 8   DG  B "C1'" 1 
ATOM   649  N  N9    . DG  B 1 8  ? -2.843  11.153  4.353   1.00 13.19 ? 8   DG  B N9    1 
ATOM   650  C  C8    . DG  B 1 8  ? -1.981  11.698  3.382   1.00 11.51 ? 8   DG  B C8    1 
ATOM   651  N  N7    . DG  B 1 8  ? -0.768  11.218  3.407   1.00 12.39 ? 8   DG  B N7    1 
ATOM   652  C  C5    . DG  B 1 8  ? -0.801  10.322  4.481   1.00 11.35 ? 8   DG  B C5    1 
ATOM   653  C  C6    . DG  B 1 8  ? 0.236   9.503   5.000   1.00 12.39 ? 8   DG  B C6    1 
ATOM   654  O  O6    . DG  B 1 8  ? 1.407   9.453   4.616   1.00 10.83 ? 8   DG  B O6    1 
ATOM   655  N  N1    . DG  B 1 8  ? -0.150  8.711   6.107   1.00 8.71  ? 8   DG  B N1    1 
ATOM   656  C  C2    . DG  B 1 8  ? -1.446  8.779   6.613   1.00 10.16 ? 8   DG  B C2    1 
ATOM   657  N  N2    . DG  B 1 8  ? -1.680  7.963   7.625   1.00 12.84 ? 8   DG  B N2    1 
ATOM   658  N  N3    . DG  B 1 8  ? -2.448  9.485   6.116   1.00 13.86 ? 8   DG  B N3    1 
ATOM   659  C  C4    . DG  B 1 8  ? -2.057  10.253  5.064   1.00 12.01 ? 8   DG  B C4    1 
ATOM   660  P  P     . DC  B 1 9  ? -8.562  12.371  5.035   1.00 15.09 ? 9   DC  B P     1 
ATOM   661  O  OP1   . DC  B 1 9  ? -8.936  13.415  4.081   1.00 14.50 ? 9   DC  B OP1   1 
ATOM   662  O  OP2   . DC  B 1 9  ? -9.097  12.240  6.418   1.00 15.50 ? 9   DC  B OP2   1 
ATOM   663  O  "O5'" . DC  B 1 9  ? -8.857  10.996  4.244   1.00 14.15 ? 9   DC  B "O5'" 1 
ATOM   664  C  "C5'" . DC  B 1 9  ? -8.585  9.720   4.861   1.00 14.15 ? 9   DC  B "C5'" 1 
ATOM   665  C  "C4'" . DC  B 1 9  ? -9.694  8.780   4.506   1.00 17.50 ? 9   DC  B "C4'" 1 
ATOM   666  O  "O4'" . DC  B 1 9  ? -10.962 9.312   4.903   1.00 17.14 ? 9   DC  B "O4'" 1 
ATOM   667  C  "C3'" . DC  B 1 9  ? -9.836  8.649   3.019   1.00 16.98 ? 9   DC  B "C3'" 1 
ATOM   668  O  "O3'" . DC  B 1 9  ? -9.289  7.312   2.699   1.00 18.18 ? 9   DC  B "O3'" 1 
ATOM   669  C  "C2'" . DC  B 1 9  ? -11.346 8.783   2.690   1.00 18.36 ? 9   DC  B "C2'" 1 
ATOM   670  C  "C1'" . DC  B 1 9  ? -11.995 8.786   4.047   1.00 20.56 ? 9   DC  B "C1'" 1 
ATOM   671  N  N1    . DC  B 1 9  ? -13.110 9.688   4.190   1.00 18.20 ? 9   DC  B N1    1 
ATOM   672  C  C2    . DC  B 1 9  ? -14.138 9.291   5.032   1.00 20.92 ? 9   DC  B C2    1 
ATOM   673  O  O2    . DC  B 1 9  ? -14.126 8.166   5.587   1.00 25.95 ? 9   DC  B O2    1 
ATOM   674  N  N3    . DC  B 1 9  ? -15.158 10.124  5.232   1.00 21.80 ? 9   DC  B N3    1 
ATOM   675  C  C4    . DC  B 1 9  ? -15.206 11.314  4.660   1.00 18.79 ? 9   DC  B C4    1 
ATOM   676  N  N4    . DC  B 1 9  ? -16.293 12.076  4.968   1.00 18.98 ? 9   DC  B N4    1 
ATOM   677  C  C5    . DC  B 1 9  ? -14.131 11.741  3.833   1.00 18.83 ? 9   DC  B C5    1 
ATOM   678  C  C6    . DC  B 1 9  ? -13.097 10.906  3.621   1.00 19.69 ? 9   DC  B C6    1 
ATOM   679  P  P     . DG  B 1 10 ? -8.456  7.160   1.346   1.00 15.41 ? 10  DG  B P     1 
ATOM   680  O  OP1   . DG  B 1 10 ? -7.292  8.073   1.187   1.00 13.54 ? 10  DG  B OP1   1 
ATOM   681  O  OP2   . DG  B 1 10 ? -9.548  7.154   0.296   1.00 20.33 ? 10  DG  B OP2   1 
ATOM   682  O  "O5'" . DG  B 1 10 ? -7.853  5.709   1.601   1.00 16.90 ? 10  DG  B "O5'" 1 
ATOM   683  C  "C5'" . DG  B 1 10 ? -8.796  4.587   1.747   1.00 13.95 ? 10  DG  B "C5'" 1 
ATOM   684  C  "C4'" . DG  B 1 10 ? -8.345  3.656   2.883   1.00 9.02  ? 10  DG  B "C4'" 1 
ATOM   685  O  "O4'" . DG  B 1 10 ? -6.994  3.300   2.620   1.00 13.25 ? 10  DG  B "O4'" 1 
ATOM   686  C  "C3'" . DG  B 1 10 ? -8.238  4.394   4.198   1.00 11.51 ? 10  DG  B "C3'" 1 
ATOM   687  O  "O3'" . DG  B 1 10 ? -8.250  3.484   5.360   1.00 12.01 ? 10  DG  B "O3'" 1 
ATOM   688  C  "C2'" . DG  B 1 10 ? -6.831  4.974   4.240   1.00 11.15 ? 10  DG  B "C2'" 1 
ATOM   689  C  "C1'" . DG  B 1 10 ? -6.119  3.778   3.636   1.00 14.20 ? 10  DG  B "C1'" 1 
ATOM   690  N  N9    . DG  B 1 10 ? -4.857  4.021   2.918   1.00 11.63 ? 10  DG  B N9    1 
ATOM   691  C  C8    . DG  B 1 10 ? -4.648  4.738   1.717   1.00 13.53 ? 10  DG  B C8    1 
ATOM   692  N  N7    . DG  B 1 10 ? -3.378  4.668   1.339   1.00 10.30 ? 10  DG  B N7    1 
ATOM   693  C  C5    . DG  B 1 10 ? -2.736  3.868   2.279   1.00 8.91  ? 10  DG  B C5    1 
ATOM   694  C  C6    . DG  B 1 10 ? -1.360  3.436   2.384   1.00 11.55 ? 10  DG  B C6    1 
ATOM   695  O  O6    . DG  B 1 10 ? -0.414  3.700   1.615   1.00 12.79 ? 10  DG  B O6    1 
ATOM   696  N  N1    . DG  B 1 10 ? -1.082  2.630   3.516   1.00 8.51  ? 10  DG  B N1    1 
ATOM   697  C  C2    . DG  B 1 10 ? -2.067  2.285   4.421   1.00 7.44  ? 10  DG  B C2    1 
ATOM   698  N  N2    . DG  B 1 10 ? -1.657  1.551   5.454   1.00 8.59  ? 10  DG  B N2    1 
ATOM   699  N  N3    . DG  B 1 10 ? -3.369  2.701   4.371   1.00 9.65  ? 10  DG  B N3    1 
ATOM   700  C  C4    . DG  B 1 10 ? -3.625  3.458   3.256   1.00 8.76  ? 10  DG  B C4    1 
ATOM   701  P  P     . DC  B 1 11 ? -9.381  2.386   5.675   1.00 15.02 ? 11  DC  B P     1 
ATOM   702  O  OP1   . DC  B 1 11 ? -10.668 2.725   5.024   1.00 16.37 ? 11  DC  B OP1   1 
ATOM   703  O  OP2   . DC  B 1 11 ? -9.306  2.105   7.111   1.00 15.25 ? 11  DC  B OP2   1 
ATOM   704  O  "O5'" . DC  B 1 11 ? -8.760  1.083   4.908   1.00 14.32 ? 11  DC  B "O5'" 1 
ATOM   705  C  "C5'" . DC  B 1 11 ? -9.042  -0.213  5.387   1.00 9.91  ? 11  DC  B "C5'" 1 
ATOM   706  C  "C4'" . DC  B 1 11 ? -7.785  -1.081  5.202   1.00 13.24 ? 11  DC  B "C4'" 1 
ATOM   707  O  "O4'" . DC  B 1 11 ? -7.507  -1.346  3.807   1.00 11.15 ? 11  DC  B "O4'" 1 
ATOM   708  C  "C3'" . DC  B 1 11 ? -6.467  -0.482  5.722   1.00 11.46 ? 11  DC  B "C3'" 1 
ATOM   709  O  "O3'" . DC  B 1 11 ? -5.600  -1.552  6.121   1.00 14.57 ? 11  DC  B "O3'" 1 
ATOM   710  C  "C2'" . DC  B 1 11 ? -5.941  0.251   4.477   1.00 9.33  ? 11  DC  B "C2'" 1 
ATOM   711  C  "C1'" . DC  B 1 11 ? -6.339  -0.675  3.362   1.00 11.06 ? 11  DC  B "C1'" 1 
ATOM   712  N  N1    . DC  B 1 11 ? -6.720  0.121   2.130   1.00 10.06 ? 11  DC  B N1    1 
ATOM   713  C  C2    . DC  B 1 11 ? -5.714  0.715   1.354   1.00 11.36 ? 11  DC  B C2    1 
ATOM   714  O  O2    . DC  B 1 11 ? -4.568  0.553   1.742   1.00 10.64 ? 11  DC  B O2    1 
ATOM   715  N  N3    . DC  B 1 11 ? -5.992  1.449   0.250   1.00 9.44  ? 11  DC  B N3    1 
ATOM   716  C  C4    . DC  B 1 11 ? -7.324  1.586   -0.050  1.00 8.28  ? 11  DC  B C4    1 
ATOM   717  N  N4    . DC  B 1 11 ? -7.611  2.300   -1.138  1.00 12.30 ? 11  DC  B N4    1 
ATOM   718  C  C5    . DC  B 1 11 ? -8.411  0.972   0.671   1.00 9.61  ? 11  DC  B C5    1 
ATOM   719  C  C6    . DC  B 1 11 ? -8.045  0.300   1.781   1.00 12.85 ? 11  DC  B C6    1 
HETATM 720  N  N1    . BRU B 1 12 ? -0.386  -3.228  6.053   1.00 14.71 ? 12  BRU B N1    1 
HETATM 721  C  C2    . BRU B 1 12 ? 0.904   -3.291  5.585   1.00 14.72 ? 12  BRU B C2    1 
HETATM 722  N  N3    . BRU B 1 12 ? 1.233   -2.642  4.431   1.00 11.25 ? 12  BRU B N3    1 
HETATM 723  C  C4    . BRU B 1 12 ? 0.305   -1.958  3.706   1.00 10.08 ? 12  BRU B C4    1 
HETATM 724  C  C5    . BRU B 1 12 ? -1.090  -1.874  4.212   1.00 10.62 ? 12  BRU B C5    1 
HETATM 725  C  C6    . BRU B 1 12 ? -1.375  -2.518  5.364   1.00 12.81 ? 12  BRU B C6    1 
HETATM 726  O  O2    . BRU B 1 12 ? 1.821   -3.917  6.179   1.00 13.22 ? 12  BRU B O2    1 
HETATM 727  O  O4    . BRU B 1 12 ? 0.645   -1.382  2.652   1.00 12.30 ? 12  BRU B O4    1 
HETATM 728  BR BR    . BRU B 1 12 ? -2.398  -0.957  3.191   1.00 11.41 ? 12  BRU B BR    1 
HETATM 729  C  "C1'" . BRU B 1 12 ? -0.725  -3.891  7.326   1.00 14.00 ? 12  BRU B "C1'" 1 
HETATM 730  C  "C2'" . BRU B 1 12 ? -1.157  -2.807  8.370   1.00 15.93 ? 12  BRU B "C2'" 1 
HETATM 731  C  "C3'" . BRU B 1 12 ? -2.056  -3.698  9.248   1.00 20.59 ? 12  BRU B "C3'" 1 
HETATM 732  C  "C4'" . BRU B 1 12 ? -2.847  -4.512  8.214   1.00 20.04 ? 12  BRU B "C4'" 1 
HETATM 733  O  "O3'" . BRU B 1 12 ? -1.285  -4.588  10.042  1.00 20.58 ? 12  BRU B "O3'" 1 
HETATM 734  O  "O4'" . BRU B 1 12 ? -1.930  -4.645  7.085   1.00 19.66 ? 12  BRU B "O4'" 1 
HETATM 735  C  "C5'" . BRU B 1 12 ? -4.175  -3.782  7.857   1.00 18.74 ? 12  BRU B "C5'" 1 
HETATM 736  O  "O5'" . BRU B 1 12 ? -3.756  -2.504  7.434   1.00 18.12 ? 12  BRU B "O5'" 1 
HETATM 737  P  P     . BRU B 1 12 ? -4.769  -1.243  7.483   1.00 21.10 ? 12  BRU B P     1 
HETATM 738  O  OP1   . BRU B 1 12 ? -5.727  -1.283  8.613   1.00 19.30 ? 12  BRU B OP1   1 
HETATM 739  O  OP2   . BRU B 1 12 ? -3.922  0.092   7.349   1.00 15.67 ? 12  BRU B OP2   1 
ATOM   740  P  P     . DG  B 1 13 ? -0.490  -3.928  11.333  1.00 29.44 ? 13  DG  B P     1 
ATOM   741  O  OP1   . DG  B 1 13 ? -0.140  -5.158  12.085  1.00 31.05 ? 13  DG  B OP1   1 
ATOM   742  O  OP2   . DG  B 1 13 ? -1.140  -2.706  11.820  1.00 25.77 ? 13  DG  B OP2   1 
ATOM   743  O  "O5'" . DG  B 1 13 ? 0.841   -3.091  10.903  1.00 24.25 ? 13  DG  B "O5'" 1 
ATOM   744  C  "C5'" . DG  B 1 13 ? 2.058   -3.753  10.657  1.00 25.30 ? 13  DG  B "C5'" 1 
ATOM   745  C  "C4'" . DG  B 1 13 ? 3.007   -2.794  9.944   1.00 18.16 ? 13  DG  B "C4'" 1 
ATOM   746  O  "O4'" . DG  B 1 13 ? 2.392   -2.358  8.699   1.00 16.09 ? 13  DG  B "O4'" 1 
ATOM   747  C  "C3'" . DG  B 1 13 ? 3.380   -1.494  10.660  1.00 17.23 ? 13  DG  B "C3'" 1 
ATOM   748  O  "O3'" . DG  B 1 13 ? 4.722   -1.664  11.146  1.00 18.90 ? 13  DG  B "O3'" 1 
ATOM   749  C  "C2'" . DG  B 1 13 ? 3.357   -0.458  9.551   1.00 18.21 ? 13  DG  B "C2'" 1 
ATOM   750  C  "C1'" . DG  B 1 13 ? 3.233   -1.324  8.270   1.00 14.75 ? 13  DG  B "C1'" 1 
ATOM   751  N  N9    . DG  B 1 13 ? 2.527   -0.567  7.230   1.00 9.33  ? 13  DG  B N9    1 
ATOM   752  C  C8    . DG  B 1 13 ? 1.186   -0.201  7.207   1.00 9.91  ? 13  DG  B C8    1 
ATOM   753  N  N7    . DG  B 1 13 ? 0.873   0.457   6.113   1.00 8.91  ? 13  DG  B N7    1 
ATOM   754  C  C5    . DG  B 1 13 ? 2.052   0.561   5.442   1.00 7.04  ? 13  DG  B C5    1 
ATOM   755  C  C6    . DG  B 1 13 ? 2.327   1.192   4.233   1.00 7.41  ? 13  DG  B C6    1 
ATOM   756  O  O6    . DG  B 1 13 ? 1.568   1.820   3.535   1.00 8.56  ? 13  DG  B O6    1 
ATOM   757  N  N1    . DG  B 1 13 ? 3.674   1.117   3.780   1.00 10.46 ? 13  DG  B N1    1 
ATOM   758  C  C2    . DG  B 1 13 ? 4.628   0.416   4.530   1.00 13.09 ? 13  DG  B C2    1 
ATOM   759  N  N2    . DG  B 1 13 ? 5.899   0.399   4.017   1.00 8.54  ? 13  DG  B N2    1 
ATOM   760  N  N3    . DG  B 1 13 ? 4.368   -0.195  5.702   1.00 10.05 ? 13  DG  B N3    1 
ATOM   761  C  C4    . DG  B 1 13 ? 3.072   -0.083  6.096   1.00 11.41 ? 13  DG  B C4    1 
ATOM   762  P  P     . DG  B 1 14 ? 5.563   -0.596  11.976  1.00 17.22 ? 14  DG  B P     1 
ATOM   763  O  OP1   . DG  B 1 14 ? 6.349   -1.447  12.919  1.00 19.79 ? 14  DG  B OP1   1 
ATOM   764  O  OP2   . DG  B 1 14 ? 4.797   0.521   12.438  1.00 16.86 ? 14  DG  B OP2   1 
ATOM   765  O  "O5'" . DG  B 1 14 ? 6.652   0.006   10.915  1.00 15.20 ? 14  DG  B "O5'" 1 
ATOM   766  C  "C5'" . DG  B 1 14 ? 7.586   -0.860  10.245  1.00 13.13 ? 14  DG  B "C5'" 1 
ATOM   767  C  "C4'" . DG  B 1 14 ? 8.425   0.100   9.402   1.00 12.92 ? 14  DG  B "C4'" 1 
ATOM   768  O  "O4'" . DG  B 1 14 ? 7.652   0.459   8.235   1.00 11.41 ? 14  DG  B "O4'" 1 
ATOM   769  C  "C3'" . DG  B 1 14 ? 8.926   1.374   10.085  1.00 13.81 ? 14  DG  B "C3'" 1 
ATOM   770  O  "O3'" . DG  B 1 14 ? 10.338  1.458   9.742   1.00 17.58 ? 14  DG  B "O3'" 1 
ATOM   771  C  "C2'" . DG  B 1 14 ? 7.938   2.433   9.507   1.00 13.46 ? 14  DG  B "C2'" 1 
ATOM   772  C  "C1'" . DG  B 1 14 ? 7.748   1.861   8.100   1.00 10.98 ? 14  DG  B "C1'" 1 
ATOM   773  N  N9    . DG  B 1 14 ? 6.533   2.377   7.520   1.00 11.70 ? 14  DG  B N9    1 
ATOM   774  C  C8    . DG  B 1 14 ? 5.248   2.391   8.093   1.00 7.88  ? 14  DG  B C8    1 
ATOM   775  N  N7    . DG  B 1 14 ? 4.336   2.959   7.346   1.00 7.81  ? 14  DG  B N7    1 
ATOM   776  C  C5    . DG  B 1 14 ? 5.042   3.327   6.217   1.00 10.41 ? 14  DG  B C5    1 
ATOM   777  C  C6    . DG  B 1 14 ? 4.583   3.948   5.027   1.00 11.31 ? 14  DG  B C6    1 
ATOM   778  O  O6    . DG  B 1 14 ? 3.416   4.332   4.799   1.00 9.85  ? 14  DG  B O6    1 
ATOM   779  N  N1    . DG  B 1 14 ? 5.616   4.199   4.087   1.00 11.19 ? 14  DG  B N1    1 
ATOM   780  C  C2    . DG  B 1 14 ? 6.955   3.811   4.276   1.00 12.43 ? 14  DG  B C2    1 
ATOM   781  N  N2    . DG  B 1 14 ? 7.870   4.116   3.290   1.00 13.26 ? 14  DG  B N2    1 
ATOM   782  N  N3    . DG  B 1 14 ? 7.383   3.196   5.379   1.00 11.11 ? 14  DG  B N3    1 
ATOM   783  C  C4    . DG  B 1 14 ? 6.402   3.000   6.294   1.00 11.41 ? 14  DG  B C4    1 
ATOM   784  P  P     . DG  B 1 15 ? 11.226  2.741   10.090  1.00 17.89 ? 15  DG  B P     1 
ATOM   785  O  OP1   . DG  B 1 15 ? 12.505  2.204   10.552  1.00 24.34 ? 15  DG  B OP1   1 
ATOM   786  O  OP2   . DG  B 1 15 ? 10.517  3.803   10.862  1.00 17.81 ? 15  DG  B OP2   1 
ATOM   787  O  "O5'" . DG  B 1 15 ? 11.438  3.399   8.642   1.00 17.52 ? 15  DG  B "O5'" 1 
ATOM   788  C  "C5'" . DG  B 1 15 ? 12.011  2.664   7.582   1.00 19.14 ? 15  DG  B "C5'" 1 
ATOM   789  C  "C4'" . DG  B 1 15 ? 12.432  3.716   6.560   1.00 19.80 ? 15  DG  B "C4'" 1 
ATOM   790  O  "O4'" . DG  B 1 15 ? 11.276  4.256   5.850   1.00 19.27 ? 15  DG  B "O4'" 1 
ATOM   791  C  "C3'" . DG  B 1 15 ? 13.139  4.979   7.023   1.00 23.57 ? 15  DG  B "C3'" 1 
ATOM   792  O  "O3'" . DG  B 1 15 ? 14.099  5.284   5.977   1.00 31.14 ? 15  DG  B "O3'" 1 
ATOM   793  C  "C2'" . DG  B 1 15 ? 12.035  6.022   7.143   1.00 19.95 ? 15  DG  B "C2'" 1 
ATOM   794  C  "C1'" . DG  B 1 15 ? 11.126  5.642   5.995   1.00 18.75 ? 15  DG  B "C1'" 1 
ATOM   795  N  N9    . DG  B 1 15 ? 9.697   5.875   6.273   1.00 15.54 ? 15  DG  B N9    1 
ATOM   796  C  C8    . DG  B 1 15 ? 8.928   5.409   7.335   1.00 14.89 ? 15  DG  B C8    1 
ATOM   797  N  N7    . DG  B 1 15 ? 7.681   5.822   7.212   1.00 11.82 ? 15  DG  B N7    1 
ATOM   798  C  C5    . DG  B 1 15 ? 7.566   6.533   6.070   1.00 13.01 ? 15  DG  B C5    1 
ATOM   799  C  C6    . DG  B 1 15 ? 6.455   7.160   5.467   1.00 9.59  ? 15  DG  B C6    1 
ATOM   800  O  O6    . DG  B 1 15 ? 5.258   7.230   5.937   1.00 13.02 ? 15  DG  B O6    1 
ATOM   801  N  N1    . DG  B 1 15 ? 6.804   7.813   4.276   1.00 12.75 ? 15  DG  B N1    1 
ATOM   802  C  C2    . DG  B 1 15 ? 8.070   7.821   3.710   1.00 15.19 ? 15  DG  B C2    1 
ATOM   803  N  N2    . DG  B 1 15 ? 8.263   8.502   2.543   1.00 14.21 ? 15  DG  B N2    1 
ATOM   804  N  N3    . DG  B 1 15 ? 9.114   7.187   4.272   1.00 14.26 ? 15  DG  B N3    1 
ATOM   805  C  C4    . DG  B 1 15 ? 8.814   6.590   5.458   1.00 15.97 ? 15  DG  B C4    1 
ATOM   806  P  P     . DA  B 1 16 ? 15.079  6.543   6.120   1.00 35.63 ? 16  DA  B P     1 
ATOM   807  O  OP1   . DA  B 1 16 ? 16.051  6.166   5.062   1.00 36.85 ? 16  DA  B OP1   1 
ATOM   808  O  OP2   . DA  B 1 16 ? 15.328  6.769   7.560   1.00 35.16 ? 16  DA  B OP2   1 
ATOM   809  O  "O5'" . DA  B 1 16 ? 14.364  7.912   5.722   1.00 32.87 ? 16  DA  B "O5'" 1 
ATOM   810  C  "C5'" . DA  B 1 16 ? 13.990  8.108   4.363   1.00 29.38 ? 16  DA  B "C5'" 1 
ATOM   811  C  "C4'" . DA  B 1 16 ? 13.156  9.362   4.390   1.00 28.38 ? 16  DA  B "C4'" 1 
ATOM   812  O  "O4'" . DA  B 1 16 ? 11.901  9.103   5.075   1.00 22.95 ? 16  DA  B "O4'" 1 
ATOM   813  C  "C3'" . DA  B 1 16 ? 13.685  10.595  5.106   1.00 27.93 ? 16  DA  B "C3'" 1 
ATOM   814  O  "O3'" . DA  B 1 16 ? 13.255  11.680  4.295   1.00 35.12 ? 16  DA  B "O3'" 1 
ATOM   815  C  "C2'" . DA  B 1 16 ? 12.922  10.722  6.410   1.00 25.13 ? 16  DA  B "C2'" 1 
ATOM   816  C  "C1'" . DA  B 1 16 ? 11.588  10.110  5.965   1.00 22.57 ? 16  DA  B "C1'" 1 
ATOM   817  N  N9    . DA  B 1 16 ? 10.876  9.515   7.102   1.00 20.30 ? 16  DA  B N9    1 
ATOM   818  C  C8    . DA  B 1 16 ? 11.421  8.933   8.227   1.00 22.42 ? 16  DA  B C8    1 
ATOM   819  N  N7    . DA  B 1 16 ? 10.488  8.505   9.080   1.00 20.99 ? 16  DA  B N7    1 
ATOM   820  C  C5    . DA  B 1 16 ? 9.263   8.838   8.501   1.00 15.37 ? 16  DA  B C5    1 
ATOM   821  C  C6    . DA  B 1 16 ? 7.908   8.671   8.888   1.00 13.35 ? 16  DA  B C6    1 
ATOM   822  N  N6    . DA  B 1 16 ? 7.555   8.075   10.048  1.00 11.56 ? 16  DA  B N6    1 
ATOM   823  N  N1    . DA  B 1 16 ? 6.963   9.117   8.052   1.00 13.60 ? 16  DA  B N1    1 
ATOM   824  C  C2    . DA  B 1 16 ? 7.284   9.714   6.882   1.00 14.43 ? 16  DA  B C2    1 
ATOM   825  N  N3    . DA  B 1 16 ? 8.499   9.915   6.407   1.00 16.59 ? 16  DA  B N3    1 
ATOM   826  C  C4    . DA  B 1 16 ? 9.480   9.465   7.271   1.00 18.98 ? 16  DA  B C4    1 
ATOM   827  P  P     . DG  B 1 17 ? 13.596  13.225  4.528   1.00 35.76 ? 17  DG  B P     1 
ATOM   828  O  OP1   . DG  B 1 17 ? 13.739  13.605  3.076   1.00 38.62 ? 17  DG  B OP1   1 
ATOM   829  O  OP2   . DG  B 1 17 ? 14.793  13.356  5.421   1.00 38.55 ? 17  DG  B OP2   1 
ATOM   830  O  "O5'" . DG  B 1 17 ? 12.382  13.927  5.275   1.00 32.31 ? 17  DG  B "O5'" 1 
ATOM   831  C  "C5'" . DG  B 1 17 ? 11.157  14.145  4.628   1.00 33.28 ? 17  DG  B "C5'" 1 
ATOM   832  C  "C4'" . DG  B 1 17 ? 10.149  14.440  5.682   1.00 33.92 ? 17  DG  B "C4'" 1 
ATOM   833  O  "O4'" . DG  B 1 17 ? 10.262  13.401  6.698   1.00 32.88 ? 17  DG  B "O4'" 1 
ATOM   834  C  "C3'" . DG  B 1 17 ? 10.340  15.760  6.436   1.00 34.74 ? 17  DG  B "C3'" 1 
ATOM   835  O  "O3'" . DG  B 1 17 ? 9.079   16.257  6.712   1.00 40.95 ? 17  DG  B "O3'" 1 
ATOM   836  C  "C2'" . DG  B 1 17 ? 10.854  15.369  7.818   1.00 34.96 ? 17  DG  B "C2'" 1 
ATOM   837  C  "C1'" . DG  B 1 17 ? 10.115  14.051  7.947   1.00 29.94 ? 17  DG  B "C1'" 1 
ATOM   838  N  N9    . DG  B 1 17 ? 10.715  13.142  8.899   1.00 30.00 ? 17  DG  B N9    1 
ATOM   839  C  C8    . DG  B 1 17 ? 12.043  12.859  9.096   1.00 27.10 ? 17  DG  B C8    1 
ATOM   840  N  N7    . DG  B 1 17 ? 12.216  11.963  10.036  1.00 27.21 ? 17  DG  B N7    1 
ATOM   841  C  C5    . DG  B 1 17 ? 10.925  11.638  10.462  1.00 27.48 ? 17  DG  B C5    1 
ATOM   842  C  C6    . DG  B 1 17 ? 10.417  10.725  11.428  1.00 24.77 ? 17  DG  B C6    1 
ATOM   843  O  O6    . DG  B 1 17 ? 11.039  9.966   12.173  1.00 26.10 ? 17  DG  B O6    1 
ATOM   844  N  N1    . DG  B 1 17 ? 9.020   10.703  11.519  1.00 23.21 ? 17  DG  B N1    1 
ATOM   845  C  C2    . DG  B 1 17 ? 8.193   11.447  10.728  1.00 23.86 ? 17  DG  B C2    1 
ATOM   846  N  N2    . DG  B 1 17 ? 6.870   11.329  10.917  1.00 28.24 ? 17  DG  B N2    1 
ATOM   847  N  N3    . DG  B 1 17 ? 8.652   12.296  9.821   1.00 27.51 ? 17  DG  B N3    1 
ATOM   848  C  C4    . DG  B 1 17 ? 9.993   12.346  9.746   1.00 26.92 ? 17  DG  B C4    1 
ATOM   849  P  P     . DG  B 1 18 ? 8.622   17.497  5.848   1.00 45.66 ? 18  DG  B P     1 
ATOM   850  O  OP1   . DG  B 1 18 ? 9.210   17.177  4.521   1.00 42.87 ? 18  DG  B OP1   1 
ATOM   851  O  OP2   . DG  B 1 18 ? 9.069   18.714  6.608   1.00 44.58 ? 18  DG  B OP2   1 
ATOM   852  O  "O5'" . DG  B 1 18 ? 7.018   17.563  5.868   1.00 43.35 ? 18  DG  B "O5'" 1 
ATOM   853  C  "C5'" . DG  B 1 18 ? 6.105   16.488  5.973   1.00 40.57 ? 18  DG  B "C5'" 1 
ATOM   854  C  "C4'" . DG  B 1 18 ? 5.371   16.530  7.296   1.00 38.98 ? 18  DG  B "C4'" 1 
ATOM   855  O  "O4'" . DG  B 1 18 ? 6.228   15.986  8.357   1.00 37.95 ? 18  DG  B "O4'" 1 
ATOM   856  C  "C3'" . DG  B 1 18 ? 4.850   17.886  7.799   1.00 39.69 ? 18  DG  B "C3'" 1 
ATOM   857  O  "O3'" . DG  B 1 18 ? 3.511   17.763  8.301   1.00 41.55 ? 18  DG  B "O3'" 1 
ATOM   858  C  "C2'" . DG  B 1 18 ? 5.720   18.192  9.010   1.00 37.81 ? 18  DG  B "C2'" 1 
ATOM   859  C  "C1'" . DG  B 1 18 ? 6.030   16.789  9.521   1.00 36.99 ? 18  DG  B "C1'" 1 
ATOM   860  N  N9    . DG  B 1 18 ? 7.334   16.651  10.072  1.00 36.52 ? 18  DG  B N9    1 
ATOM   861  C  C8    . DG  B 1 18 ? 8.417   17.373  9.616   1.00 37.73 ? 18  DG  B C8    1 
ATOM   862  N  N7    . DG  B 1 18 ? 9.522   17.045  10.201  1.00 38.45 ? 18  DG  B N7    1 
ATOM   863  C  C5    . DG  B 1 18 ? 9.147   16.031  11.095  1.00 37.80 ? 18  DG  B C5    1 
ATOM   864  C  C6    . DG  B 1 18 ? 9.961   15.302  12.012  1.00 37.40 ? 18  DG  B C6    1 
ATOM   865  O  O6    . DG  B 1 18 ? 11.184  15.430  12.213  1.00 36.38 ? 18  DG  B O6    1 
ATOM   866  N  N1    . DG  B 1 18 ? 9.229   14.357  12.722  1.00 33.73 ? 18  DG  B N1    1 
ATOM   867  C  C2    . DG  B 1 18 ? 7.874   14.177  12.590  1.00 30.80 ? 18  DG  B C2    1 
ATOM   868  N  N2    . DG  B 1 18 ? 7.378   13.218  13.389  1.00 25.37 ? 18  DG  B N2    1 
ATOM   869  N  N3    . DG  B 1 18 ? 7.078   14.850  11.740  1.00 31.25 ? 18  DG  B N3    1 
ATOM   870  C  C4    . DG  B 1 18 ? 7.787   15.758  11.014  1.00 34.73 ? 18  DG  B C4    1 
ATOM   871  P  P     . DA  B 1 19 ? 2.213   18.066  7.395   1.00 45.92 ? 19  DA  B P     1 
ATOM   872  O  OP1   . DA  B 1 19 ? 2.696   18.841  6.190   1.00 42.32 ? 19  DA  B OP1   1 
ATOM   873  O  OP2   . DA  B 1 19 ? 1.115   18.499  8.313   1.00 41.02 ? 19  DA  B OP2   1 
ATOM   874  O  "O5'" . DA  B 1 19 ? 1.785   16.609  6.820   1.00 41.22 ? 19  DA  B "O5'" 1 
ATOM   875  C  "C5'" . DA  B 1 19 ? 0.568   16.639  6.071   1.00 34.25 ? 19  DA  B "C5'" 1 
ATOM   876  C  "C4'" . DA  B 1 19 ? 0.143   15.273  5.660   1.00 25.66 ? 19  DA  B "C4'" 1 
ATOM   877  O  "O4'" . DA  B 1 19 ? 1.267   14.671  5.014   1.00 23.98 ? 19  DA  B "O4'" 1 
ATOM   878  C  "C3'" . DA  B 1 19 ? -0.217  14.416  6.848   1.00 20.79 ? 19  DA  B "C3'" 1 
ATOM   879  O  "O3'" . DA  B 1 19 ? -1.599  14.579  6.910   1.00 23.93 ? 19  DA  B "O3'" 1 
ATOM   880  C  "C2'" . DA  B 1 19 ? 0.183   13.030  6.339   1.00 22.16 ? 19  DA  B "C2'" 1 
ATOM   881  C  "C1'" . DA  B 1 19 ? 1.395   13.346  5.495   1.00 22.81 ? 19  DA  B "C1'" 1 
ATOM   882  N  N9    . DA  B 1 19 ? 2.623   13.258  6.267   1.00 24.19 ? 19  DA  B N9    1 
ATOM   883  C  C8    . DA  B 1 19 ? 2.780   13.239  7.632   1.00 20.26 ? 19  DA  B C8    1 
ATOM   884  N  N7    . DA  B 1 19 ? 4.016   13.154  8.026   1.00 22.35 ? 19  DA  B N7    1 
ATOM   885  C  C5    . DA  B 1 19 ? 4.731   13.103  6.835   1.00 23.87 ? 19  DA  B C5    1 
ATOM   886  C  C6    . DA  B 1 19 ? 6.104   13.020  6.533   1.00 24.70 ? 19  DA  B C6    1 
ATOM   887  N  N6    . DA  B 1 19 ? 7.118   12.943  7.422   1.00 22.30 ? 19  DA  B N6    1 
ATOM   888  N  N1    . DA  B 1 19 ? 6.443   12.994  5.217   1.00 28.24 ? 19  DA  B N1    1 
ATOM   889  C  C2    . DA  B 1 19 ? 5.473   13.074  4.282   1.00 24.84 ? 19  DA  B C2    1 
ATOM   890  N  N3    . DA  B 1 19 ? 4.159   13.201  4.458   1.00 22.06 ? 19  DA  B N3    1 
ATOM   891  C  C4    . DA  B 1 19 ? 3.875   13.178  5.757   1.00 22.74 ? 19  DA  B C4    1 
ATOM   892  P  P     . DG  B 1 20 ? -2.366  15.446  8.007   1.00 25.69 ? 20  DG  B P     1 
ATOM   893  O  OP1   . DG  B 1 20 ? -3.825  15.324  7.893   1.00 26.10 ? 20  DG  B OP1   1 
ATOM   894  O  OP2   . DG  B 1 20 ? -1.655  16.765  8.065   1.00 30.39 ? 20  DG  B OP2   1 
ATOM   895  O  "O5'" . DG  B 1 20 ? -1.891  14.697  9.379   1.00 19.35 ? 20  DG  B "O5'" 1 
ATOM   896  C  "C5'" . DG  B 1 20 ? -2.627  13.624  9.909   1.00 17.26 ? 20  DG  B "C5'" 1 
ATOM   897  C  "C4'" . DG  B 1 20 ? -2.200  12.345  9.189   1.00 11.54 ? 20  DG  B "C4'" 1 
ATOM   898  O  "O4'" . DG  B 1 20 ? -0.841  12.046  9.522   1.00 14.34 ? 20  DG  B "O4'" 1 
ATOM   899  C  "C3'" . DG  B 1 20 ? -2.990  11.186  9.793   1.00 14.12 ? 20  DG  B "C3'" 1 
ATOM   900  O  "O3'" . DG  B 1 20 ? -3.650  10.533  8.647   1.00 14.93 ? 20  DG  B "O3'" 1 
ATOM   901  C  "C2'" . DG  B 1 20 ? -1.943  10.247  10.438  1.00 14.80 ? 20  DG  B "C2'" 1 
ATOM   902  C  "C1'" . DG  B 1 20 ? -0.716  10.629  9.626   1.00 12.65 ? 20  DG  B "C1'" 1 
ATOM   903  N  N9    . DG  B 1 20 ? 0.551   10.295  10.222  1.00 14.13 ? 20  DG  B N9    1 
ATOM   904  C  C8    . DG  B 1 20 ? 0.806   10.093  11.571  1.00 16.41 ? 20  DG  B C8    1 
ATOM   905  N  N7    . DG  B 1 20 ? 2.058   9.766   11.821  1.00 15.92 ? 20  DG  B N7    1 
ATOM   906  C  C5    . DG  B 1 20 ? 2.640   9.712   10.575  1.00 13.06 ? 20  DG  B C5    1 
ATOM   907  C  C6    . DG  B 1 20 ? 3.966   9.455   10.211  1.00 5.51  ? 20  DG  B C6    1 
ATOM   908  O  O6    . DG  B 1 20 ? 4.901   9.149   10.988  1.00 2.00  ? 20  DG  B O6    1 
ATOM   909  N  N1    . DG  B 1 20 ? 4.280   9.500   8.871   1.00 14.39 ? 20  DG  B N1    1 
ATOM   910  C  C2    . DG  B 1 20 ? 3.296   9.822   7.949   1.00 9.94  ? 20  DG  B C2    1 
ATOM   911  N  N2    . DG  B 1 20 ? 3.635   9.862   6.624   1.00 10.80 ? 20  DG  B N2    1 
ATOM   912  N  N3    . DG  B 1 20 ? 2.037   10.116  8.264   1.00 11.96 ? 20  DG  B N3    1 
ATOM   913  C  C4    . DG  B 1 20 ? 1.744   10.046  9.577   1.00 13.56 ? 20  DG  B C4    1 
ATOM   914  P  P     . DG  B 1 21 ? -5.003  9.779   8.864   1.00 16.60 ? 21  DG  B P     1 
ATOM   915  O  OP1   . DG  B 1 21 ? -5.761  9.758   7.570   1.00 13.86 ? 21  DG  B OP1   1 
ATOM   916  O  OP2   . DG  B 1 21 ? -5.792  10.300  10.032  1.00 14.09 ? 21  DG  B OP2   1 
ATOM   917  O  "O5'" . DG  B 1 21 ? -4.647  8.256   9.174   1.00 12.74 ? 21  DG  B "O5'" 1 
ATOM   918  C  "C5'" . DG  B 1 21 ? -5.681  7.314   9.729   1.00 10.61 ? 21  DG  B "C5'" 1 
ATOM   919  C  "C4'" . DG  B 1 21 ? -5.030  5.952   9.970   1.00 12.94 ? 21  DG  B "C4'" 1 
ATOM   920  O  "O4'" . DG  B 1 21 ? -4.696  5.355   8.674   1.00 13.39 ? 21  DG  B "O4'" 1 
ATOM   921  C  "C3'" . DG  B 1 21 ? -3.663  5.982   10.633  1.00 11.45 ? 21  DG  B "C3'" 1 
ATOM   922  O  "O3'" . DG  B 1 21 ? -3.940  5.842   11.992  1.00 14.84 ? 21  DG  B "O3'" 1 
ATOM   923  C  "C2'" . DG  B 1 21 ? -2.886  4.775   10.070  1.00 9.19  ? 21  DG  B "C2'" 1 
ATOM   924  C  "C1'" . DG  B 1 21 ? -3.545  4.505   8.723   1.00 7.72  ? 21  DG  B "C1'" 1 
ATOM   925  N  N9    . DG  B 1 21 ? -2.784  4.894   7.515   1.00 9.08  ? 21  DG  B N9    1 
ATOM   926  C  C8    . DG  B 1 21 ? -3.229  5.584   6.385   1.00 9.42  ? 21  DG  B C8    1 
ATOM   927  N  N7    . DG  B 1 21 ? -2.315  5.797   5.456   1.00 10.11 ? 21  DG  B N7    1 
ATOM   928  C  C5    . DG  B 1 21 ? -1.209  5.128   5.982   1.00 10.44 ? 21  DG  B C5    1 
ATOM   929  C  C6    . DG  B 1 21 ? 0.093   4.974   5.471   1.00 9.32  ? 21  DG  B C6    1 
ATOM   930  O  O6    . DG  B 1 21 ? 0.488   5.390   4.423   1.00 9.85  ? 21  DG  B O6    1 
ATOM   931  N  N1    . DG  B 1 21 ? 0.972   4.279   6.280   1.00 9.27  ? 21  DG  B N1    1 
ATOM   932  C  C2    . DG  B 1 21 ? 0.627   3.738   7.518   1.00 9.23  ? 21  DG  B C2    1 
ATOM   933  N  N2    . DG  B 1 21 ? 1.603   3.088   8.178   1.00 9.82  ? 21  DG  B N2    1 
ATOM   934  N  N3    . DG  B 1 21 ? -0.631  3.870   8.025   1.00 11.11 ? 21  DG  B N3    1 
ATOM   935  C  C4    . DG  B 1 21 ? -1.470  4.550   7.234   1.00 10.53 ? 21  DG  B C4    1 
ATOM   936  P  P     . DG  B 1 22 ? -3.173  6.626   13.191  1.00 16.81 ? 22  DG  B P     1 
ATOM   937  O  OP1   . DG  B 1 22 ? -3.845  6.292   14.473  1.00 16.17 ? 22  DG  B OP1   1 
ATOM   938  O  OP2   . DG  B 1 22 ? -2.949  8.028   12.742  1.00 16.08 ? 22  DG  B OP2   1 
ATOM   939  O  "O5'" . DG  B 1 22 ? -1.753  5.914   13.204  1.00 14.20 ? 22  DG  B "O5'" 1 
ATOM   940  C  "C5'" . DG  B 1 22 ? -1.546  4.602   13.675  1.00 13.38 ? 22  DG  B "C5'" 1 
ATOM   941  C  "C4'" . DG  B 1 22 ? -0.054  4.445   13.896  1.00 14.30 ? 22  DG  B "C4'" 1 
ATOM   942  O  "O4'" . DG  B 1 22 ? 0.716   4.503   12.666  1.00 11.85 ? 22  DG  B "O4'" 1 
ATOM   943  C  "C3'" . DG  B 1 22 ? 0.589   5.530   14.781  1.00 10.98 ? 22  DG  B "C3'" 1 
ATOM   944  O  "O3'" . DG  B 1 22 ? 1.628   4.927   15.550  1.00 13.38 ? 22  DG  B "O3'" 1 
ATOM   945  C  "C2'" . DG  B 1 22 ? 1.135   6.621   13.837  1.00 8.50  ? 22  DG  B "C2'" 1 
ATOM   946  C  "C1'" . DG  B 1 22 ? 1.530   5.687   12.652  1.00 9.58  ? 22  DG  B "C1'" 1 
ATOM   947  N  N9    . DG  B 1 22 ? 1.366   6.189   11.289  1.00 11.24 ? 22  DG  B N9    1 
ATOM   948  C  C8    . DG  B 1 22 ? 0.236   6.649   10.709  1.00 12.45 ? 22  DG  B C8    1 
ATOM   949  N  N7    . DG  B 1 22 ? 0.422   6.927   9.425   1.00 11.13 ? 22  DG  B N7    1 
ATOM   950  C  C5    . DG  B 1 22 ? 1.699   6.601   9.161   1.00 11.98 ? 22  DG  B C5    1 
ATOM   951  C  C6    . DG  B 1 22 ? 2.430   6.684   7.969   1.00 11.38 ? 22  DG  B C6    1 
ATOM   952  O  O6    . DG  B 1 22 ? 2.034   7.109   6.862   1.00 11.71 ? 22  DG  B O6    1 
ATOM   953  N  N1    . DG  B 1 22 ? 3.742   6.270   8.114   1.00 11.60 ? 22  DG  B N1    1 
ATOM   954  C  C2    . DG  B 1 22 ? 4.292   5.830   9.281   1.00 11.33 ? 22  DG  B C2    1 
ATOM   955  N  N2    . DG  B 1 22 ? 5.578   5.452   9.244   1.00 10.64 ? 22  DG  B N2    1 
ATOM   956  N  N3    . DG  B 1 22 ? 3.585   5.719   10.413  1.00 10.49 ? 22  DG  B N3    1 
ATOM   957  C  C4    . DG  B 1 22 ? 2.317   6.139   10.292  1.00 14.89 ? 22  DG  B C4    1 
HETATM 958  K  K     . K   C 2 .  ? -0.807  -3.947  -1.739  1.00 9.91  ? 23  K   A K     1 
HETATM 959  K  K     . K   D 2 .  ? -1.413  -6.682  -3.670  1.00 9.26  ? 24  K   A K     1 
HETATM 960  K  K     . K   E 2 .  ? -0.360  -1.018  0.191   1.00 11.39 ? 25  K   A K     1 
HETATM 961  K  K     . K   F 2 .  ? -11.930 -10.863 4.918   1.00 27.26 ? 26  K   A K     1 
HETATM 962  K  K     . K   G 2 .  ? -5.302  2.001   -9.875  1.00 25.56 ? 27  K   A K     1 
HETATM 963  MG MG    . MG  H 3 .  ? -8.055  -3.522  -14.114 1.00 26.55 ? 28  MG  A MG    1 
HETATM 964  MG MG    . MG  I 3 .  ? 5.219   -19.561 -6.422  1.00 22.64 ? 29  MG  A MG    1 
HETATM 965  K  K     . K   J 2 .  ? 2.055   4.308   2.359   1.00 10.23 ? 23  K   B K     1 
HETATM 966  K  K     . K   K 2 .  ? 2.942   7.090   4.301   1.00 11.71 ? 24  K   B K     1 
HETATM 967  K  K     . K   L 2 .  ? -7.099  3.561   8.090   1.00 21.45 ? 25  K   B K     1 
HETATM 968  K  K     . K   M 2 .  ? 10.793  7.298   13.081  0.50 33.62 ? 26  K   B K     1 
HETATM 969  O  O     . HOH N 4 .  ? -9.901  2.797   -9.445  1.00 22.98 ? 30  HOH A O     1 
HETATM 970  O  O     . HOH N 4 .  ? -5.289  -9.542  3.379   1.00 14.24 ? 31  HOH A O     1 
HETATM 971  O  O     . HOH N 4 .  ? 2.445   -3.070  -9.947  1.00 21.64 ? 32  HOH A O     1 
HETATM 972  O  O     . HOH N 4 .  ? -10.726 -4.168  -10.813 1.00 17.93 ? 33  HOH A O     1 
HETATM 973  O  O     . HOH N 4 .  ? -2.506  -8.552  4.943   1.00 22.35 ? 34  HOH A O     1 
HETATM 974  O  O     . HOH N 4 .  ? -11.346 -6.795  -11.194 1.00 17.79 ? 35  HOH A O     1 
HETATM 975  O  O     . HOH N 4 .  ? 3.817   -12.940 -10.775 1.00 20.73 ? 36  HOH A O     1 
HETATM 976  O  O     . HOH N 4 .  ? -5.168  -11.122 -10.694 1.00 17.87 ? 37  HOH A O     1 
HETATM 977  O  O     . HOH N 4 .  ? 6.912   -15.916 -5.769  1.00 15.85 ? 38  HOH A O     1 
HETATM 978  O  O     . HOH N 4 .  ? -0.458  1.521   -8.025  1.00 24.37 ? 39  HOH A O     1 
HETATM 979  O  O     . HOH N 4 .  ? -7.903  0.906   -9.543  1.00 16.23 ? 40  HOH A O     1 
HETATM 980  O  O     . HOH N 4 .  ? -7.485  -1.422  -7.895  1.00 13.87 ? 41  HOH A O     1 
HETATM 981  O  O     . HOH N 4 .  ? -12.436 -1.865  -3.192  1.00 29.23 ? 42  HOH A O     1 
HETATM 982  O  O     . HOH N 4 .  ? -0.109  -14.047 -2.162  1.00 20.90 ? 43  HOH A O     1 
HETATM 983  O  O     . HOH N 4 .  ? 3.900   -2.843  3.577   1.00 14.42 ? 44  HOH A O     1 
HETATM 984  O  O     . HOH N 4 .  ? 2.520   -8.856  -11.431 1.00 29.09 ? 45  HOH A O     1 
HETATM 985  O  O     . HOH N 4 .  ? -13.923 -16.180 12.379  1.00 24.59 ? 46  HOH A O     1 
HETATM 986  O  O     . HOH N 4 .  ? 1.033   1.425   -0.168  1.00 13.29 ? 47  HOH A O     1 
HETATM 987  O  O     . HOH N 4 .  ? -9.351  -0.978  -11.359 1.00 25.50 ? 48  HOH A O     1 
HETATM 988  O  O     . HOH N 4 .  ? -5.479  6.707   -3.938  1.00 21.15 ? 49  HOH A O     1 
HETATM 989  O  O     . HOH N 4 .  ? -8.852  -2.108  -1.908  1.00 19.00 ? 50  HOH A O     1 
HETATM 990  O  O     . HOH N 4 .  ? -7.825  -10.725 0.391   1.00 26.67 ? 51  HOH A O     1 
HETATM 991  O  O     . HOH N 4 .  ? -9.027  -12.685 -11.593 0.50 9.63  ? 52  HOH A O     1 
HETATM 992  O  O     . HOH N 4 .  ? -3.392  2.143   -7.742  1.00 16.41 ? 53  HOH A O     1 
HETATM 993  O  O     . HOH N 4 .  ? 6.595   -10.214 -7.646  1.00 27.08 ? 54  HOH A O     1 
HETATM 994  O  O     . HOH N 4 .  ? 5.037   -8.214  -9.492  1.00 23.42 ? 55  HOH A O     1 
HETATM 995  O  O     . HOH N 4 .  ? -1.785  -13.808 -9.133  1.00 23.95 ? 56  HOH A O     1 
HETATM 996  O  O     . HOH N 4 .  ? -11.205 -1.789  -0.402  1.00 26.36 ? 57  HOH A O     1 
HETATM 997  O  O     . HOH N 4 .  ? -8.800  -2.973  1.445   1.00 15.53 ? 58  HOH A O     1 
HETATM 998  O  O     . HOH N 4 .  ? -6.094  -3.735  -14.619 1.00 16.54 ? 61  HOH A O     1 
HETATM 999  O  O     . HOH N 4 .  ? -8.470  -5.918  -14.283 1.00 16.40 ? 62  HOH A O     1 
HETATM 1000 O  O     . HOH N 4 .  ? -10.044 -3.571  -13.418 1.00 22.51 ? 63  HOH A O     1 
HETATM 1001 O  O     . HOH N 4 .  ? -8.808  -3.323  -16.152 1.00 16.66 ? 64  HOH A O     1 
HETATM 1002 O  O     . HOH N 4 .  ? -8.346  -1.508  -13.917 1.00 23.27 ? 65  HOH A O     1 
HETATM 1003 O  O     . HOH N 4 .  ? 5.898   -19.016 -8.400  1.00 16.84 ? 66  HOH A O     1 
HETATM 1004 O  O     . HOH N 4 .  ? 4.051   -20.901 -7.884  1.00 28.21 ? 67  HOH A O     1 
HETATM 1005 O  O     . HOH N 4 .  ? 4.176   -20.625 -4.906  1.00 23.90 ? 68  HOH A O     1 
HETATM 1006 O  O     . HOH N 4 .  ? 6.160   -18.306 -5.154  1.00 24.65 ? 69  HOH A O     1 
HETATM 1007 O  O     . HOH N 4 .  ? -1.480  -14.884 0.098   1.00 31.93 ? 70  HOH A O     1 
HETATM 1008 O  O     . HOH N 4 .  ? 6.204   -9.014  -0.251  1.00 20.52 ? 71  HOH A O     1 
HETATM 1009 O  O     . HOH N 4 .  ? -5.883  -7.703  -14.182 0.50 14.23 ? 72  HOH A O     1 
HETATM 1010 O  O     . HOH N 4 .  ? -3.882  -6.268  -15.267 0.50 17.12 ? 73  HOH A O     1 
HETATM 1011 O  O     . HOH N 4 .  ? -11.448 -9.411  7.222   1.00 25.61 ? 74  HOH A O     1 
HETATM 1012 O  O     . HOH N 4 .  ? -10.882 -11.896 2.590   1.00 32.81 ? 75  HOH A O     1 
HETATM 1013 O  O     . HOH N 4 .  ? -1.647  -22.674 -6.927  1.00 31.53 ? 82  HOH A O     1 
HETATM 1014 O  O     . HOH N 4 .  ? -12.179 -7.289  5.317   1.00 33.77 ? 83  HOH A O     1 
HETATM 1015 O  O     . HOH N 4 .  ? -10.928 -5.474  7.537   1.00 32.13 ? 84  HOH A O     1 
HETATM 1016 O  O     . HOH N 4 .  ? -6.025  1.724   -12.567 1.00 33.59 ? 85  HOH A O     1 
HETATM 1017 O  O     . HOH N 4 .  ? -2.941  2.235   -11.264 1.00 31.56 ? 86  HOH A O     1 
HETATM 1018 O  O     . HOH N 4 .  ? 1.352   3.606   -11.774 1.00 37.51 ? 87  HOH A O     1 
HETATM 1019 O  O     . HOH N 4 .  ? -10.400 -14.424 -13.483 1.00 23.25 ? 88  HOH A O     1 
HETATM 1020 O  O     . HOH N 4 .  ? 0.075   -14.991 -12.947 1.00 27.52 ? 89  HOH A O     1 
HETATM 1021 O  O     . HOH N 4 .  ? -7.722  7.165   -4.798  1.00 29.38 ? 95  HOH A O     1 
HETATM 1022 O  O     . HOH N 4 .  ? -9.945  -11.459 10.913  1.00 24.46 ? 96  HOH A O     1 
HETATM 1023 O  O     . HOH N 4 .  ? -4.858  -14.448 -12.123 1.00 30.51 ? 98  HOH A O     1 
HETATM 1024 O  O     . HOH N 4 .  ? -11.880 -0.542  -12.077 1.00 26.47 ? 99  HOH A O     1 
HETATM 1025 O  O     . HOH N 4 .  ? -8.614  -13.804 0.750   1.00 32.67 ? 100 HOH A O     1 
HETATM 1026 O  O     . HOH N 4 .  ? 3.119   -12.739 0.409   0.50 21.64 ? 105 HOH A O     1 
HETATM 1027 O  O     . HOH N 4 .  ? 7.286   -5.553  -2.012  1.00 31.01 ? 107 HOH A O     1 
HETATM 1028 O  O     . HOH N 4 .  ? -10.772 5.066   -6.427  1.00 33.21 ? 108 HOH A O     1 
HETATM 1029 O  O     . HOH N 4 .  ? -6.786  -12.598 -3.104  1.00 26.58 ? 112 HOH A O     1 
HETATM 1030 O  O     . HOH N 4 .  ? -8.400  -11.584 -12.971 0.50 20.03 ? 113 HOH A O     1 
HETATM 1031 O  O     . HOH N 4 .  ? 5.495   -3.225  5.692   1.00 31.27 ? 114 HOH A O     1 
HETATM 1032 O  O     . HOH N 4 .  ? 3.052   -23.121 -7.999  1.00 34.72 ? 115 HOH A O     1 
HETATM 1033 O  O     . HOH N 4 .  ? 7.576   -2.065  -3.748  1.00 32.83 ? 118 HOH A O     1 
HETATM 1034 O  O     . HOH N 4 .  ? 3.657   -23.788 -5.241  1.00 34.50 ? 119 HOH A O     1 
HETATM 1035 O  O     . HOH N 4 .  ? 4.350   -5.435  -9.426  1.00 31.77 ? 121 HOH A O     1 
HETATM 1036 O  O     . HOH N 4 .  ? 3.170   -14.858 1.967   1.00 41.33 ? 122 HOH A O     1 
HETATM 1037 O  O     . HOH N 4 .  ? -14.377 -2.176  -5.081  1.00 34.93 ? 124 HOH A O     1 
HETATM 1038 O  O     . HOH N 4 .  ? -5.568  5.902   -11.691 1.00 37.85 ? 125 HOH A O     1 
HETATM 1039 O  O     . HOH N 4 .  ? -12.374 5.235   -8.795  1.00 31.99 ? 127 HOH A O     1 
HETATM 1040 O  O     . HOH N 4 .  ? 13.414  -4.392  3.757   1.00 51.47 ? 128 HOH A O     1 
HETATM 1041 O  O     . HOH N 4 .  ? -3.940  4.151   -13.158 1.00 37.25 ? 129 HOH A O     1 
HETATM 1042 O  O     . HOH N 4 .  ? 9.596   -8.363  -9.526  1.00 33.33 ? 130 HOH A O     1 
HETATM 1043 O  O     . HOH N 4 .  ? 7.628   -7.141  0.800   1.00 26.06 ? 131 HOH A O     1 
HETATM 1044 O  O     . HOH N 4 .  ? -10.350 -10.197 -12.973 0.50 26.17 ? 132 HOH A O     1 
HETATM 1045 O  O     . HOH N 4 .  ? 9.082   -17.531 -0.819  1.00 38.59 ? 138 HOH A O     1 
HETATM 1046 O  O     . HOH N 4 .  ? -12.376 -8.570  -7.958  1.00 32.07 ? 139 HOH A O     1 
HETATM 1047 O  O     . HOH N 4 .  ? 10.635  -19.085 -3.233  1.00 33.56 ? 140 HOH A O     1 
HETATM 1048 O  O     . HOH N 4 .  ? -17.625 5.337   -8.329  1.00 39.55 ? 141 HOH A O     1 
HETATM 1049 O  O     . HOH N 4 .  ? -12.400 4.086   -4.509  1.00 38.19 ? 142 HOH A O     1 
HETATM 1050 O  O     . HOH N 4 .  ? 7.873   -18.762 -3.358  1.00 36.29 ? 143 HOH A O     1 
HETATM 1051 O  O     . HOH N 4 .  ? -3.234  -22.070 -3.861  1.00 36.06 ? 149 HOH A O     1 
HETATM 1052 O  O     . HOH N 4 .  ? -0.192  -22.107 -3.561  1.00 36.12 ? 150 HOH A O     1 
HETATM 1053 O  O     . HOH N 4 .  ? 1.041   -21.896 -5.684  1.00 32.53 ? 151 HOH A O     1 
HETATM 1054 O  O     . HOH N 4 .  ? -8.274  -17.865 5.778   1.00 36.20 ? 154 HOH A O     1 
HETATM 1055 O  O     . HOH N 4 .  ? -3.014  -16.793 0.070   1.00 36.43 ? 155 HOH A O     1 
HETATM 1056 O  O     . HOH N 4 .  ? -5.813  -17.268 0.726   1.00 28.35 ? 156 HOH A O     1 
HETATM 1057 O  O     . HOH N 4 .  ? -6.203  -19.795 1.041   1.00 32.31 ? 157 HOH A O     1 
HETATM 1058 O  O     . HOH N 4 .  ? -7.691  3.826   -12.345 1.00 36.80 ? 165 HOH A O     1 
HETATM 1059 O  O     . HOH N 4 .  ? -0.369  0.795   -11.997 1.00 31.55 ? 166 HOH A O     1 
HETATM 1060 O  O     . HOH N 4 .  ? 10.092  -10.202 0.295   1.00 41.58 ? 169 HOH A O     1 
HETATM 1061 O  O     . HOH N 4 .  ? -4.742  -15.617 -1.690  1.00 40.80 ? 171 HOH A O     1 
HETATM 1062 O  O     . HOH N 4 .  ? -15.888 1.566   -5.064  1.00 37.43 ? 173 HOH A O     1 
HETATM 1063 O  O     . HOH N 4 .  ? 0.015   -17.006 -14.900 1.00 34.55 ? 175 HOH A O     1 
HETATM 1064 O  O     . HOH N 4 .  ? -10.654 -9.442  -4.840  1.00 34.26 ? 177 HOH A O     1 
HETATM 1065 O  O     . HOH N 4 .  ? -15.066 -6.223  -5.787  1.00 37.75 ? 178 HOH A O     1 
HETATM 1066 O  O     . HOH N 4 .  ? -8.779  -17.034 -10.638 1.00 36.89 ? 179 HOH A O     1 
HETATM 1067 O  O     . HOH N 4 .  ? -10.274 -16.834 -12.774 1.00 43.69 ? 180 HOH A O     1 
HETATM 1068 O  O     . HOH N 4 .  ? -2.127  -15.154 -11.453 1.00 45.08 ? 184 HOH A O     1 
HETATM 1069 O  O     . HOH N 4 .  ? 0.648   -13.974 0.523   1.00 42.13 ? 185 HOH A O     1 
HETATM 1070 O  O     . HOH N 4 .  ? 5.638   -19.881 -1.731  1.00 43.87 ? 186 HOH A O     1 
HETATM 1071 O  O     . HOH N 4 .  ? -11.812 -12.440 -8.139  1.00 35.90 ? 187 HOH A O     1 
HETATM 1072 O  O     . HOH N 4 .  ? -4.991  -1.714  -16.509 0.50 9.63  ? 188 HOH A O     1 
HETATM 1073 O  O     . HOH N 4 .  ? -6.466  -0.201  -14.666 1.00 30.12 ? 189 HOH A O     1 
HETATM 1074 O  O     . HOH N 4 .  ? -7.268  -0.342  -17.922 1.00 29.27 ? 190 HOH A O     1 
HETATM 1075 O  O     . HOH N 4 .  ? -6.597  -2.088  -16.161 0.50 14.48 ? 192 HOH A O     1 
HETATM 1076 O  O     . HOH N 4 .  ? 4.124   -11.222 0.624   0.50 17.57 ? 193 HOH A O     1 
HETATM 1077 O  O     . HOH N 4 .  ? 8.544   -13.744 1.184   1.00 37.43 ? 194 HOH A O     1 
HETATM 1078 O  O     . HOH N 4 .  ? 11.874  -12.529 -2.800  1.00 39.55 ? 195 HOH A O     1 
HETATM 1079 O  O     . HOH N 4 .  ? -11.735 -10.402 -0.930  1.00 41.69 ? 196 HOH A O     1 
HETATM 1080 O  O     . HOH N 4 .  ? -9.179  -10.749 -2.815  1.00 38.47 ? 197 HOH A O     1 
HETATM 1081 O  O     . HOH N 4 .  ? 3.140   -23.183 -1.490  1.00 41.23 ? 199 HOH A O     1 
HETATM 1082 O  O     . HOH N 4 .  ? -9.153  -17.601 3.283   1.00 36.92 ? 201 HOH A O     1 
HETATM 1083 O  O     . HOH N 4 .  ? 6.821   1.399   -4.385  1.00 40.48 ? 204 HOH A O     1 
HETATM 1084 O  O     . HOH N 4 .  ? -1.433  13.466  -7.479  1.00 17.68 ? 205 HOH A O     1 
HETATM 1085 O  O     . HOH N 4 .  ? -3.175  15.196  -6.840  1.00 28.80 ? 206 HOH A O     1 
HETATM 1086 O  O     . HOH N 4 .  ? 0.585   12.345  -9.257  1.00 36.57 ? 207 HOH A O     1 
HETATM 1087 O  O     . HOH N 4 .  ? -10.282 3.076   -1.411  1.00 14.60 ? 208 HOH A O     1 
HETATM 1088 O  O     . HOH N 4 .  ? 6.205   -12.781 -8.284  1.00 21.47 ? 209 HOH A O     1 
HETATM 1089 O  O     . HOH N 4 .  ? -8.510  -2.095  -5.344  1.00 11.02 ? 211 HOH A O     1 
HETATM 1090 O  O     . HOH N 4 .  ? -5.539  -15.222 7.266   1.00 25.87 ? 214 HOH A O     1 
HETATM 1091 O  O     . HOH O 4 .  ? -11.849 3.096   0.950   1.00 30.88 ? 215 HOH B O     1 
HETATM 1092 O  O     . HOH O 4 .  ? -13.234 5.337   2.071   1.00 28.78 ? 28  HOH B O     1 
HETATM 1093 O  O     . HOH O 4 .  ? 7.832   -1.009  5.870   1.00 27.09 ? 29  HOH B O     1 
HETATM 1094 O  O     . HOH O 4 .  ? 4.016   -5.086  6.669   1.00 15.73 ? 30  HOH B O     1 
HETATM 1095 O  O     . HOH O 4 .  ? 9.554   1.256   5.075   1.00 24.35 ? 31  HOH B O     1 
HETATM 1096 O  O     . HOH O 4 .  ? 10.643  3.411   3.271   1.00 27.06 ? 32  HOH B O     1 
HETATM 1097 O  O     . HOH O 4 .  ? -4.644  3.007   -1.375  1.00 14.39 ? 33  HOH B O     1 
HETATM 1098 O  O     . HOH O 4 .  ? 5.985   8.460   -3.954  1.00 27.32 ? 34  HOH B O     1 
HETATM 1099 O  O     . HOH O 4 .  ? 0.255   -1.979  14.279  1.00 25.86 ? 35  HOH B O     1 
HETATM 1100 O  O     . HOH O 4 .  ? -5.934  5.371   -1.489  1.00 15.03 ? 36  HOH B O     1 
HETATM 1101 O  O     . HOH O 4 .  ? 5.111   -3.369  13.911  1.00 20.77 ? 37  HOH B O     1 
HETATM 1102 O  O     . HOH O 4 .  ? -10.679 12.576  2.041   1.00 24.25 ? 38  HOH B O     1 
HETATM 1103 O  O     . HOH O 4 .  ? -5.297  9.586   12.665  1.00 16.96 ? 39  HOH B O     1 
HETATM 1104 O  O     . HOH O 4 .  ? -2.397  6.682   16.865  1.00 20.40 ? 40  HOH B O     1 
HETATM 1105 O  O     . HOH O 4 .  ? -12.141 6.860   0.035   1.00 23.00 ? 41  HOH B O     1 
HETATM 1106 O  O     . HOH O 4 .  ? -5.814  16.435  6.447   1.00 24.58 ? 42  HOH B O     1 
HETATM 1107 O  O     . HOH O 4 .  ? 0.248   3.089   17.293  1.00 31.74 ? 43  HOH B O     1 
HETATM 1108 O  O     . HOH O 4 .  ? 11.291  7.664   2.380   1.00 22.98 ? 44  HOH B O     1 
HETATM 1109 O  O     . HOH O 4 .  ? -5.694  8.364   3.254   1.00 12.51 ? 45  HOH B O     1 
HETATM 1110 O  O     . HOH O 4 .  ? -0.403  -7.288  6.494   1.00 32.64 ? 46  HOH B O     1 
HETATM 1111 O  O     . HOH O 4 .  ? -4.749  7.964   0.013   1.00 19.61 ? 47  HOH B O     1 
HETATM 1112 O  O     . HOH O 4 .  ? -2.153  0.932   0.336   1.00 10.26 ? 48  HOH B O     1 
HETATM 1113 O  O     . HOH O 4 .  ? 8.454   -0.498  14.270  1.00 23.05 ? 49  HOH B O     1 
HETATM 1114 O  O     . HOH O 4 .  ? -1.372  9.909   14.064  1.00 19.88 ? 50  HOH B O     1 
HETATM 1115 O  O     . HOH O 4 .  ? -12.053 7.865   7.766   1.00 14.22 ? 51  HOH B O     1 
HETATM 1116 O  O     . HOH O 4 .  ? -1.536  1.441   9.320   1.00 22.32 ? 52  HOH B O     1 
HETATM 1117 O  O     . HOH O 4 .  ? -10.780 6.042   6.521   1.00 28.48 ? 53  HOH B O     1 
HETATM 1118 O  O     . HOH O 4 .  ? -11.343 1.029   2.748   1.00 29.09 ? 54  HOH B O     1 
HETATM 1119 O  O     . HOH O 4 .  ? -11.874 5.108   4.368   1.00 21.45 ? 56  HOH B O     1 
HETATM 1120 O  O     . HOH O 4 .  ? 1.901   13.738  -0.933  1.00 27.49 ? 58  HOH B O     1 
HETATM 1121 O  O     . HOH O 4 .  ? 3.863   10.933  -3.088  1.00 24.78 ? 59  HOH B O     1 
HETATM 1122 O  O     . HOH O 4 .  ? 8.678   11.466  4.032   1.00 23.60 ? 60  HOH B O     1 
HETATM 1123 O  O     . HOH O 4 .  ? -5.032  2.427   6.614   1.00 13.29 ? 76  HOH B O     1 
HETATM 1124 O  O     . HOH O 4 .  ? -5.818  2.583   10.753  1.00 28.14 ? 77  HOH B O     1 
HETATM 1125 O  O     . HOH O 4 .  ? -8.136  6.388   7.021   1.00 16.50 ? 78  HOH B O     1 
HETATM 1126 O  O     . HOH O 4 .  ? -5.940  7.678   5.952   1.00 13.14 ? 79  HOH B O     1 
HETATM 1127 O  O     . HOH O 4 .  ? -8.216  4.616   10.504  1.00 35.93 ? 80  HOH B O     1 
HETATM 1128 O  O     . HOH O 4 .  ? -10.777 3.883   8.571   1.00 30.70 ? 81  HOH B O     1 
HETATM 1129 O  O     . HOH O 4 .  ? 9.129   6.879   15.645  1.00 26.76 ? 90  HOH B O     1 
HETATM 1130 O  O     . HOH O 4 .  ? 7.150   5.759   16.125  1.00 23.29 ? 91  HOH B O     1 
HETATM 1131 O  O     . HOH O 4 .  ? -2.091  15.035  2.871   1.00 30.77 ? 92  HOH B O     1 
HETATM 1132 O  O     . HOH O 4 .  ? -8.484  15.983  3.760   1.00 34.65 ? 93  HOH B O     1 
HETATM 1133 O  O     . HOH O 4 .  ? 8.074   3.644   -3.996  1.00 33.59 ? 94  HOH B O     1 
HETATM 1134 O  O     . HOH O 4 .  ? -16.690 14.374  3.908   1.00 29.50 ? 97  HOH B O     1 
HETATM 1135 O  O     . HOH O 4 .  ? 12.659  10.868  13.944  1.00 19.91 ? 101 HOH B O     1 
HETATM 1136 O  O     . HOH O 4 .  ? 10.694  3.893   13.672  1.00 22.14 ? 102 HOH B O     1 
HETATM 1137 O  O     . HOH O 4 .  ? 7.987   2.824   15.308  1.00 29.75 ? 104 HOH B O     1 
HETATM 1138 O  O     . HOH O 4 .  ? 3.904   3.825   14.346  0.50 17.32 ? 106 HOH B O     1 
HETATM 1139 O  O     . HOH O 4 .  ? -14.454 5.363   5.783   1.00 35.02 ? 109 HOH B O     1 
HETATM 1140 O  O     . HOH O 4 .  ? 13.471  8.555   11.837  0.50 28.22 ? 111 HOH B O     1 
HETATM 1141 O  O     . HOH O 4 .  ? -4.671  -1.335  11.203  1.00 28.45 ? 116 HOH B O     1 
HETATM 1142 O  O     . HOH O 4 .  ? 2.794   15.308  2.509   1.00 33.49 ? 117 HOH B O     1 
HETATM 1143 O  O     . HOH O 4 .  ? -12.685 2.043   6.474   1.00 37.84 ? 120 HOH B O     1 
HETATM 1144 O  O     . HOH O 4 .  ? -9.891  0.141   9.171   1.00 31.55 ? 123 HOH B O     1 
HETATM 1145 O  O     . HOH O 4 .  ? -12.827 -1.136  5.781   1.00 40.05 ? 126 HOH B O     1 
HETATM 1146 O  O     . HOH O 4 .  ? -3.229  1.426   11.766  1.00 28.17 ? 133 HOH B O     1 
HETATM 1147 O  O     . HOH O 4 .  ? -10.676 -2.424  2.999   1.00 32.76 ? 134 HOH B O     1 
HETATM 1148 O  O     . HOH O 4 .  ? -13.004 -4.187  2.622   1.00 27.91 ? 135 HOH B O     1 
HETATM 1149 O  O     . HOH O 4 .  ? 10.840  12.640  14.453  1.00 27.61 ? 136 HOH B O     1 
HETATM 1150 O  O     . HOH O 4 .  ? -0.252  -0.061  10.883  1.00 37.23 ? 145 HOH B O     1 
HETATM 1151 O  O     . HOH O 4 .  ? 2.071   -5.959  13.206  1.00 33.30 ? 146 HOH B O     1 
HETATM 1152 O  O     . HOH O 4 .  ? 11.571  6.429   10.883  1.00 30.14 ? 147 HOH B O     1 
HETATM 1153 O  O     . HOH O 4 .  ? 13.755  12.062  12.250  1.00 31.82 ? 148 HOH B O     1 
HETATM 1154 O  O     . HOH O 4 .  ? 5.333   13.293  10.246  1.00 32.54 ? 152 HOH B O     1 
HETATM 1155 O  O     . HOH O 4 .  ? 13.603  -0.411  -3.307  1.00 36.52 ? 153 HOH B O     1 
HETATM 1156 O  O     . HOH O 4 .  ? 22.636  -4.862  9.876   1.00 43.10 ? 158 HOH B O     1 
HETATM 1157 O  O     . HOH O 4 .  ? 14.492  8.740   -1.056  1.00 40.73 ? 159 HOH B O     1 
HETATM 1158 O  O     . HOH O 4 .  ? -8.803  5.735   -1.887  1.00 27.79 ? 160 HOH B O     1 
HETATM 1159 O  O     . HOH O 4 .  ? 7.137   21.181  7.671   1.00 32.62 ? 161 HOH B O     1 
HETATM 1160 O  O     . HOH O 4 .  ? 2.649   20.386  10.971  1.00 44.03 ? 162 HOH B O     1 
HETATM 1161 O  O     . HOH O 4 .  ? 8.198   18.730  -5.880  1.00 40.71 ? 163 HOH B O     1 
HETATM 1162 O  O     . HOH O 4 .  ? -14.048 2.085   8.460   1.00 29.84 ? 164 HOH B O     1 
HETATM 1163 O  O     . HOH O 4 .  ? 9.879   11.235  1.910   1.00 37.32 ? 167 HOH B O     1 
HETATM 1164 O  O     . HOH O 4 .  ? 3.718   16.375  -1.050  1.00 35.38 ? 168 HOH B O     1 
HETATM 1165 O  O     . HOH O 4 .  ? -7.446  -3.369  8.299   1.00 53.45 ? 170 HOH B O     1 
HETATM 1166 O  O     . HOH O 4 .  ? -13.977 -2.128  8.681   1.00 37.53 ? 172 HOH B O     1 
HETATM 1167 O  O     . HOH O 4 .  ? 4.930   -9.489  11.206  1.00 40.49 ? 174 HOH B O     1 
HETATM 1168 O  O     . HOH O 4 .  ? -6.044  10.080  -2.157  1.00 32.32 ? 176 HOH B O     1 
HETATM 1169 O  O     . HOH O 4 .  ? -5.264  4.085   14.897  1.00 40.75 ? 181 HOH B O     1 
HETATM 1170 O  O     . HOH O 4 .  ? -7.191  16.624  1.610   1.00 40.18 ? 182 HOH B O     1 
HETATM 1171 O  O     . HOH O 4 .  ? -8.530  15.227  -0.187  1.00 43.01 ? 183 HOH B O     1 
HETATM 1172 O  O     . HOH O 4 .  ? -3.394  18.669  5.719   1.00 37.92 ? 191 HOH B O     1 
HETATM 1173 O  O     . HOH O 4 .  ? 4.090   7.154   -10.056 1.00 38.96 ? 198 HOH B O     1 
HETATM 1174 O  O     . HOH O 4 .  ? 0.766   13.651  11.080  1.00 44.80 ? 200 HOH B O     1 
HETATM 1175 O  O     . HOH O 4 .  ? 2.487   -6.091  8.791   1.00 48.20 ? 202 HOH B O     1 
HETATM 1176 O  O     . HOH O 4 .  ? 10.926  -1.753  -2.042  1.00 41.07 ? 203 HOH B O     1 
HETATM 1177 O  O     . HOH O 4 .  ? -3.013  8.130   -3.616  1.00 18.00 ? 210 HOH B O     1 
HETATM 1178 O  O     . HOH O 4 .  ? 1.285   2.193   11.080  1.00 15.71 ? 212 HOH B O     1 
HETATM 1179 O  O     . HOH O 4 .  ? 4.066   2.469   11.001  1.00 22.62 ? 213 HOH B O     1 
# 
loop_
_pdbx_poly_seq_scheme.asym_id 
_pdbx_poly_seq_scheme.entity_id 
_pdbx_poly_seq_scheme.seq_id 
_pdbx_poly_seq_scheme.mon_id 
_pdbx_poly_seq_scheme.ndb_seq_num 
_pdbx_poly_seq_scheme.pdb_seq_num 
_pdbx_poly_seq_scheme.auth_seq_num 
_pdbx_poly_seq_scheme.pdb_mon_id 
_pdbx_poly_seq_scheme.auth_mon_id 
_pdbx_poly_seq_scheme.pdb_strand_id 
_pdbx_poly_seq_scheme.pdb_ins_code 
_pdbx_poly_seq_scheme.hetero 
A 1 1  DA  1  1  1  DA  DA  A . n 
A 1 2  DG  2  2  2  DG  DG  A . n 
A 1 3  DG  3  3  3  DG  DG  A . n 
A 1 4  DG  4  4  4  DG  DG  A . n 
A 1 5  DA  5  5  5  DA  DA  A . n 
A 1 6  DG  6  6  6  DG  DG  A . n 
A 1 7  DG  7  7  7  DG  DG  A . n 
A 1 8  DG  8  8  8  DG  DG  A . n 
A 1 9  DC  9  9  9  DC  DC  A . n 
A 1 10 DG  10 10 10 DG  DG  A . n 
A 1 11 DC  11 11 11 DC  DC  A . n 
A 1 12 BRU 12 12 12 BRU BRU A . n 
A 1 13 DG  13 13 13 DG  DG  A . n 
A 1 14 DG  14 14 14 DG  DG  A . n 
A 1 15 DG  15 15 15 DG  DG  A . n 
A 1 16 DA  16 16 16 DA  DA  A . n 
A 1 17 DG  17 17 17 DG  DG  A . n 
A 1 18 DG  18 18 18 DG  DG  A . n 
A 1 19 DA  19 19 19 DA  DA  A . n 
A 1 20 DG  20 20 20 DG  DG  A . n 
A 1 21 DG  21 21 21 DG  DG  A . n 
A 1 22 DG  22 22 22 DG  DG  A . n 
B 1 1  DA  1  1  1  DA  DA  B . n 
B 1 2  DG  2  2  2  DG  DG  B . n 
B 1 3  DG  3  3  3  DG  DG  B . n 
B 1 4  DG  4  4  4  DG  DG  B . n 
B 1 5  DA  5  5  5  DA  DA  B . n 
B 1 6  DG  6  6  6  DG  DG  B . n 
B 1 7  DG  7  7  7  DG  DG  B . n 
B 1 8  DG  8  8  8  DG  DG  B . n 
B 1 9  DC  9  9  9  DC  DC  B . n 
B 1 10 DG  10 10 10 DG  DG  B . n 
B 1 11 DC  11 11 11 DC  DC  B . n 
B 1 12 BRU 12 12 12 BRU BRU B . n 
B 1 13 DG  13 13 13 DG  DG  B . n 
B 1 14 DG  14 14 14 DG  DG  B . n 
B 1 15 DG  15 15 15 DG  DG  B . n 
B 1 16 DA  16 16 16 DA  DA  B . n 
B 1 17 DG  17 17 17 DG  DG  B . n 
B 1 18 DG  18 18 18 DG  DG  B . n 
B 1 19 DA  19 19 19 DA  DA  B . n 
B 1 20 DG  20 20 20 DG  DG  B . n 
B 1 21 DG  21 21 21 DG  DG  B . n 
B 1 22 DG  22 22 22 DG  DG  B . n 
# 
loop_
_pdbx_nonpoly_scheme.asym_id 
_pdbx_nonpoly_scheme.entity_id 
_pdbx_nonpoly_scheme.mon_id 
_pdbx_nonpoly_scheme.ndb_seq_num 
_pdbx_nonpoly_scheme.pdb_seq_num 
_pdbx_nonpoly_scheme.auth_seq_num 
_pdbx_nonpoly_scheme.pdb_mon_id 
_pdbx_nonpoly_scheme.auth_mon_id 
_pdbx_nonpoly_scheme.pdb_strand_id 
_pdbx_nonpoly_scheme.pdb_ins_code 
C 2 K   1   23  23  K   K   A . 
D 2 K   1   24  24  K   K   A . 
E 2 K   1   25  25  K   K   A . 
F 2 K   1   26  26  K   K   A . 
G 2 K   1   27  27  K   K   A . 
H 3 MG  1   28  28  MG  MG  A . 
I 3 MG  1   29  29  MG  MG  A . 
J 2 K   1   23  23  K   K   B . 
K 2 K   1   24  24  K   K   B . 
L 2 K   1   25  25  K   K   B . 
M 2 K   1   26  26  K   K   B . 
N 4 HOH 1   30  30  HOH HOH A . 
N 4 HOH 2   31  31  HOH HOH A . 
N 4 HOH 3   32  32  HOH HOH A . 
N 4 HOH 4   33  33  HOH HOH A . 
N 4 HOH 5   34  34  HOH HOH A . 
N 4 HOH 6   35  35  HOH HOH A . 
N 4 HOH 7   36  36  HOH HOH A . 
N 4 HOH 8   37  37  HOH HOH A . 
N 4 HOH 9   38  38  HOH HOH A . 
N 4 HOH 10  39  39  HOH HOH A . 
N 4 HOH 11  40  40  HOH HOH A . 
N 4 HOH 12  41  41  HOH HOH A . 
N 4 HOH 13  42  42  HOH HOH A . 
N 4 HOH 14  43  43  HOH HOH A . 
N 4 HOH 15  44  44  HOH HOH A . 
N 4 HOH 16  45  45  HOH HOH A . 
N 4 HOH 17  46  46  HOH HOH A . 
N 4 HOH 18  47  47  HOH HOH A . 
N 4 HOH 19  48  48  HOH HOH A . 
N 4 HOH 20  49  49  HOH HOH A . 
N 4 HOH 21  50  50  HOH HOH A . 
N 4 HOH 22  51  51  HOH HOH A . 
N 4 HOH 23  52  52  HOH HOH A . 
N 4 HOH 24  53  53  HOH HOH A . 
N 4 HOH 25  54  54  HOH HOH A . 
N 4 HOH 26  55  55  HOH HOH A . 
N 4 HOH 27  56  56  HOH HOH A . 
N 4 HOH 28  57  57  HOH HOH A . 
N 4 HOH 29  58  58  HOH HOH A . 
N 4 HOH 30  61  61  HOH HOH A . 
N 4 HOH 31  62  62  HOH HOH A . 
N 4 HOH 32  63  63  HOH HOH A . 
N 4 HOH 33  64  64  HOH HOH A . 
N 4 HOH 34  65  65  HOH HOH A . 
N 4 HOH 35  66  66  HOH HOH A . 
N 4 HOH 36  67  67  HOH HOH A . 
N 4 HOH 37  68  68  HOH HOH A . 
N 4 HOH 38  69  69  HOH HOH A . 
N 4 HOH 39  70  70  HOH HOH A . 
N 4 HOH 40  71  71  HOH HOH A . 
N 4 HOH 41  72  72  HOH HOH A . 
N 4 HOH 42  73  73  HOH HOH A . 
N 4 HOH 43  74  74  HOH HOH A . 
N 4 HOH 44  75  75  HOH HOH A . 
N 4 HOH 45  82  82  HOH HOH A . 
N 4 HOH 46  83  83  HOH HOH A . 
N 4 HOH 47  84  84  HOH HOH A . 
N 4 HOH 48  85  85  HOH HOH A . 
N 4 HOH 49  86  86  HOH HOH A . 
N 4 HOH 50  87  87  HOH HOH A . 
N 4 HOH 51  88  88  HOH HOH A . 
N 4 HOH 52  89  89  HOH HOH A . 
N 4 HOH 53  95  95  HOH HOH A . 
N 4 HOH 54  96  96  HOH HOH A . 
N 4 HOH 55  98  98  HOH HOH A . 
N 4 HOH 56  99  99  HOH HOH A . 
N 4 HOH 57  100 100 HOH HOH A . 
N 4 HOH 58  105 105 HOH HOH A . 
N 4 HOH 59  107 107 HOH HOH A . 
N 4 HOH 60  108 108 HOH HOH A . 
N 4 HOH 61  112 112 HOH HOH A . 
N 4 HOH 62  113 113 HOH HOH A . 
N 4 HOH 63  114 114 HOH HOH A . 
N 4 HOH 64  115 115 HOH HOH A . 
N 4 HOH 65  118 118 HOH HOH A . 
N 4 HOH 66  119 119 HOH HOH A . 
N 4 HOH 67  121 121 HOH HOH A . 
N 4 HOH 68  122 122 HOH HOH A . 
N 4 HOH 69  124 124 HOH HOH A . 
N 4 HOH 70  125 125 HOH HOH A . 
N 4 HOH 71  127 127 HOH HOH A . 
N 4 HOH 72  128 128 HOH HOH A . 
N 4 HOH 73  129 129 HOH HOH A . 
N 4 HOH 74  130 130 HOH HOH A . 
N 4 HOH 75  131 131 HOH HOH A . 
N 4 HOH 76  132 132 HOH HOH A . 
N 4 HOH 77  138 138 HOH HOH A . 
N 4 HOH 78  139 139 HOH HOH A . 
N 4 HOH 79  140 140 HOH HOH A . 
N 4 HOH 80  141 141 HOH HOH A . 
N 4 HOH 81  142 142 HOH HOH A . 
N 4 HOH 82  143 143 HOH HOH A . 
N 4 HOH 83  149 149 HOH HOH A . 
N 4 HOH 84  150 150 HOH HOH A . 
N 4 HOH 85  151 151 HOH HOH A . 
N 4 HOH 86  154 154 HOH HOH A . 
N 4 HOH 87  155 155 HOH HOH A . 
N 4 HOH 88  156 156 HOH HOH A . 
N 4 HOH 89  157 157 HOH HOH A . 
N 4 HOH 90  165 165 HOH HOH A . 
N 4 HOH 91  166 166 HOH HOH A . 
N 4 HOH 92  169 169 HOH HOH A . 
N 4 HOH 93  171 171 HOH HOH A . 
N 4 HOH 94  173 173 HOH HOH A . 
N 4 HOH 95  175 175 HOH HOH A . 
N 4 HOH 96  177 177 HOH HOH A . 
N 4 HOH 97  178 178 HOH HOH A . 
N 4 HOH 98  179 179 HOH HOH A . 
N 4 HOH 99  180 180 HOH HOH A . 
N 4 HOH 100 184 184 HOH HOH A . 
N 4 HOH 101 185 185 HOH HOH A . 
N 4 HOH 102 186 186 HOH HOH A . 
N 4 HOH 103 187 187 HOH HOH A . 
N 4 HOH 104 188 188 HOH HOH A . 
N 4 HOH 105 189 189 HOH HOH A . 
N 4 HOH 106 190 190 HOH HOH A . 
N 4 HOH 107 192 192 HOH HOH A . 
N 4 HOH 108 193 193 HOH HOH A . 
N 4 HOH 109 194 194 HOH HOH A . 
N 4 HOH 110 195 195 HOH HOH A . 
N 4 HOH 111 196 196 HOH HOH A . 
N 4 HOH 112 197 197 HOH HOH A . 
N 4 HOH 113 199 199 HOH HOH A . 
N 4 HOH 114 201 201 HOH HOH A . 
N 4 HOH 115 204 204 HOH HOH A . 
N 4 HOH 116 205 205 HOH HOH A . 
N 4 HOH 117 206 206 HOH HOH A . 
N 4 HOH 118 207 207 HOH HOH A . 
N 4 HOH 119 208 208 HOH HOH A . 
N 4 HOH 120 209 209 HOH HOH A . 
N 4 HOH 121 211 211 HOH HOH A . 
N 4 HOH 122 214 214 HOH HOH A . 
O 4 HOH 1   215 215 HOH HOH B . 
O 4 HOH 2   28  28  HOH HOH B . 
O 4 HOH 3   29  29  HOH HOH B . 
O 4 HOH 4   30  30  HOH HOH B . 
O 4 HOH 5   31  31  HOH HOH B . 
O 4 HOH 6   32  32  HOH HOH B . 
O 4 HOH 7   33  33  HOH HOH B . 
O 4 HOH 8   34  34  HOH HOH B . 
O 4 HOH 9   35  35  HOH HOH B . 
O 4 HOH 10  36  36  HOH HOH B . 
O 4 HOH 11  37  37  HOH HOH B . 
O 4 HOH 12  38  38  HOH HOH B . 
O 4 HOH 13  39  39  HOH HOH B . 
O 4 HOH 14  40  40  HOH HOH B . 
O 4 HOH 15  41  41  HOH HOH B . 
O 4 HOH 16  42  42  HOH HOH B . 
O 4 HOH 17  43  43  HOH HOH B . 
O 4 HOH 18  44  44  HOH HOH B . 
O 4 HOH 19  45  45  HOH HOH B . 
O 4 HOH 20  46  46  HOH HOH B . 
O 4 HOH 21  47  47  HOH HOH B . 
O 4 HOH 22  48  48  HOH HOH B . 
O 4 HOH 23  49  49  HOH HOH B . 
O 4 HOH 24  50  50  HOH HOH B . 
O 4 HOH 25  51  51  HOH HOH B . 
O 4 HOH 26  52  52  HOH HOH B . 
O 4 HOH 27  53  53  HOH HOH B . 
O 4 HOH 28  54  54  HOH HOH B . 
O 4 HOH 29  56  56  HOH HOH B . 
O 4 HOH 30  58  58  HOH HOH B . 
O 4 HOH 31  59  59  HOH HOH B . 
O 4 HOH 32  60  60  HOH HOH B . 
O 4 HOH 33  76  76  HOH HOH B . 
O 4 HOH 34  77  77  HOH HOH B . 
O 4 HOH 35  78  78  HOH HOH B . 
O 4 HOH 36  79  79  HOH HOH B . 
O 4 HOH 37  80  80  HOH HOH B . 
O 4 HOH 38  81  81  HOH HOH B . 
O 4 HOH 39  90  90  HOH HOH B . 
O 4 HOH 40  91  91  HOH HOH B . 
O 4 HOH 41  92  92  HOH HOH B . 
O 4 HOH 42  93  93  HOH HOH B . 
O 4 HOH 43  94  94  HOH HOH B . 
O 4 HOH 44  97  97  HOH HOH B . 
O 4 HOH 45  101 101 HOH HOH B . 
O 4 HOH 46  102 102 HOH HOH B . 
O 4 HOH 47  104 104 HOH HOH B . 
O 4 HOH 48  106 106 HOH HOH B . 
O 4 HOH 49  109 109 HOH HOH B . 
O 4 HOH 50  111 111 HOH HOH B . 
O 4 HOH 51  116 116 HOH HOH B . 
O 4 HOH 52  117 117 HOH HOH B . 
O 4 HOH 53  120 120 HOH HOH B . 
O 4 HOH 54  123 123 HOH HOH B . 
O 4 HOH 55  126 126 HOH HOH B . 
O 4 HOH 56  133 133 HOH HOH B . 
O 4 HOH 57  134 134 HOH HOH B . 
O 4 HOH 58  135 135 HOH HOH B . 
O 4 HOH 59  136 136 HOH HOH B . 
O 4 HOH 60  145 145 HOH HOH B . 
O 4 HOH 61  146 146 HOH HOH B . 
O 4 HOH 62  147 147 HOH HOH B . 
O 4 HOH 63  148 148 HOH HOH B . 
O 4 HOH 64  152 152 HOH HOH B . 
O 4 HOH 65  153 153 HOH HOH B . 
O 4 HOH 66  158 158 HOH HOH B . 
O 4 HOH 67  159 159 HOH HOH B . 
O 4 HOH 68  160 160 HOH HOH B . 
O 4 HOH 69  161 161 HOH HOH B . 
O 4 HOH 70  162 162 HOH HOH B . 
O 4 HOH 71  163 163 HOH HOH B . 
O 4 HOH 72  164 164 HOH HOH B . 
O 4 HOH 73  167 167 HOH HOH B . 
O 4 HOH 74  168 168 HOH HOH B . 
O 4 HOH 75  170 170 HOH HOH B . 
O 4 HOH 76  172 172 HOH HOH B . 
O 4 HOH 77  174 174 HOH HOH B . 
O 4 HOH 78  176 176 HOH HOH B . 
O 4 HOH 79  181 181 HOH HOH B . 
O 4 HOH 80  182 182 HOH HOH B . 
O 4 HOH 81  183 183 HOH HOH B . 
O 4 HOH 82  191 191 HOH HOH B . 
O 4 HOH 83  198 198 HOH HOH B . 
O 4 HOH 84  200 200 HOH HOH B . 
O 4 HOH 85  202 202 HOH HOH B . 
O 4 HOH 86  203 203 HOH HOH B . 
O 4 HOH 87  210 210 HOH HOH B . 
O 4 HOH 88  212 212 HOH HOH B . 
O 4 HOH 89  213 213 HOH HOH B . 
# 
loop_
_pdbx_struct_mod_residue.id 
_pdbx_struct_mod_residue.label_asym_id 
_pdbx_struct_mod_residue.label_comp_id 
_pdbx_struct_mod_residue.label_seq_id 
_pdbx_struct_mod_residue.auth_asym_id 
_pdbx_struct_mod_residue.auth_comp_id 
_pdbx_struct_mod_residue.auth_seq_id 
_pdbx_struct_mod_residue.PDB_ins_code 
_pdbx_struct_mod_residue.parent_comp_id 
_pdbx_struct_mod_residue.details 
1 A BRU 12 A BRU 12 ? DU ? 
2 B BRU 12 B BRU 12 ? DU ? 
# 
loop_
_pdbx_struct_assembly.id 
_pdbx_struct_assembly.details 
_pdbx_struct_assembly.method_details 
_pdbx_struct_assembly.oligomeric_details 
_pdbx_struct_assembly.oligomeric_count 
1 author_defined_assembly ? monomeric 1 
2 author_defined_assembly ? monomeric 1 
# 
loop_
_pdbx_struct_assembly_gen.assembly_id 
_pdbx_struct_assembly_gen.oper_expression 
_pdbx_struct_assembly_gen.asym_id_list 
1 1 A,C,D,E,F,G,H,I,N 
2 1 B,J,K,L,M,O       
# 
_pdbx_struct_oper_list.id                   1 
_pdbx_struct_oper_list.type                 'identity operation' 
_pdbx_struct_oper_list.name                 1_555 
_pdbx_struct_oper_list.symmetry_operation   x,y,z 
_pdbx_struct_oper_list.matrix[1][1]         1.0000000000 
_pdbx_struct_oper_list.matrix[1][2]         0.0000000000 
_pdbx_struct_oper_list.matrix[1][3]         0.0000000000 
_pdbx_struct_oper_list.vector[1]            0.0000000000 
_pdbx_struct_oper_list.matrix[2][1]         0.0000000000 
_pdbx_struct_oper_list.matrix[2][2]         1.0000000000 
_pdbx_struct_oper_list.matrix[2][3]         0.0000000000 
_pdbx_struct_oper_list.vector[2]            0.0000000000 
_pdbx_struct_oper_list.matrix[3][1]         0.0000000000 
_pdbx_struct_oper_list.matrix[3][2]         0.0000000000 
_pdbx_struct_oper_list.matrix[3][3]         1.0000000000 
_pdbx_struct_oper_list.vector[3]            0.0000000000 
# 
loop_
_pdbx_struct_special_symmetry.id 
_pdbx_struct_special_symmetry.PDB_model_num 
_pdbx_struct_special_symmetry.auth_asym_id 
_pdbx_struct_special_symmetry.auth_comp_id 
_pdbx_struct_special_symmetry.auth_seq_id 
_pdbx_struct_special_symmetry.PDB_ins_code 
_pdbx_struct_special_symmetry.label_asym_id 
_pdbx_struct_special_symmetry.label_comp_id 
_pdbx_struct_special_symmetry.label_seq_id 
1 1 B K   26 ? M K   . 
2 1 A HOH 72 ? N HOH . 
# 
loop_
_pdbx_struct_conn_angle.id 
_pdbx_struct_conn_angle.ptnr1_label_atom_id 
_pdbx_struct_conn_angle.ptnr1_label_alt_id 
_pdbx_struct_conn_angle.ptnr1_label_asym_id 
_pdbx_struct_conn_angle.ptnr1_label_comp_id 
_pdbx_struct_conn_angle.ptnr1_label_seq_id 
_pdbx_struct_conn_angle.ptnr1_auth_atom_id 
_pdbx_struct_conn_angle.ptnr1_auth_asym_id 
_pdbx_struct_conn_angle.ptnr1_auth_comp_id 
_pdbx_struct_conn_angle.ptnr1_auth_seq_id 
_pdbx_struct_conn_angle.ptnr1_PDB_ins_code 
_pdbx_struct_conn_angle.ptnr1_symmetry 
_pdbx_struct_conn_angle.ptnr2_label_atom_id 
_pdbx_struct_conn_angle.ptnr2_label_alt_id 
_pdbx_struct_conn_angle.ptnr2_label_asym_id 
_pdbx_struct_conn_angle.ptnr2_label_comp_id 
_pdbx_struct_conn_angle.ptnr2_label_seq_id 
_pdbx_struct_conn_angle.ptnr2_auth_atom_id 
_pdbx_struct_conn_angle.ptnr2_auth_asym_id 
_pdbx_struct_conn_angle.ptnr2_auth_comp_id 
_pdbx_struct_conn_angle.ptnr2_auth_seq_id 
_pdbx_struct_conn_angle.ptnr2_PDB_ins_code 
_pdbx_struct_conn_angle.ptnr2_symmetry 
_pdbx_struct_conn_angle.ptnr3_label_atom_id 
_pdbx_struct_conn_angle.ptnr3_label_alt_id 
_pdbx_struct_conn_angle.ptnr3_label_asym_id 
_pdbx_struct_conn_angle.ptnr3_label_comp_id 
_pdbx_struct_conn_angle.ptnr3_label_seq_id 
_pdbx_struct_conn_angle.ptnr3_auth_atom_id 
_pdbx_struct_conn_angle.ptnr3_auth_asym_id 
_pdbx_struct_conn_angle.ptnr3_auth_comp_id 
_pdbx_struct_conn_angle.ptnr3_auth_seq_id 
_pdbx_struct_conn_angle.ptnr3_PDB_ins_code 
_pdbx_struct_conn_angle.ptnr3_symmetry 
_pdbx_struct_conn_angle.value 
_pdbx_struct_conn_angle.value_esd 
1   O6    ? A DG  2  ? A DG  2   ? 1_555 K  ? C K  . ? A K  23 ? 1_555 O6    ? A DG  3  ? A DG  3   ? 1_555 79.4  ? 
2   O6    ? A DG  2  ? A DG  2   ? 1_555 K  ? C K  . ? A K  23 ? 1_555 O6    ? A DG  6  ? A DG  6   ? 1_555 71.5  ? 
3   O6    ? A DG  3  ? A DG  3   ? 1_555 K  ? C K  . ? A K  23 ? 1_555 O6    ? A DG  6  ? A DG  6   ? 1_555 89.2  ? 
4   O6    ? A DG  2  ? A DG  2   ? 1_555 K  ? C K  . ? A K  23 ? 1_555 O6    ? A DG  7  ? A DG  7   ? 1_555 134.4 ? 
5   O6    ? A DG  3  ? A DG  3   ? 1_555 K  ? C K  . ? A K  23 ? 1_555 O6    ? A DG  7  ? A DG  7   ? 1_555 69.4  ? 
6   O6    ? A DG  6  ? A DG  6   ? 1_555 K  ? C K  . ? A K  23 ? 1_555 O6    ? A DG  7  ? A DG  7   ? 1_555 75.5  ? 
7   O6    ? A DG  2  ? A DG  2   ? 1_555 K  ? C K  . ? A K  23 ? 1_555 O6    ? A DG  10 ? A DG  10  ? 1_555 107.5 ? 
8   O6    ? A DG  3  ? A DG  3   ? 1_555 K  ? C K  . ? A K  23 ? 1_555 O6    ? A DG  10 ? A DG  10  ? 1_555 154.6 ? 
9   O6    ? A DG  6  ? A DG  6   ? 1_555 K  ? C K  . ? A K  23 ? 1_555 O6    ? A DG  10 ? A DG  10  ? 1_555 70.8  ? 
10  O6    ? A DG  7  ? A DG  7   ? 1_555 K  ? C K  . ? A K  23 ? 1_555 O6    ? A DG  10 ? A DG  10  ? 1_555 89.9  ? 
11  O6    ? A DG  2  ? A DG  2   ? 1_555 K  ? C K  . ? A K  23 ? 1_555 O6    ? A DG  13 ? A DG  13  ? 1_555 66.3  ? 
12  O6    ? A DG  3  ? A DG  3   ? 1_555 K  ? C K  . ? A K  23 ? 1_555 O6    ? A DG  13 ? A DG  13  ? 1_555 131.7 ? 
13  O6    ? A DG  6  ? A DG  6   ? 1_555 K  ? C K  . ? A K  23 ? 1_555 O6    ? A DG  13 ? A DG  13  ? 1_555 109.4 ? 
14  O6    ? A DG  7  ? A DG  7   ? 1_555 K  ? C K  . ? A K  23 ? 1_555 O6    ? A DG  13 ? A DG  13  ? 1_555 157.1 ? 
15  O6    ? A DG  10 ? A DG  10  ? 1_555 K  ? C K  . ? A K  23 ? 1_555 O6    ? A DG  13 ? A DG  13  ? 1_555 71.6  ? 
16  O6    ? A DG  2  ? A DG  2   ? 1_555 K  ? C K  . ? A K  23 ? 1_555 O6    ? A DG  14 ? A DG  14  ? 1_555 93.9  ? 
17  O6    ? A DG  3  ? A DG  3   ? 1_555 K  ? C K  . ? A K  23 ? 1_555 O6    ? A DG  14 ? A DG  14  ? 1_555 70.4  ? 
18  O6    ? A DG  6  ? A DG  6   ? 1_555 K  ? C K  . ? A K  23 ? 1_555 O6    ? A DG  14 ? A DG  14  ? 1_555 157.1 ? 
19  O6    ? A DG  7  ? A DG  7   ? 1_555 K  ? C K  . ? A K  23 ? 1_555 O6    ? A DG  14 ? A DG  14  ? 1_555 105.5 ? 
20  O6    ? A DG  10 ? A DG  10  ? 1_555 K  ? C K  . ? A K  23 ? 1_555 O6    ? A DG  14 ? A DG  14  ? 1_555 131.6 ? 
21  O6    ? A DG  13 ? A DG  13  ? 1_555 K  ? C K  . ? A K  23 ? 1_555 O6    ? A DG  14 ? A DG  14  ? 1_555 78.8  ? 
22  O6    ? A DG  2  ? A DG  2   ? 1_555 K  ? C K  . ? A K  23 ? 1_555 O6    ? A DG  21 ? A DG  21  ? 1_555 154.3 ? 
23  O6    ? A DG  3  ? A DG  3   ? 1_555 K  ? C K  . ? A K  23 ? 1_555 O6    ? A DG  21 ? A DG  21  ? 1_555 110.7 ? 
24  O6    ? A DG  6  ? A DG  6   ? 1_555 K  ? C K  . ? A K  23 ? 1_555 O6    ? A DG  21 ? A DG  21  ? 1_555 130.2 ? 
25  O6    ? A DG  7  ? A DG  7   ? 1_555 K  ? C K  . ? A K  23 ? 1_555 O6    ? A DG  21 ? A DG  21  ? 1_555 70.4  ? 
26  O6    ? A DG  10 ? A DG  10  ? 1_555 K  ? C K  . ? A K  23 ? 1_555 O6    ? A DG  21 ? A DG  21  ? 1_555 73.9  ? 
27  O6    ? A DG  13 ? A DG  13  ? 1_555 K  ? C K  . ? A K  23 ? 1_555 O6    ? A DG  21 ? A DG  21  ? 1_555 90.9  ? 
28  O6    ? A DG  14 ? A DG  14  ? 1_555 K  ? C K  . ? A K  23 ? 1_555 O6    ? A DG  21 ? A DG  21  ? 1_555 69.1  ? 
29  O6    ? A DG  2  ? A DG  2   ? 1_555 K  ? E K  . ? A K  25 ? 1_555 O6    ? A DG  6  ? A DG  6   ? 1_555 64.9  ? 
30  O6    ? A DG  2  ? A DG  2   ? 1_555 K  ? E K  . ? A K  25 ? 1_555 O6    ? A DG  10 ? A DG  10  ? 1_555 99.7  ? 
31  O6    ? A DG  6  ? A DG  6   ? 1_555 K  ? E K  . ? A K  25 ? 1_555 O6    ? A DG  10 ? A DG  10  ? 1_555 65.0  ? 
32  O6    ? A DG  2  ? A DG  2   ? 1_555 K  ? E K  . ? A K  25 ? 1_555 O6    ? A DG  13 ? A DG  13  ? 1_555 62.4  ? 
33  O6    ? A DG  6  ? A DG  6   ? 1_555 K  ? E K  . ? A K  25 ? 1_555 O6    ? A DG  13 ? A DG  13  ? 1_555 98.5  ? 
34  O6    ? A DG  10 ? A DG  10  ? 1_555 K  ? E K  . ? A K  25 ? 1_555 O6    ? A DG  13 ? A DG  13  ? 1_555 68.3  ? 
35  O6    ? A DG  2  ? A DG  2   ? 1_555 K  ? E K  . ? A K  25 ? 1_555 O     ? N HOH .  ? A HOH 47  ? 1_555 116.1 ? 
36  O6    ? A DG  6  ? A DG  6   ? 1_555 K  ? E K  . ? A K  25 ? 1_555 O     ? N HOH .  ? A HOH 47  ? 1_555 177.1 ? 
37  O6    ? A DG  10 ? A DG  10  ? 1_555 K  ? E K  . ? A K  25 ? 1_555 O     ? N HOH .  ? A HOH 47  ? 1_555 117.0 ? 
38  O6    ? A DG  13 ? A DG  13  ? 1_555 K  ? E K  . ? A K  25 ? 1_555 O     ? N HOH .  ? A HOH 47  ? 1_555 84.3  ? 
39  O6    ? A DG  2  ? A DG  2   ? 1_555 K  ? E K  . ? A K  25 ? 1_555 O4    ? B BRU 12 ? B BRU 12  ? 1_555 73.5  ? 
40  O6    ? A DG  6  ? A DG  6   ? 1_555 K  ? E K  . ? A K  25 ? 1_555 O4    ? B BRU 12 ? B BRU 12  ? 1_555 84.9  ? 
41  O6    ? A DG  10 ? A DG  10  ? 1_555 K  ? E K  . ? A K  25 ? 1_555 O4    ? B BRU 12 ? B BRU 12  ? 1_555 148.5 ? 
42  O6    ? A DG  13 ? A DG  13  ? 1_555 K  ? E K  . ? A K  25 ? 1_555 O4    ? B BRU 12 ? B BRU 12  ? 1_555 128.4 ? 
43  O     ? N HOH .  ? A HOH 47  ? 1_555 K  ? E K  . ? A K  25 ? 1_555 O4    ? B BRU 12 ? B BRU 12  ? 1_555 92.8  ? 
44  O6    ? A DG  2  ? A DG  2   ? 1_555 K  ? E K  . ? A K  25 ? 1_555 O     ? O HOH .  ? B HOH 48  ? 1_555 171.0 ? 
45  O6    ? A DG  6  ? A DG  6   ? 1_555 K  ? E K  . ? A K  25 ? 1_555 O     ? O HOH .  ? B HOH 48  ? 1_555 106.2 ? 
46  O6    ? A DG  10 ? A DG  10  ? 1_555 K  ? E K  . ? A K  25 ? 1_555 O     ? O HOH .  ? B HOH 48  ? 1_555 74.6  ? 
47  O6    ? A DG  13 ? A DG  13  ? 1_555 K  ? E K  . ? A K  25 ? 1_555 O     ? O HOH .  ? B HOH 48  ? 1_555 120.2 ? 
48  O     ? N HOH .  ? A HOH 47  ? 1_555 K  ? E K  . ? A K  25 ? 1_555 O     ? O HOH .  ? B HOH 48  ? 1_555 72.9  ? 
49  O4    ? B BRU 12 ? B BRU 12  ? 1_555 K  ? E K  . ? A K  25 ? 1_555 O     ? O HOH .  ? B HOH 48  ? 1_555 107.6 ? 
50  O6    ? A DG  3  ? A DG  3   ? 1_555 K  ? D K  . ? A K  24 ? 1_555 O6    ? A DG  4  ? A DG  4   ? 1_555 75.6  ? 
51  O6    ? A DG  3  ? A DG  3   ? 1_555 K  ? D K  . ? A K  24 ? 1_555 O6    ? A DG  7  ? A DG  7   ? 1_555 66.8  ? 
52  O6    ? A DG  4  ? A DG  4   ? 1_555 K  ? D K  . ? A K  24 ? 1_555 O6    ? A DG  7  ? A DG  7   ? 1_555 89.8  ? 
53  O6    ? A DG  3  ? A DG  3   ? 1_555 K  ? D K  . ? A K  24 ? 1_555 O6    ? A DG  8  ? A DG  8   ? 1_555 134.8 ? 
54  O6    ? A DG  4  ? A DG  4   ? 1_555 K  ? D K  . ? A K  24 ? 1_555 O6    ? A DG  8  ? A DG  8   ? 1_555 75.2  ? 
55  O6    ? A DG  7  ? A DG  7   ? 1_555 K  ? D K  . ? A K  24 ? 1_555 O6    ? A DG  8  ? A DG  8   ? 1_555 79.4  ? 
56  O6    ? A DG  3  ? A DG  3   ? 1_555 K  ? D K  . ? A K  24 ? 1_555 O6    ? A DG  14 ? A DG  14  ? 1_555 69.0  ? 
57  O6    ? A DG  4  ? A DG  4   ? 1_555 K  ? D K  . ? A K  24 ? 1_555 O6    ? A DG  14 ? A DG  14  ? 1_555 131.3 ? 
58  O6    ? A DG  7  ? A DG  7   ? 1_555 K  ? D K  . ? A K  24 ? 1_555 O6    ? A DG  14 ? A DG  14  ? 1_555 105.1 ? 
59  O6    ? A DG  8  ? A DG  8   ? 1_555 K  ? D K  . ? A K  24 ? 1_555 O6    ? A DG  14 ? A DG  14  ? 1_555 152.3 ? 
60  O6    ? A DG  3  ? A DG  3   ? 1_555 K  ? D K  . ? A K  24 ? 1_555 O6    ? A DG  15 ? A DG  15  ? 1_555 89.9  ? 
61  O6    ? A DG  4  ? A DG  4   ? 1_555 K  ? D K  . ? A K  24 ? 1_555 O6    ? A DG  15 ? A DG  15  ? 1_555 72.4  ? 
62  O6    ? A DG  7  ? A DG  7   ? 1_555 K  ? D K  . ? A K  24 ? 1_555 O6    ? A DG  15 ? A DG  15  ? 1_555 153.9 ? 
63  O6    ? A DG  8  ? A DG  8   ? 1_555 K  ? D K  . ? A K  24 ? 1_555 O6    ? A DG  15 ? A DG  15  ? 1_555 112.8 ? 
64  O6    ? A DG  14 ? A DG  14  ? 1_555 K  ? D K  . ? A K  24 ? 1_555 O6    ? A DG  15 ? A DG  15  ? 1_555 75.2  ? 
65  O6    ? A DG  3  ? A DG  3   ? 1_555 K  ? D K  . ? A K  24 ? 1_555 O6    ? A DG  21 ? A DG  21  ? 1_555 100.9 ? 
66  O6    ? A DG  4  ? A DG  4   ? 1_555 K  ? D K  . ? A K  24 ? 1_555 O6    ? A DG  21 ? A DG  21  ? 1_555 154.9 ? 
67  O6    ? A DG  7  ? A DG  7   ? 1_555 K  ? D K  . ? A K  24 ? 1_555 O6    ? A DG  21 ? A DG  21  ? 1_555 66.6  ? 
68  O6    ? A DG  8  ? A DG  8   ? 1_555 K  ? D K  . ? A K  24 ? 1_555 O6    ? A DG  21 ? A DG  21  ? 1_555 91.6  ? 
69  O6    ? A DG  14 ? A DG  14  ? 1_555 K  ? D K  . ? A K  24 ? 1_555 O6    ? A DG  21 ? A DG  21  ? 1_555 66.6  ? 
70  O6    ? A DG  15 ? A DG  15  ? 1_555 K  ? D K  . ? A K  24 ? 1_555 O6    ? A DG  21 ? A DG  21  ? 1_555 132.7 ? 
71  O6    ? A DG  3  ? A DG  3   ? 1_555 K  ? D K  . ? A K  24 ? 1_555 O6    ? A DG  22 ? A DG  22  ? 1_555 152.0 ? 
72  O6    ? A DG  4  ? A DG  4   ? 1_555 K  ? D K  . ? A K  24 ? 1_555 O6    ? A DG  22 ? A DG  22  ? 1_555 120.2 ? 
73  O6    ? A DG  7  ? A DG  7   ? 1_555 K  ? D K  . ? A K  24 ? 1_555 O6    ? A DG  22 ? A DG  22  ? 1_555 131.0 ? 
74  O6    ? A DG  8  ? A DG  8   ? 1_555 K  ? D K  . ? A K  24 ? 1_555 O6    ? A DG  22 ? A DG  22  ? 1_555 73.2  ? 
75  O6    ? A DG  14 ? A DG  14  ? 1_555 K  ? D K  . ? A K  24 ? 1_555 O6    ? A DG  22 ? A DG  22  ? 1_555 84.2  ? 
76  O6    ? A DG  15 ? A DG  15  ? 1_555 K  ? D K  . ? A K  24 ? 1_555 O6    ? A DG  22 ? A DG  22  ? 1_555 75.1  ? 
77  O6    ? A DG  21 ? A DG  21  ? 1_555 K  ? D K  . ? A K  24 ? 1_555 O6    ? A DG  22 ? A DG  22  ? 1_555 74.4  ? 
78  "O4'" ? A DA  5  ? A DA  5   ? 1_555 K  ? F K  . ? A K  26 ? 1_555 OP1   ? A DG  7  ? A DG  7   ? 1_555 95.8  ? 
79  "O4'" ? A DA  5  ? A DA  5   ? 1_555 K  ? F K  . ? A K  26 ? 1_555 O     ? N HOH .  ? A HOH 74  ? 1_555 73.6  ? 
80  OP1   ? A DG  7  ? A DG  7   ? 1_555 K  ? F K  . ? A K  26 ? 1_555 O     ? N HOH .  ? A HOH 74  ? 1_555 90.0  ? 
81  "O4'" ? A DA  5  ? A DA  5   ? 1_555 K  ? F K  . ? A K  26 ? 1_555 O     ? N HOH .  ? A HOH 75  ? 1_555 84.1  ? 
82  OP1   ? A DG  7  ? A DG  7   ? 1_555 K  ? F K  . ? A K  26 ? 1_555 O     ? N HOH .  ? A HOH 75  ? 1_555 67.6  ? 
83  O     ? N HOH .  ? A HOH 74  ? 1_555 K  ? F K  . ? A K  26 ? 1_555 O     ? N HOH .  ? A HOH 75  ? 1_555 146.6 ? 
84  "O3'" ? A DG  10 ? A DG  10  ? 1_555 K  ? G K  . ? A K  27 ? 1_555 OP2   A A DC  11 ? A DC  11  ? 1_555 54.7  ? 
85  "O3'" ? A DG  10 ? A DG  10  ? 1_555 K  ? G K  . ? A K  27 ? 1_555 OP2   B A DC  11 ? A DC  11  ? 1_555 50.6  ? 
86  OP2   A A DC  11 ? A DC  11  ? 1_555 K  ? G K  . ? A K  27 ? 1_555 OP2   B A DC  11 ? A DC  11  ? 1_555 12.6  ? 
87  "O3'" ? A DG  10 ? A DG  10  ? 1_555 K  ? G K  . ? A K  27 ? 1_555 "O4'" ? A DG  21 ? A DG  21  ? 1_555 121.6 ? 
88  OP2   A A DC  11 ? A DC  11  ? 1_555 K  ? G K  . ? A K  27 ? 1_555 "O4'" ? A DG  21 ? A DG  21  ? 1_555 175.3 ? 
89  OP2   B A DC  11 ? A DC  11  ? 1_555 K  ? G K  . ? A K  27 ? 1_555 "O4'" ? A DG  21 ? A DG  21  ? 1_555 167.8 ? 
90  "O3'" ? A DG  10 ? A DG  10  ? 1_555 K  ? G K  . ? A K  27 ? 1_555 O     ? N HOH .  ? A HOH 40  ? 1_555 70.7  ? 
91  OP2   A A DC  11 ? A DC  11  ? 1_555 K  ? G K  . ? A K  27 ? 1_555 O     ? N HOH .  ? A HOH 40  ? 1_555 87.7  ? 
92  OP2   B A DC  11 ? A DC  11  ? 1_555 K  ? G K  . ? A K  27 ? 1_555 O     ? N HOH .  ? A HOH 40  ? 1_555 96.5  ? 
93  "O4'" ? A DG  21 ? A DG  21  ? 1_555 K  ? G K  . ? A K  27 ? 1_555 O     ? N HOH .  ? A HOH 40  ? 1_555 88.2  ? 
94  "O3'" ? A DG  10 ? A DG  10  ? 1_555 K  ? G K  . ? A K  27 ? 1_555 O     ? N HOH .  ? A HOH 53  ? 1_555 72.2  ? 
95  OP2   A A DC  11 ? A DC  11  ? 1_555 K  ? G K  . ? A K  27 ? 1_555 O     ? N HOH .  ? A HOH 53  ? 1_555 104.3 ? 
96  OP2   B A DC  11 ? A DC  11  ? 1_555 K  ? G K  . ? A K  27 ? 1_555 O     ? N HOH .  ? A HOH 53  ? 1_555 92.0  ? 
97  "O4'" ? A DG  21 ? A DG  21  ? 1_555 K  ? G K  . ? A K  27 ? 1_555 O     ? N HOH .  ? A HOH 53  ? 1_555 76.1  ? 
98  O     ? N HOH .  ? A HOH 40  ? 1_555 K  ? G K  . ? A K  27 ? 1_555 O     ? N HOH .  ? A HOH 53  ? 1_555 122.8 ? 
99  "O3'" ? A DG  10 ? A DG  10  ? 1_555 K  ? G K  . ? A K  27 ? 1_555 O     ? N HOH .  ? A HOH 85  ? 1_555 132.8 ? 
100 OP2   A A DC  11 ? A DC  11  ? 1_555 K  ? G K  . ? A K  27 ? 1_555 O     ? N HOH .  ? A HOH 85  ? 1_555 88.2  ? 
101 OP2   B A DC  11 ? A DC  11  ? 1_555 K  ? G K  . ? A K  27 ? 1_555 O     ? N HOH .  ? A HOH 85  ? 1_555 98.5  ? 
102 "O4'" ? A DG  21 ? A DG  21  ? 1_555 K  ? G K  . ? A K  27 ? 1_555 O     ? N HOH .  ? A HOH 85  ? 1_555 93.4  ? 
103 O     ? N HOH .  ? A HOH 40  ? 1_555 K  ? G K  . ? A K  27 ? 1_555 O     ? N HOH .  ? A HOH 85  ? 1_555 80.7  ? 
104 O     ? N HOH .  ? A HOH 53  ? 1_555 K  ? G K  . ? A K  27 ? 1_555 O     ? N HOH .  ? A HOH 85  ? 1_555 153.1 ? 
105 "O3'" ? A DG  10 ? A DG  10  ? 1_555 K  ? G K  . ? A K  27 ? 1_555 O     ? N HOH .  ? A HOH 86  ? 1_555 137.7 ? 
106 OP2   A A DC  11 ? A DC  11  ? 1_555 K  ? G K  . ? A K  27 ? 1_555 O     ? N HOH .  ? A HOH 86  ? 1_555 106.4 ? 
107 OP2   B A DC  11 ? A DC  11  ? 1_555 K  ? G K  . ? A K  27 ? 1_555 O     ? N HOH .  ? A HOH 86  ? 1_555 102.0 ? 
108 "O4'" ? A DG  21 ? A DG  21  ? 1_555 K  ? G K  . ? A K  27 ? 1_555 O     ? N HOH .  ? A HOH 86  ? 1_555 78.3  ? 
109 O     ? N HOH .  ? A HOH 40  ? 1_555 K  ? G K  . ? A K  27 ? 1_555 O     ? N HOH .  ? A HOH 86  ? 1_555 151.4 ? 
110 O     ? N HOH .  ? A HOH 53  ? 1_555 K  ? G K  . ? A K  27 ? 1_555 O     ? N HOH .  ? A HOH 86  ? 1_555 78.4  ? 
111 O     ? N HOH .  ? A HOH 85  ? 1_555 K  ? G K  . ? A K  27 ? 1_555 O     ? N HOH .  ? A HOH 86  ? 1_555 75.2  ? 
112 OP2   ? A DG  21 ? A DG  21  ? 1_555 MG ? H MG . ? A MG 28 ? 1_555 O     ? N HOH .  ? A HOH 61  ? 1_555 92.7  ? 
113 OP2   ? A DG  21 ? A DG  21  ? 1_555 MG ? H MG . ? A MG 28 ? 1_555 O     ? N HOH .  ? A HOH 62  ? 1_555 87.3  ? 
114 O     ? N HOH .  ? A HOH 61  ? 1_555 MG ? H MG . ? A MG 28 ? 1_555 O     ? N HOH .  ? A HOH 62  ? 1_555 92.5  ? 
115 OP2   ? A DG  21 ? A DG  21  ? 1_555 MG ? H MG . ? A MG 28 ? 1_555 O     ? N HOH .  ? A HOH 63  ? 1_555 81.4  ? 
116 O     ? N HOH .  ? A HOH 61  ? 1_555 MG ? H MG . ? A MG 28 ? 1_555 O     ? N HOH .  ? A HOH 63  ? 1_555 171.2 ? 
117 O     ? N HOH .  ? A HOH 62  ? 1_555 MG ? H MG . ? A MG 28 ? 1_555 O     ? N HOH .  ? A HOH 63  ? 1_555 80.8  ? 
118 OP2   ? A DG  21 ? A DG  21  ? 1_555 MG ? H MG . ? A MG 28 ? 1_555 O     ? N HOH .  ? A HOH 64  ? 1_555 170.0 ? 
119 O     ? N HOH .  ? A HOH 61  ? 1_555 MG ? H MG . ? A MG 28 ? 1_555 O     ? N HOH .  ? A HOH 64  ? 1_555 96.3  ? 
120 O     ? N HOH .  ? A HOH 62  ? 1_555 MG ? H MG . ? A MG 28 ? 1_555 O     ? N HOH .  ? A HOH 64  ? 1_555 88.1  ? 
121 O     ? N HOH .  ? A HOH 63  ? 1_555 MG ? H MG . ? A MG 28 ? 1_555 O     ? N HOH .  ? A HOH 64  ? 1_555 89.1  ? 
122 OP2   ? A DG  21 ? A DG  21  ? 1_555 MG ? H MG . ? A MG 28 ? 1_555 O     ? N HOH .  ? A HOH 65  ? 1_555 94.5  ? 
123 O     ? N HOH .  ? A HOH 61  ? 1_555 MG ? H MG . ? A MG 28 ? 1_555 O     ? N HOH .  ? A HOH 65  ? 1_555 105.3 ? 
124 O     ? N HOH .  ? A HOH 62  ? 1_555 MG ? H MG . ? A MG 28 ? 1_555 O     ? N HOH .  ? A HOH 65  ? 1_555 162.0 ? 
125 O     ? N HOH .  ? A HOH 63  ? 1_555 MG ? H MG . ? A MG 28 ? 1_555 O     ? N HOH .  ? A HOH 65  ? 1_555 81.7  ? 
126 O     ? N HOH .  ? A HOH 64  ? 1_555 MG ? H MG . ? A MG 28 ? 1_555 O     ? N HOH .  ? A HOH 65  ? 1_555 87.2  ? 
127 OP2   ? A DG  21 ? A DG  21  ? 1_555 MG ? H MG . ? A MG 28 ? 1_555 O     ? N HOH .  ? A HOH 192 ? 1_555 131.9 ? 
128 O     ? N HOH .  ? A HOH 61  ? 1_555 MG ? H MG . ? A MG 28 ? 1_555 O     ? N HOH .  ? A HOH 192 ? 1_555 52.5  ? 
129 O     ? N HOH .  ? A HOH 62  ? 1_555 MG ? H MG . ? A MG 28 ? 1_555 O     ? N HOH .  ? A HOH 192 ? 1_555 121.6 ? 
130 O     ? N HOH .  ? A HOH 63  ? 1_555 MG ? H MG . ? A MG 28 ? 1_555 O     ? N HOH .  ? A HOH 192 ? 1_555 136.1 ? 
131 O     ? N HOH .  ? A HOH 64  ? 1_555 MG ? H MG . ? A MG 28 ? 1_555 O     ? N HOH .  ? A HOH 192 ? 1_555 57.9  ? 
132 O     ? N HOH .  ? A HOH 65  ? 1_555 MG ? H MG . ? A MG 28 ? 1_555 O     ? N HOH .  ? A HOH 192 ? 1_555 69.6  ? 
133 O     ? N HOH .  ? A HOH 66  ? 1_555 MG ? I MG . ? A MG 29 ? 1_555 O     ? N HOH .  ? A HOH 67  ? 1_555 74.0  ? 
134 O     ? N HOH .  ? A HOH 66  ? 1_555 MG ? I MG . ? A MG 29 ? 1_555 O     ? N HOH .  ? A HOH 68  ? 1_555 158.9 ? 
135 O     ? N HOH .  ? A HOH 67  ? 1_555 MG ? I MG . ? A MG 29 ? 1_555 O     ? N HOH .  ? A HOH 68  ? 1_555 85.0  ? 
136 O     ? N HOH .  ? A HOH 66  ? 1_555 MG ? I MG . ? A MG 29 ? 1_555 O     ? N HOH .  ? A HOH 69  ? 1_555 105.8 ? 
137 O     ? N HOH .  ? A HOH 67  ? 1_555 MG ? I MG . ? A MG 29 ? 1_555 O     ? N HOH .  ? A HOH 69  ? 1_555 176.7 ? 
138 O     ? N HOH .  ? A HOH 68  ? 1_555 MG ? I MG . ? A MG 29 ? 1_555 O     ? N HOH .  ? A HOH 69  ? 1_555 95.3  ? 
139 O6    ? B DG  2  ? B DG  2   ? 1_555 K  ? J K  . ? B K  23 ? 1_555 O6    ? B DG  3  ? B DG  3   ? 1_555 70.6  ? 
140 O6    ? B DG  2  ? B DG  2   ? 1_555 K  ? J K  . ? B K  23 ? 1_555 O6    ? B DG  6  ? B DG  6   ? 1_555 77.5  ? 
141 O6    ? B DG  3  ? B DG  3   ? 1_555 K  ? J K  . ? B K  23 ? 1_555 O6    ? B DG  6  ? B DG  6   ? 1_555 84.5  ? 
142 O6    ? B DG  2  ? B DG  2   ? 1_555 K  ? J K  . ? B K  23 ? 1_555 O6    ? B DG  7  ? B DG  7   ? 1_555 132.2 ? 
143 O6    ? B DG  3  ? B DG  3   ? 1_555 K  ? J K  . ? B K  23 ? 1_555 O6    ? B DG  7  ? B DG  7   ? 1_555 68.8  ? 
144 O6    ? B DG  6  ? B DG  6   ? 1_555 K  ? J K  . ? B K  23 ? 1_555 O6    ? B DG  7  ? B DG  7   ? 1_555 74.5  ? 
145 O6    ? B DG  2  ? B DG  2   ? 1_555 K  ? J K  . ? B K  23 ? 1_555 O6    ? B DG  10 ? B DG  10  ? 1_555 118.2 ? 
146 O6    ? B DG  3  ? B DG  3   ? 1_555 K  ? J K  . ? B K  23 ? 1_555 O6    ? B DG  10 ? B DG  10  ? 1_555 152.7 ? 
147 O6    ? B DG  6  ? B DG  6   ? 1_555 K  ? J K  . ? B K  23 ? 1_555 O6    ? B DG  10 ? B DG  10  ? 1_555 73.4  ? 
148 O6    ? B DG  7  ? B DG  7   ? 1_555 K  ? J K  . ? B K  23 ? 1_555 O6    ? B DG  10 ? B DG  10  ? 1_555 89.5  ? 
149 O6    ? B DG  2  ? B DG  2   ? 1_555 K  ? J K  . ? B K  23 ? 1_555 O6    ? B DG  13 ? B DG  13  ? 1_555 74.2  ? 
150 O6    ? B DG  3  ? B DG  3   ? 1_555 K  ? J K  . ? B K  23 ? 1_555 O6    ? B DG  13 ? B DG  13  ? 1_555 130.6 ? 
151 O6    ? B DG  6  ? B DG  6   ? 1_555 K  ? J K  . ? B K  23 ? 1_555 O6    ? B DG  13 ? B DG  13  ? 1_555 120.2 ? 
152 O6    ? B DG  7  ? B DG  7   ? 1_555 K  ? J K  . ? B K  23 ? 1_555 O6    ? B DG  13 ? B DG  13  ? 1_555 153.6 ? 
153 O6    ? B DG  10 ? B DG  10  ? 1_555 K  ? J K  . ? B K  23 ? 1_555 O6    ? B DG  13 ? B DG  13  ? 1_555 75.6  ? 
154 O6    ? B DG  2  ? B DG  2   ? 1_555 K  ? J K  . ? B K  23 ? 1_555 O6    ? B DG  14 ? B DG  14  ? 1_555 84.6  ? 
155 O6    ? B DG  3  ? B DG  3   ? 1_555 K  ? J K  . ? B K  23 ? 1_555 O6    ? B DG  14 ? B DG  14  ? 1_555 69.2  ? 
156 O6    ? B DG  6  ? B DG  6   ? 1_555 K  ? J K  . ? B K  23 ? 1_555 O6    ? B DG  14 ? B DG  14  ? 1_555 152.0 ? 
157 O6    ? B DG  7  ? B DG  7   ? 1_555 K  ? J K  . ? B K  23 ? 1_555 O6    ? B DG  14 ? B DG  14  ? 1_555 103.4 ? 
158 O6    ? B DG  10 ? B DG  10  ? 1_555 K  ? J K  . ? B K  23 ? 1_555 O6    ? B DG  14 ? B DG  14  ? 1_555 134.5 ? 
159 O6    ? B DG  13 ? B DG  13  ? 1_555 K  ? J K  . ? B K  23 ? 1_555 O6    ? B DG  14 ? B DG  14  ? 1_555 74.1  ? 
160 O6    ? B DG  2  ? B DG  2   ? 1_555 K  ? J K  . ? B K  23 ? 1_555 O6    ? B DG  21 ? B DG  21  ? 1_555 150.1 ? 
161 O6    ? B DG  3  ? B DG  3   ? 1_555 K  ? J K  . ? B K  23 ? 1_555 O6    ? B DG  21 ? B DG  21  ? 1_555 108.4 ? 
162 O6    ? B DG  6  ? B DG  6   ? 1_555 K  ? J K  . ? B K  23 ? 1_555 O6    ? B DG  21 ? B DG  21  ? 1_555 132.4 ? 
163 O6    ? B DG  7  ? B DG  7   ? 1_555 K  ? J K  . ? B K  23 ? 1_555 O6    ? B DG  21 ? B DG  21  ? 1_555 68.8  ? 
164 O6    ? B DG  10 ? B DG  10  ? 1_555 K  ? J K  . ? B K  23 ? 1_555 O6    ? B DG  21 ? B DG  21  ? 1_555 77.0  ? 
165 O6    ? B DG  13 ? B DG  13  ? 1_555 K  ? J K  . ? B K  23 ? 1_555 O6    ? B DG  21 ? B DG  21  ? 1_555 86.4  ? 
166 O6    ? B DG  14 ? B DG  14  ? 1_555 K  ? J K  . ? B K  23 ? 1_555 O6    ? B DG  21 ? B DG  21  ? 1_555 68.1  ? 
167 O6    ? B DG  3  ? B DG  3   ? 1_555 K  ? K K  . ? B K  24 ? 1_555 O6    ? B DG  4  ? B DG  4   ? 1_555 77.9  ? 
168 O6    ? B DG  3  ? B DG  3   ? 1_555 K  ? K K  . ? B K  24 ? 1_555 O6    ? B DG  7  ? B DG  7   ? 1_555 69.3  ? 
169 O6    ? B DG  4  ? B DG  4   ? 1_555 K  ? K K  . ? B K  24 ? 1_555 O6    ? B DG  7  ? B DG  7   ? 1_555 91.1  ? 
170 O6    ? B DG  3  ? B DG  3   ? 1_555 K  ? K K  . ? B K  24 ? 1_555 O6    ? B DG  8  ? B DG  8   ? 1_555 136.6 ? 
171 O6    ? B DG  4  ? B DG  4   ? 1_555 K  ? K K  . ? B K  24 ? 1_555 O6    ? B DG  8  ? B DG  8   ? 1_555 74.4  ? 
172 O6    ? B DG  7  ? B DG  7   ? 1_555 K  ? K K  . ? B K  24 ? 1_555 O6    ? B DG  8  ? B DG  8   ? 1_555 78.4  ? 
173 O6    ? B DG  3  ? B DG  3   ? 1_555 K  ? K K  . ? B K  24 ? 1_555 O6    ? B DG  14 ? B DG  14  ? 1_555 67.6  ? 
174 O6    ? B DG  4  ? B DG  4   ? 1_555 K  ? K K  . ? B K  24 ? 1_555 O6    ? B DG  14 ? B DG  14  ? 1_555 132.9 ? 
175 O6    ? B DG  7  ? B DG  7   ? 1_555 K  ? K K  . ? B K  24 ? 1_555 O6    ? B DG  14 ? B DG  14  ? 1_555 104.8 ? 
176 O6    ? B DG  8  ? B DG  8   ? 1_555 K  ? K K  . ? B K  24 ? 1_555 O6    ? B DG  14 ? B DG  14  ? 1_555 151.6 ? 
177 O6    ? B DG  3  ? B DG  3   ? 1_555 K  ? K K  . ? B K  24 ? 1_555 O6    ? B DG  15 ? B DG  15  ? 1_555 91.4  ? 
178 O6    ? B DG  4  ? B DG  4   ? 1_555 K  ? K K  . ? B K  24 ? 1_555 O6    ? B DG  15 ? B DG  15  ? 1_555 70.4  ? 
179 O6    ? B DG  7  ? B DG  7   ? 1_555 K  ? K K  . ? B K  24 ? 1_555 O6    ? B DG  15 ? B DG  15  ? 1_555 156.0 ? 
180 O6    ? B DG  8  ? B DG  8   ? 1_555 K  ? K K  . ? B K  24 ? 1_555 O6    ? B DG  15 ? B DG  15  ? 1_555 109.7 ? 
181 O6    ? B DG  14 ? B DG  14  ? 1_555 K  ? K K  . ? B K  24 ? 1_555 O6    ? B DG  15 ? B DG  15  ? 1_555 79.1  ? 
182 O6    ? B DG  3  ? B DG  3   ? 1_555 K  ? K K  . ? B K  24 ? 1_555 O6    ? B DG  21 ? B DG  21  ? 1_555 101.9 ? 
183 O6    ? B DG  4  ? B DG  4   ? 1_555 K  ? K K  . ? B K  24 ? 1_555 O6    ? B DG  21 ? B DG  21  ? 1_555 156.9 ? 
184 O6    ? B DG  7  ? B DG  7   ? 1_555 K  ? K K  . ? B K  24 ? 1_555 O6    ? B DG  21 ? B DG  21  ? 1_555 67.8  ? 
185 O6    ? B DG  8  ? B DG  8   ? 1_555 K  ? K K  . ? B K  24 ? 1_555 O6    ? B DG  21 ? B DG  21  ? 1_555 91.4  ? 
186 O6    ? B DG  14 ? B DG  14  ? 1_555 K  ? K K  . ? B K  24 ? 1_555 O6    ? B DG  21 ? B DG  21  ? 1_555 65.0  ? 
187 O6    ? B DG  15 ? B DG  15  ? 1_555 K  ? K K  . ? B K  24 ? 1_555 O6    ? B DG  21 ? B DG  21  ? 1_555 132.4 ? 
188 O6    ? B DG  3  ? B DG  3   ? 1_555 K  ? K K  . ? B K  24 ? 1_555 O6    ? B DG  22 ? B DG  22  ? 1_555 150.4 ? 
189 O6    ? B DG  4  ? B DG  4   ? 1_555 K  ? K K  . ? B K  24 ? 1_555 O6    ? B DG  22 ? B DG  22  ? 1_555 119.2 ? 
190 O6    ? B DG  7  ? B DG  7   ? 1_555 K  ? K K  . ? B K  24 ? 1_555 O6    ? B DG  22 ? B DG  22  ? 1_555 129.3 ? 
191 O6    ? B DG  8  ? B DG  8   ? 1_555 K  ? K K  . ? B K  24 ? 1_555 O6    ? B DG  22 ? B DG  22  ? 1_555 73.1  ? 
192 O6    ? B DG  14 ? B DG  14  ? 1_555 K  ? K K  . ? B K  24 ? 1_555 O6    ? B DG  22 ? B DG  22  ? 1_555 84.1  ? 
193 O6    ? B DG  15 ? B DG  15  ? 1_555 K  ? K K  . ? B K  24 ? 1_555 O6    ? B DG  22 ? B DG  22  ? 1_555 74.3  ? 
194 O6    ? B DG  21 ? B DG  21  ? 1_555 K  ? K K  . ? B K  24 ? 1_555 O6    ? B DG  22 ? B DG  22  ? 1_555 72.0  ? 
195 "O3'" ? B DG  10 ? B DG  10  ? 1_555 K  ? L K  . ? B K  25 ? 1_555 OP2   ? B DC  11 ? B DC  11  ? 1_555 50.4  ? 
196 "O3'" ? B DG  10 ? B DG  10  ? 1_555 K  ? L K  . ? B K  25 ? 1_555 "O4'" ? B DG  21 ? B DG  21  ? 1_555 119.8 ? 
197 OP2   ? B DC  11 ? B DC  11  ? 1_555 K  ? L K  . ? B K  25 ? 1_555 "O4'" ? B DG  21 ? B DG  21  ? 1_555 170.2 ? 
198 "O3'" ? B DG  10 ? B DG  10  ? 1_555 K  ? L K  . ? B K  25 ? 1_555 O     ? O HOH .  ? B HOH 76  ? 1_555 77.8  ? 
199 OP2   ? B DC  11 ? B DC  11  ? 1_555 K  ? L K  . ? B K  25 ? 1_555 O     ? O HOH .  ? B HOH 76  ? 1_555 100.8 ? 
200 "O4'" ? B DG  21 ? B DG  21  ? 1_555 K  ? L K  . ? B K  25 ? 1_555 O     ? O HOH .  ? B HOH 76  ? 1_555 75.9  ? 
201 "O3'" ? B DG  10 ? B DG  10  ? 1_555 K  ? L K  . ? B K  25 ? 1_555 O     ? O HOH .  ? B HOH 77  ? 1_555 160.0 ? 
202 OP2   ? B DC  11 ? B DC  11  ? 1_555 K  ? L K  . ? B K  25 ? 1_555 O     ? O HOH .  ? B HOH 77  ? 1_555 117.2 ? 
203 "O4'" ? B DG  21 ? B DG  21  ? 1_555 K  ? L K  . ? B K  25 ? 1_555 O     ? O HOH .  ? B HOH 77  ? 1_555 72.4  ? 
204 O     ? O HOH .  ? B HOH 76  ? 1_555 K  ? L K  . ? B K  25 ? 1_555 O     ? O HOH .  ? B HOH 77  ? 1_555 91.1  ? 
205 "O3'" ? B DG  10 ? B DG  10  ? 1_555 K  ? L K  . ? B K  25 ? 1_555 O     ? O HOH .  ? B HOH 78  ? 1_555 65.7  ? 
206 OP2   ? B DC  11 ? B DC  11  ? 1_555 K  ? L K  . ? B K  25 ? 1_555 O     ? O HOH .  ? B HOH 78  ? 1_555 95.0  ? 
207 "O4'" ? B DG  21 ? B DG  21  ? 1_555 K  ? L K  . ? B K  25 ? 1_555 O     ? O HOH .  ? B HOH 78  ? 1_555 78.4  ? 
208 O     ? O HOH .  ? B HOH 76  ? 1_555 K  ? L K  . ? B K  25 ? 1_555 O     ? O HOH .  ? B HOH 78  ? 1_555 115.1 ? 
209 O     ? O HOH .  ? B HOH 77  ? 1_555 K  ? L K  . ? B K  25 ? 1_555 O     ? O HOH .  ? B HOH 78  ? 1_555 134.2 ? 
210 "O3'" ? B DG  10 ? B DG  10  ? 1_555 K  ? L K  . ? B K  25 ? 1_555 O     ? O HOH .  ? B HOH 80  ? 1_555 129.4 ? 
211 OP2   ? B DC  11 ? B DC  11  ? 1_555 K  ? L K  . ? B K  25 ? 1_555 O     ? O HOH .  ? B HOH 80  ? 1_555 100.2 ? 
212 "O4'" ? B DG  21 ? B DG  21  ? 1_555 K  ? L K  . ? B K  25 ? 1_555 O     ? O HOH .  ? B HOH 80  ? 1_555 85.9  ? 
213 O     ? O HOH .  ? B HOH 76  ? 1_555 K  ? L K  . ? B K  25 ? 1_555 O     ? O HOH .  ? B HOH 80  ? 1_555 152.6 ? 
214 O     ? O HOH .  ? B HOH 77  ? 1_555 K  ? L K  . ? B K  25 ? 1_555 O     ? O HOH .  ? B HOH 80  ? 1_555 63.5  ? 
215 O     ? O HOH .  ? B HOH 78  ? 1_555 K  ? L K  . ? B K  25 ? 1_555 O     ? O HOH .  ? B HOH 80  ? 1_555 80.2  ? 
216 O6    ? B DG  17 ? B DG  17  ? 1_555 K  ? M K  . ? B K  26 ? 1_555 O     ? O HOH .  ? B HOH 90  ? 1_555 116.2 ? 
217 O6    ? B DG  17 ? B DG  17  ? 1_555 K  ? M K  . ? B K  26 ? 1_555 O     ? O HOH .  ? B HOH 102 ? 1_555 170.5 ? 
218 O     ? O HOH .  ? B HOH 90  ? 1_555 K  ? M K  . ? B K  26 ? 1_555 O     ? O HOH .  ? B HOH 102 ? 1_555 73.1  ? 
219 O6    ? B DG  17 ? B DG  17  ? 1_555 K  ? M K  . ? B K  26 ? 1_555 O     ? O HOH .  ? B HOH 111 ? 1_555 55.5  ? 
220 O     ? O HOH .  ? B HOH 90  ? 1_555 K  ? M K  . ? B K  26 ? 1_555 O     ? O HOH .  ? B HOH 111 ? 1_555 145.6 ? 
221 O     ? O HOH .  ? B HOH 102 ? 1_555 K  ? M K  . ? B K  26 ? 1_555 O     ? O HOH .  ? B HOH 111 ? 1_555 118.4 ? 
222 O6    ? B DG  17 ? B DG  17  ? 1_555 K  ? M K  . ? B K  26 ? 1_555 O     ? O HOH .  ? B HOH 147 ? 1_555 91.1  ? 
223 O     ? O HOH .  ? B HOH 90  ? 1_555 K  ? M K  . ? B K  26 ? 1_555 O     ? O HOH .  ? B HOH 147 ? 1_555 148.8 ? 
224 O     ? O HOH .  ? B HOH 102 ? 1_555 K  ? M K  . ? B K  26 ? 1_555 O     ? O HOH .  ? B HOH 147 ? 1_555 79.4  ? 
225 O     ? O HOH .  ? B HOH 111 ? 1_555 K  ? M K  . ? B K  26 ? 1_555 O     ? O HOH .  ? B HOH 147 ? 1_555 62.2  ? 
# 
loop_
_pdbx_audit_revision_history.ordinal 
_pdbx_audit_revision_history.data_content_type 
_pdbx_audit_revision_history.major_revision 
_pdbx_audit_revision_history.minor_revision 
_pdbx_audit_revision_history.revision_date 
1 'Structure model' 1 0 2012-01-18 
2 'Structure model' 1 1 2012-01-25 
3 'Structure model' 1 2 2012-02-15 
4 'Structure model' 1 3 2012-06-06 
5 'Structure model' 1 4 2017-11-08 
6 'Structure model' 1 5 2023-09-13 
# 
_pdbx_audit_revision_details.ordinal             1 
_pdbx_audit_revision_details.revision_ordinal    1 
_pdbx_audit_revision_details.data_content_type   'Structure model' 
_pdbx_audit_revision_details.provider            repository 
_pdbx_audit_revision_details.type                'Initial release' 
_pdbx_audit_revision_details.description         ? 
_pdbx_audit_revision_details.details             ? 
# 
loop_
_pdbx_audit_revision_group.ordinal 
_pdbx_audit_revision_group.revision_ordinal 
_pdbx_audit_revision_group.data_content_type 
_pdbx_audit_revision_group.group 
1 2 'Structure model' 'Database references'    
2 3 'Structure model' 'Database references'    
3 4 'Structure model' 'Database references'    
4 5 'Structure model' 'Refinement description' 
5 6 'Structure model' 'Data collection'        
6 6 'Structure model' 'Database references'    
7 6 'Structure model' 'Derived calculations'   
8 6 'Structure model' 'Refinement description' 
# 
loop_
_pdbx_audit_revision_category.ordinal 
_pdbx_audit_revision_category.revision_ordinal 
_pdbx_audit_revision_category.data_content_type 
_pdbx_audit_revision_category.category 
1 5 'Structure model' software                      
2 6 'Structure model' chem_comp_atom                
3 6 'Structure model' chem_comp_bond                
4 6 'Structure model' database_2                    
5 6 'Structure model' pdbx_initial_refinement_model 
6 6 'Structure model' pdbx_struct_conn_angle        
7 6 'Structure model' pdbx_struct_special_symmetry  
8 6 'Structure model' struct_conn                   
9 6 'Structure model' struct_site                   
# 
loop_
_pdbx_audit_revision_item.ordinal 
_pdbx_audit_revision_item.revision_ordinal 
_pdbx_audit_revision_item.data_content_type 
_pdbx_audit_revision_item.item 
1  5 'Structure model' '_software.name'                              
2  6 'Structure model' '_database_2.pdbx_DOI'                        
3  6 'Structure model' '_database_2.pdbx_database_accession'         
4  6 'Structure model' '_pdbx_struct_conn_angle.ptnr1_auth_asym_id'  
5  6 'Structure model' '_pdbx_struct_conn_angle.ptnr1_auth_comp_id'  
6  6 'Structure model' '_pdbx_struct_conn_angle.ptnr1_auth_seq_id'   
7  6 'Structure model' '_pdbx_struct_conn_angle.ptnr1_label_alt_id'  
8  6 'Structure model' '_pdbx_struct_conn_angle.ptnr1_label_asym_id' 
9  6 'Structure model' '_pdbx_struct_conn_angle.ptnr1_label_atom_id' 
10 6 'Structure model' '_pdbx_struct_conn_angle.ptnr1_label_comp_id' 
11 6 'Structure model' '_pdbx_struct_conn_angle.ptnr1_label_seq_id'  
12 6 'Structure model' '_pdbx_struct_conn_angle.ptnr2_auth_asym_id'  
13 6 'Structure model' '_pdbx_struct_conn_angle.ptnr2_auth_comp_id'  
14 6 'Structure model' '_pdbx_struct_conn_angle.ptnr2_auth_seq_id'   
15 6 'Structure model' '_pdbx_struct_conn_angle.ptnr2_label_asym_id' 
16 6 'Structure model' '_pdbx_struct_conn_angle.ptnr2_label_atom_id' 
17 6 'Structure model' '_pdbx_struct_conn_angle.ptnr2_label_comp_id' 
18 6 'Structure model' '_pdbx_struct_conn_angle.ptnr3_auth_asym_id'  
19 6 'Structure model' '_pdbx_struct_conn_angle.ptnr3_auth_comp_id'  
20 6 'Structure model' '_pdbx_struct_conn_angle.ptnr3_auth_seq_id'   
21 6 'Structure model' '_pdbx_struct_conn_angle.ptnr3_label_alt_id'  
22 6 'Structure model' '_pdbx_struct_conn_angle.ptnr3_label_asym_id' 
23 6 'Structure model' '_pdbx_struct_conn_angle.ptnr3_label_atom_id' 
24 6 'Structure model' '_pdbx_struct_conn_angle.ptnr3_label_comp_id' 
25 6 'Structure model' '_pdbx_struct_conn_angle.ptnr3_label_seq_id'  
26 6 'Structure model' '_pdbx_struct_conn_angle.value'               
27 6 'Structure model' '_struct_conn.pdbx_dist_value'                
28 6 'Structure model' '_struct_conn.pdbx_leaving_atom_flag'         
29 6 'Structure model' '_struct_conn.pdbx_ptnr1_label_alt_id'        
30 6 'Structure model' '_struct_conn.ptnr1_auth_asym_id'             
31 6 'Structure model' '_struct_conn.ptnr1_auth_comp_id'             
32 6 'Structure model' '_struct_conn.ptnr1_auth_seq_id'              
33 6 'Structure model' '_struct_conn.ptnr1_label_asym_id'            
34 6 'Structure model' '_struct_conn.ptnr1_label_atom_id'            
35 6 'Structure model' '_struct_conn.ptnr1_label_comp_id'            
36 6 'Structure model' '_struct_conn.ptnr1_label_seq_id'             
37 6 'Structure model' '_struct_conn.ptnr2_auth_asym_id'             
38 6 'Structure model' '_struct_conn.ptnr2_auth_comp_id'             
39 6 'Structure model' '_struct_conn.ptnr2_auth_seq_id'              
40 6 'Structure model' '_struct_conn.ptnr2_label_asym_id'            
41 6 'Structure model' '_struct_conn.ptnr2_label_atom_id'            
42 6 'Structure model' '_struct_conn.ptnr2_label_comp_id'            
43 6 'Structure model' '_struct_conn.ptnr2_label_seq_id'             
44 6 'Structure model' '_struct_site.pdbx_auth_asym_id'              
45 6 'Structure model' '_struct_site.pdbx_auth_comp_id'              
46 6 'Structure model' '_struct_site.pdbx_auth_seq_id'               
# 
loop_
_software.pdbx_ordinal 
_software.name 
_software.version 
_software.date 
_software.type 
_software.contact_author 
_software.contact_author_email 
_software.classification 
_software.location 
_software.language 
_software.citation_id 
1 DNA         .        ?               ?       ?                    ?                        'data collection' ? ?          ? 
2 PHASES      .        ?               ?       ?                    ?                        phasing           ? ?          ? 
3 REFMAC      5.5.0109 ?               program 'Garib N. Murshudov' garib@ysbl.york.ac.uk    refinement        
http://www.ccp4.ac.uk/dist/html/refmac5.html Fortran_77 ? 
4 PDB_EXTRACT 3.10     'June 10, 2010' package PDB                  deposit@deposit.rcsb.org 'data extraction' 
http://sw-tools.pdb.org/apps/PDB_EXTRACT/    C++        ? 
5 xia2        .        ?               ?       ?                    ?                        'data reduction'  ? ?          ? 
6 SCALA       .        ?               ?       ?                    ?                        'data scaling'    ? ?          ? 
# 
loop_
_pdbx_validate_rmsd_bond.id 
_pdbx_validate_rmsd_bond.PDB_model_num 
_pdbx_validate_rmsd_bond.auth_atom_id_1 
_pdbx_validate_rmsd_bond.auth_asym_id_1 
_pdbx_validate_rmsd_bond.auth_comp_id_1 
_pdbx_validate_rmsd_bond.auth_seq_id_1 
_pdbx_validate_rmsd_bond.PDB_ins_code_1 
_pdbx_validate_rmsd_bond.label_alt_id_1 
_pdbx_validate_rmsd_bond.auth_atom_id_2 
_pdbx_validate_rmsd_bond.auth_asym_id_2 
_pdbx_validate_rmsd_bond.auth_comp_id_2 
_pdbx_validate_rmsd_bond.auth_seq_id_2 
_pdbx_validate_rmsd_bond.PDB_ins_code_2 
_pdbx_validate_rmsd_bond.label_alt_id_2 
_pdbx_validate_rmsd_bond.bond_value 
_pdbx_validate_rmsd_bond.bond_target_value 
_pdbx_validate_rmsd_bond.bond_deviation 
_pdbx_validate_rmsd_bond.bond_standard_deviation 
_pdbx_validate_rmsd_bond.linker_flag 
1 1 "O3'" A DG 3  ? ? "C3'" A DG 3  ? ? 1.359 1.419 -0.060 0.006 N 
2 1 "C5'" A DG 4  ? ? "C4'" A DG 4  ? ? 1.559 1.512 0.047  0.007 N 
3 1 "O3'" A DC 9  ? ? "C3'" A DC 9  ? ? 1.369 1.419 -0.050 0.006 N 
4 1 C8    A DA 19 ? ? N9    A DA 19 ? ? 1.438 1.373 0.065  0.008 N 
5 1 N7    A DG 21 ? ? C8    A DG 21 ? ? 1.350 1.305 0.045  0.006 N 
6 1 "O3'" B DG 6  ? ? "C3'" B DG 6  ? ? 1.359 1.419 -0.060 0.006 N 
7 1 C5    B DG 15 ? ? N7    B DG 15 ? ? 1.351 1.388 -0.037 0.006 N 
8 1 N3    B DA 16 ? ? C4    B DA 16 ? ? 1.382 1.344 0.038  0.006 N 
9 1 C5    B DG 22 ? ? N7    B DG 22 ? ? 1.344 1.388 -0.044 0.006 N 
# 
loop_
_pdbx_validate_rmsd_angle.id 
_pdbx_validate_rmsd_angle.PDB_model_num 
_pdbx_validate_rmsd_angle.auth_atom_id_1 
_pdbx_validate_rmsd_angle.auth_asym_id_1 
_pdbx_validate_rmsd_angle.auth_comp_id_1 
_pdbx_validate_rmsd_angle.auth_seq_id_1 
_pdbx_validate_rmsd_angle.PDB_ins_code_1 
_pdbx_validate_rmsd_angle.label_alt_id_1 
_pdbx_validate_rmsd_angle.auth_atom_id_2 
_pdbx_validate_rmsd_angle.auth_asym_id_2 
_pdbx_validate_rmsd_angle.auth_comp_id_2 
_pdbx_validate_rmsd_angle.auth_seq_id_2 
_pdbx_validate_rmsd_angle.PDB_ins_code_2 
_pdbx_validate_rmsd_angle.label_alt_id_2 
_pdbx_validate_rmsd_angle.auth_atom_id_3 
_pdbx_validate_rmsd_angle.auth_asym_id_3 
_pdbx_validate_rmsd_angle.auth_comp_id_3 
_pdbx_validate_rmsd_angle.auth_seq_id_3 
_pdbx_validate_rmsd_angle.PDB_ins_code_3 
_pdbx_validate_rmsd_angle.label_alt_id_3 
_pdbx_validate_rmsd_angle.angle_value 
_pdbx_validate_rmsd_angle.angle_target_value 
_pdbx_validate_rmsd_angle.angle_deviation 
_pdbx_validate_rmsd_angle.angle_standard_deviation 
_pdbx_validate_rmsd_angle.linker_flag 
1  1 "O4'" A DA 1  ? ? "C1'" A DA 1  ? ? N9    A DA 1  ? ? 101.21 108.00 -6.79  0.70 N 
2  1 "O5'" A DG 2  ? ? "C5'" A DG 2  ? ? "C4'" A DG 2  ? ? 102.52 109.40 -6.88  0.80 N 
3  1 "O4'" A DG 2  ? ? "C4'" A DG 2  ? ? "C3'" A DG 2  ? ? 111.09 106.00 5.09   0.60 N 
4  1 "C3'" A DG 2  ? ? "O3'" A DG 2  ? ? P     A DG 3  ? ? 128.57 119.70 8.87   1.20 Y 
5  1 "O4'" A DG 3  ? ? "C4'" A DG 3  ? ? "C3'" A DG 3  ? ? 109.95 106.00 3.95   0.60 N 
6  1 "C5'" A DG 3  ? ? "C4'" A DG 3  ? ? "C3'" A DG 3  ? ? 93.86  114.10 -20.24 1.80 N 
7  1 N9    A DG 3  ? ? "C1'" A DG 3  ? ? "C2'" A DG 3  ? ? 100.65 112.60 -11.95 1.90 N 
8  1 C2    A DG 4  ? ? N3    A DG 4  ? ? C4    A DG 4  ? ? 115.82 111.90 3.92   0.50 N 
9  1 C5    A DG 4  ? ? C6    A DG 4  ? ? N1    A DG 4  ? ? 116.52 111.50 5.02   0.50 N 
10 1 P     A DG 6  ? ? "O5'" A DG 6  ? ? "C5'" A DG 6  ? ? 105.44 120.90 -15.46 1.60 N 
11 1 "O4'" A DG 6  ? ? "C4'" A DG 6  ? ? "C3'" A DG 6  ? ? 102.00 104.50 -2.50  0.40 N 
12 1 "O4'" A DG 6  ? ? "C1'" A DG 6  ? ? "C2'" A DG 6  ? ? 110.21 106.80 3.41   0.50 N 
13 1 "O4'" A DG 7  ? ? "C1'" A DG 7  ? ? N9    A DG 7  ? ? 110.39 108.30 2.09   0.30 N 
14 1 C6    A DG 7  ? ? N1    A DG 7  ? ? C2    A DG 7  ? ? 129.63 125.10 4.53   0.60 N 
15 1 N1    A DG 7  ? ? C2    A DG 7  ? ? N3    A DG 7  ? ? 118.67 123.90 -5.23  0.60 N 
16 1 "C3'" A DG 10 ? ? "C2'" A DG 10 ? ? "C1'" A DG 10 ? ? 97.28  102.40 -5.12  0.80 N 
17 1 "O4'" A DC 11 ? A "C1'" A DC 11 ? A N1    A DC 11 ? A 111.40 108.30 3.10   0.30 N 
18 1 "O5'" A DG 13 ? ? "C5'" A DG 13 ? ? "C4'" A DG 13 ? ? 101.86 109.40 -7.54  0.80 N 
19 1 P     A DG 13 ? ? "O5'" A DG 13 ? ? "C5'" A DG 13 ? ? 130.91 120.90 10.01  1.60 N 
20 1 "C5'" A DG 13 ? ? "C4'" A DG 13 ? ? "C3'" A DG 13 ? ? 123.18 115.70 7.48   1.20 N 
21 1 C5    A DG 13 ? ? C6    A DG 13 ? ? N1    A DG 13 ? ? 114.67 111.50 3.17   0.50 N 
22 1 C5    A DG 13 ? ? C6    A DG 13 ? ? O6    A DG 13 ? ? 124.91 128.60 -3.69  0.60 N 
23 1 "O4'" A DG 14 ? ? "C1'" A DG 14 ? ? N9    A DG 14 ? ? 103.06 108.00 -4.94  0.70 N 
24 1 N7    A DG 14 ? ? C8    A DG 14 ? ? N9    A DG 14 ? ? 109.78 113.10 -3.32  0.50 N 
25 1 "O5'" A DG 15 ? ? P     A DG 15 ? ? OP2   A DG 15 ? ? 99.52  105.70 -6.18  0.90 N 
26 1 "O4'" A DG 15 ? ? "C1'" A DG 15 ? ? N9    A DG 15 ? ? 99.71  108.00 -8.29  0.70 N 
27 1 C5    A DG 15 ? ? C6    A DG 15 ? ? N1    A DG 15 ? ? 114.58 111.50 3.08   0.50 N 
28 1 N1    A DG 15 ? ? C2    A DG 15 ? ? N2    A DG 15 ? ? 121.94 116.20 5.74   0.90 N 
29 1 N3    A DG 15 ? ? C2    A DG 15 ? ? N2    A DG 15 ? ? 115.26 119.90 -4.64  0.70 N 
30 1 "O5'" A DA 16 ? ? P     A DA 16 ? ? OP1   A DA 16 ? ? 97.13  105.70 -8.57  0.90 N 
31 1 C6    A DA 16 ? ? N1    A DA 16 ? ? C2    A DA 16 ? ? 114.92 118.60 -3.68  0.60 N 
32 1 N1    A DA 16 ? ? C2    A DA 16 ? ? N3    A DA 16 ? ? 132.31 129.30 3.01   0.50 N 
33 1 "O4'" A DG 18 ? ? "C1'" A DG 18 ? ? N9    A DG 18 ? ? 100.57 108.00 -7.43  0.70 N 
34 1 C2    A DG 18 ? ? N3    A DG 18 ? ? C4    A DG 18 ? ? 115.10 111.90 3.20   0.50 N 
35 1 N1    A DG 18 ? ? C6    A DG 18 ? ? O6    A DG 18 ? ? 115.97 119.90 -3.93  0.60 N 
36 1 N1    A DA 19 ? ? C2    A DA 19 ? ? N3    A DA 19 ? ? 125.58 129.30 -3.72  0.50 N 
37 1 C4    A DA 19 ? ? C5    A DA 19 ? ? C6    A DA 19 ? ? 113.11 117.00 -3.89  0.50 N 
38 1 C4    A DA 19 ? ? C5    A DA 19 ? ? N7    A DA 19 ? ? 113.97 110.70 3.27   0.50 N 
39 1 C5    A DG 20 ? ? C6    A DG 20 ? ? N1    A DG 20 ? ? 114.97 111.50 3.47   0.50 N 
40 1 "O5'" A DG 22 ? ? "C5'" A DG 22 ? ? "C4'" A DG 22 ? ? 104.31 109.40 -5.09  0.80 N 
41 1 "O4'" A DG 22 ? ? "C1'" A DG 22 ? ? N9    A DG 22 ? ? 103.49 108.00 -4.51  0.70 N 
42 1 "O4'" B DG 2  ? ? "C1'" B DG 2  ? ? "C2'" B DG 2  ? ? 111.29 106.80 4.49   0.50 N 
43 1 C5    B DG 3  ? ? C6    B DG 3  ? ? O6    B DG 3  ? ? 124.17 128.60 -4.43  0.60 N 
44 1 "O4'" B DG 4  ? ? "C1'" B DG 4  ? ? N9    B DG 4  ? ? 103.30 108.00 -4.70  0.70 N 
45 1 N1    B DG 4  ? ? C6    B DG 4  ? ? O6    B DG 4  ? ? 124.39 119.90 4.49   0.60 N 
46 1 C5    B DG 4  ? ? C6    B DG 4  ? ? O6    B DG 4  ? ? 124.97 128.60 -3.63  0.60 N 
47 1 "O4'" B DA 5  ? ? "C1'" B DA 5  ? ? N9    B DA 5  ? ? 113.33 108.30 5.03   0.30 N 
48 1 "O5'" B DG 6  ? ? "C5'" B DG 6  ? ? "C4'" B DG 6  ? ? 102.78 109.40 -6.62  0.80 N 
49 1 "O4'" B DG 6  ? ? "C4'" B DG 6  ? ? "C3'" B DG 6  ? ? 100.79 104.50 -3.71  0.40 N 
50 1 C6    B DG 8  ? ? N1    B DG 8  ? ? C2    B DG 8  ? ? 120.70 125.10 -4.40  0.60 N 
51 1 C5    B DC 9  ? ? C4    B DC 9  ? ? N4    B DC 9  ? ? 124.47 120.20 4.27   0.70 N 
52 1 "C3'" B DG 10 ? ? "C2'" B DG 10 ? ? "C1'" B DG 10 ? ? 96.99  102.40 -5.41  0.80 N 
53 1 "O4'" B DG 10 ? ? "C1'" B DG 10 ? ? N9    B DG 10 ? ? 103.52 108.00 -4.48  0.70 N 
54 1 C2    B DC 11 ? ? N3    B DC 11 ? ? C4    B DC 11 ? ? 115.56 119.90 -4.34  0.50 N 
55 1 N3    B DC 11 ? ? C4    B DC 11 ? ? C5    B DC 11 ? ? 125.46 121.90 3.56   0.40 N 
56 1 OP1   B DG 13 ? ? P     B DG 13 ? ? OP2   B DG 13 ? ? 128.83 119.60 9.23   1.50 N 
57 1 "O5'" B DG 13 ? ? P     B DG 13 ? ? OP2   B DG 13 ? ? 91.27  105.70 -14.43 0.90 N 
58 1 "C1'" B DG 13 ? ? "O4'" B DG 13 ? ? "C4'" B DG 13 ? ? 103.25 110.10 -6.85  1.00 N 
59 1 C6    B DG 13 ? ? N1    B DG 13 ? ? C2    B DG 13 ? ? 119.99 125.10 -5.11  0.60 N 
60 1 C5    B DG 13 ? ? C6    B DG 13 ? ? N1    B DG 13 ? ? 116.10 111.50 4.60   0.50 N 
61 1 N1    B DG 13 ? ? C6    B DG 13 ? ? O6    B DG 13 ? ? 116.03 119.90 -3.87  0.60 N 
62 1 "O5'" B DG 14 ? ? "C5'" B DG 14 ? ? "C4'" B DG 14 ? ? 103.61 109.40 -5.79  0.80 N 
63 1 "O4'" B DG 15 ? ? "C4'" B DG 15 ? ? "C3'" B DG 15 ? ? 102.08 104.50 -2.42  0.40 N 
64 1 C5    B DG 15 ? ? N7    B DG 15 ? ? C8    B DG 15 ? ? 108.87 104.30 4.57   0.50 N 
65 1 "O5'" B DA 16 ? ? "C5'" B DA 16 ? ? "C4'" B DA 16 ? ? 104.06 109.40 -5.34  0.80 N 
66 1 "O4'" B DG 18 ? ? "C1'" B DG 18 ? ? N9    B DG 18 ? ? 97.76  108.00 -10.24 0.70 N 
67 1 C6    B DG 20 ? ? N1    B DG 20 ? ? C2    B DG 20 ? ? 119.53 125.10 -5.57  0.60 N 
68 1 C2    B DG 20 ? ? N3    B DG 20 ? ? C4    B DG 20 ? ? 115.14 111.90 3.24   0.50 N 
69 1 N3    B DG 20 ? ? C4    B DG 20 ? ? C5    B DG 20 ? ? 125.16 128.60 -3.44  0.50 N 
70 1 C5    B DG 20 ? ? C6    B DG 20 ? ? N1    B DG 20 ? ? 117.61 111.50 6.11   0.50 N 
71 1 N1    B DG 20 ? ? C6    B DG 20 ? ? O6    B DG 20 ? ? 116.16 119.90 -3.74  0.60 N 
72 1 "O4'" B DG 21 ? ? "C4'" B DG 21 ? ? "C3'" B DG 21 ? ? 100.87 104.50 -3.63  0.40 N 
73 1 "O4'" B DG 21 ? ? "C1'" B DG 21 ? ? N9    B DG 21 ? ? 103.26 108.00 -4.74  0.70 N 
74 1 C5    B DG 21 ? ? C6    B DG 21 ? ? N1    B DG 21 ? ? 115.49 111.50 3.99   0.50 N 
75 1 "C3'" B DG 22 ? ? "C2'" B DG 22 ? ? "C1'" B DG 22 ? ? 97.55  102.40 -4.85  0.80 N 
76 1 "O4'" B DG 22 ? ? "C1'" B DG 22 ? ? "C2'" B DG 22 ? ? 110.03 106.80 3.23   0.50 N 
77 1 "O4'" B DG 22 ? ? "C1'" B DG 22 ? ? N9    B DG 22 ? ? 103.21 108.00 -4.79  0.70 N 
# 
loop_
_chem_comp_atom.comp_id 
_chem_comp_atom.atom_id 
_chem_comp_atom.type_symbol 
_chem_comp_atom.pdbx_aromatic_flag 
_chem_comp_atom.pdbx_stereo_config 
_chem_comp_atom.pdbx_ordinal 
BRU N1     N  N N 1   
BRU C2     C  N N 2   
BRU N3     N  N N 3   
BRU C4     C  N N 4   
BRU C5     C  N N 5   
BRU C6     C  N N 6   
BRU O2     O  N N 7   
BRU O4     O  N N 8   
BRU BR     BR N N 9   
BRU "C1'"  C  N R 10  
BRU "C2'"  C  N N 11  
BRU "C3'"  C  N S 12  
BRU "C4'"  C  N R 13  
BRU "O3'"  O  N N 14  
BRU "O4'"  O  N N 15  
BRU "C5'"  C  N N 16  
BRU "O5'"  O  N N 17  
BRU P      P  N N 18  
BRU OP1    O  N N 19  
BRU OP2    O  N N 20  
BRU OP3    O  N N 21  
BRU HN3    H  N N 22  
BRU H6     H  N N 23  
BRU "H1'"  H  N N 24  
BRU "H2'"  H  N N 25  
BRU "H2''" H  N N 26  
BRU "H3'"  H  N N 27  
BRU "H4'"  H  N N 28  
BRU "HO3'" H  N N 29  
BRU "H5'"  H  N N 30  
BRU "H5''" H  N N 31  
BRU HOP2   H  N N 32  
BRU HOP3   H  N N 33  
DA  OP3    O  N N 34  
DA  P      P  N N 35  
DA  OP1    O  N N 36  
DA  OP2    O  N N 37  
DA  "O5'"  O  N N 38  
DA  "C5'"  C  N N 39  
DA  "C4'"  C  N R 40  
DA  "O4'"  O  N N 41  
DA  "C3'"  C  N S 42  
DA  "O3'"  O  N N 43  
DA  "C2'"  C  N N 44  
DA  "C1'"  C  N R 45  
DA  N9     N  Y N 46  
DA  C8     C  Y N 47  
DA  N7     N  Y N 48  
DA  C5     C  Y N 49  
DA  C6     C  Y N 50  
DA  N6     N  N N 51  
DA  N1     N  Y N 52  
DA  C2     C  Y N 53  
DA  N3     N  Y N 54  
DA  C4     C  Y N 55  
DA  HOP3   H  N N 56  
DA  HOP2   H  N N 57  
DA  "H5'"  H  N N 58  
DA  "H5''" H  N N 59  
DA  "H4'"  H  N N 60  
DA  "H3'"  H  N N 61  
DA  "HO3'" H  N N 62  
DA  "H2'"  H  N N 63  
DA  "H2''" H  N N 64  
DA  "H1'"  H  N N 65  
DA  H8     H  N N 66  
DA  H61    H  N N 67  
DA  H62    H  N N 68  
DA  H2     H  N N 69  
DC  OP3    O  N N 70  
DC  P      P  N N 71  
DC  OP1    O  N N 72  
DC  OP2    O  N N 73  
DC  "O5'"  O  N N 74  
DC  "C5'"  C  N N 75  
DC  "C4'"  C  N R 76  
DC  "O4'"  O  N N 77  
DC  "C3'"  C  N S 78  
DC  "O3'"  O  N N 79  
DC  "C2'"  C  N N 80  
DC  "C1'"  C  N R 81  
DC  N1     N  N N 82  
DC  C2     C  N N 83  
DC  O2     O  N N 84  
DC  N3     N  N N 85  
DC  C4     C  N N 86  
DC  N4     N  N N 87  
DC  C5     C  N N 88  
DC  C6     C  N N 89  
DC  HOP3   H  N N 90  
DC  HOP2   H  N N 91  
DC  "H5'"  H  N N 92  
DC  "H5''" H  N N 93  
DC  "H4'"  H  N N 94  
DC  "H3'"  H  N N 95  
DC  "HO3'" H  N N 96  
DC  "H2'"  H  N N 97  
DC  "H2''" H  N N 98  
DC  "H1'"  H  N N 99  
DC  H41    H  N N 100 
DC  H42    H  N N 101 
DC  H5     H  N N 102 
DC  H6     H  N N 103 
DG  OP3    O  N N 104 
DG  P      P  N N 105 
DG  OP1    O  N N 106 
DG  OP2    O  N N 107 
DG  "O5'"  O  N N 108 
DG  "C5'"  C  N N 109 
DG  "C4'"  C  N R 110 
DG  "O4'"  O  N N 111 
DG  "C3'"  C  N S 112 
DG  "O3'"  O  N N 113 
DG  "C2'"  C  N N 114 
DG  "C1'"  C  N R 115 
DG  N9     N  Y N 116 
DG  C8     C  Y N 117 
DG  N7     N  Y N 118 
DG  C5     C  Y N 119 
DG  C6     C  N N 120 
DG  O6     O  N N 121 
DG  N1     N  N N 122 
DG  C2     C  N N 123 
DG  N2     N  N N 124 
DG  N3     N  N N 125 
DG  C4     C  Y N 126 
DG  HOP3   H  N N 127 
DG  HOP2   H  N N 128 
DG  "H5'"  H  N N 129 
DG  "H5''" H  N N 130 
DG  "H4'"  H  N N 131 
DG  "H3'"  H  N N 132 
DG  "HO3'" H  N N 133 
DG  "H2'"  H  N N 134 
DG  "H2''" H  N N 135 
DG  "H1'"  H  N N 136 
DG  H8     H  N N 137 
DG  H1     H  N N 138 
DG  H21    H  N N 139 
DG  H22    H  N N 140 
HOH O      O  N N 141 
HOH H1     H  N N 142 
HOH H2     H  N N 143 
K   K      K  N N 144 
MG  MG     MG N N 145 
# 
loop_
_chem_comp_bond.comp_id 
_chem_comp_bond.atom_id_1 
_chem_comp_bond.atom_id_2 
_chem_comp_bond.value_order 
_chem_comp_bond.pdbx_aromatic_flag 
_chem_comp_bond.pdbx_stereo_config 
_chem_comp_bond.pdbx_ordinal 
BRU N1    C2     sing N N 1   
BRU N1    C6     sing N N 2   
BRU N1    "C1'"  sing N N 3   
BRU C2    N3     sing N N 4   
BRU C2    O2     doub N N 5   
BRU N3    C4     sing N N 6   
BRU N3    HN3    sing N N 7   
BRU C4    C5     sing N N 8   
BRU C4    O4     doub N N 9   
BRU C5    C6     doub N N 10  
BRU C5    BR     sing N N 11  
BRU C6    H6     sing N N 12  
BRU "C1'" "C2'"  sing N N 13  
BRU "C1'" "O4'"  sing N N 14  
BRU "C1'" "H1'"  sing N N 15  
BRU "C2'" "C3'"  sing N N 16  
BRU "C2'" "H2'"  sing N N 17  
BRU "C2'" "H2''" sing N N 18  
BRU "C3'" "C4'"  sing N N 19  
BRU "C3'" "O3'"  sing N N 20  
BRU "C3'" "H3'"  sing N N 21  
BRU "C4'" "O4'"  sing N N 22  
BRU "C4'" "C5'"  sing N N 23  
BRU "C4'" "H4'"  sing N N 24  
BRU "O3'" "HO3'" sing N N 25  
BRU "C5'" "O5'"  sing N N 26  
BRU "C5'" "H5'"  sing N N 27  
BRU "C5'" "H5''" sing N N 28  
BRU "O5'" P      sing N N 29  
BRU P     OP1    doub N N 30  
BRU P     OP2    sing N N 31  
BRU P     OP3    sing N N 32  
BRU OP2   HOP2   sing N N 33  
BRU OP3   HOP3   sing N N 34  
DA  OP3   P      sing N N 35  
DA  OP3   HOP3   sing N N 36  
DA  P     OP1    doub N N 37  
DA  P     OP2    sing N N 38  
DA  P     "O5'"  sing N N 39  
DA  OP2   HOP2   sing N N 40  
DA  "O5'" "C5'"  sing N N 41  
DA  "C5'" "C4'"  sing N N 42  
DA  "C5'" "H5'"  sing N N 43  
DA  "C5'" "H5''" sing N N 44  
DA  "C4'" "O4'"  sing N N 45  
DA  "C4'" "C3'"  sing N N 46  
DA  "C4'" "H4'"  sing N N 47  
DA  "O4'" "C1'"  sing N N 48  
DA  "C3'" "O3'"  sing N N 49  
DA  "C3'" "C2'"  sing N N 50  
DA  "C3'" "H3'"  sing N N 51  
DA  "O3'" "HO3'" sing N N 52  
DA  "C2'" "C1'"  sing N N 53  
DA  "C2'" "H2'"  sing N N 54  
DA  "C2'" "H2''" sing N N 55  
DA  "C1'" N9     sing N N 56  
DA  "C1'" "H1'"  sing N N 57  
DA  N9    C8     sing Y N 58  
DA  N9    C4     sing Y N 59  
DA  C8    N7     doub Y N 60  
DA  C8    H8     sing N N 61  
DA  N7    C5     sing Y N 62  
DA  C5    C6     sing Y N 63  
DA  C5    C4     doub Y N 64  
DA  C6    N6     sing N N 65  
DA  C6    N1     doub Y N 66  
DA  N6    H61    sing N N 67  
DA  N6    H62    sing N N 68  
DA  N1    C2     sing Y N 69  
DA  C2    N3     doub Y N 70  
DA  C2    H2     sing N N 71  
DA  N3    C4     sing Y N 72  
DC  OP3   P      sing N N 73  
DC  OP3   HOP3   sing N N 74  
DC  P     OP1    doub N N 75  
DC  P     OP2    sing N N 76  
DC  P     "O5'"  sing N N 77  
DC  OP2   HOP2   sing N N 78  
DC  "O5'" "C5'"  sing N N 79  
DC  "C5'" "C4'"  sing N N 80  
DC  "C5'" "H5'"  sing N N 81  
DC  "C5'" "H5''" sing N N 82  
DC  "C4'" "O4'"  sing N N 83  
DC  "C4'" "C3'"  sing N N 84  
DC  "C4'" "H4'"  sing N N 85  
DC  "O4'" "C1'"  sing N N 86  
DC  "C3'" "O3'"  sing N N 87  
DC  "C3'" "C2'"  sing N N 88  
DC  "C3'" "H3'"  sing N N 89  
DC  "O3'" "HO3'" sing N N 90  
DC  "C2'" "C1'"  sing N N 91  
DC  "C2'" "H2'"  sing N N 92  
DC  "C2'" "H2''" sing N N 93  
DC  "C1'" N1     sing N N 94  
DC  "C1'" "H1'"  sing N N 95  
DC  N1    C2     sing N N 96  
DC  N1    C6     sing N N 97  
DC  C2    O2     doub N N 98  
DC  C2    N3     sing N N 99  
DC  N3    C4     doub N N 100 
DC  C4    N4     sing N N 101 
DC  C4    C5     sing N N 102 
DC  N4    H41    sing N N 103 
DC  N4    H42    sing N N 104 
DC  C5    C6     doub N N 105 
DC  C5    H5     sing N N 106 
DC  C6    H6     sing N N 107 
DG  OP3   P      sing N N 108 
DG  OP3   HOP3   sing N N 109 
DG  P     OP1    doub N N 110 
DG  P     OP2    sing N N 111 
DG  P     "O5'"  sing N N 112 
DG  OP2   HOP2   sing N N 113 
DG  "O5'" "C5'"  sing N N 114 
DG  "C5'" "C4'"  sing N N 115 
DG  "C5'" "H5'"  sing N N 116 
DG  "C5'" "H5''" sing N N 117 
DG  "C4'" "O4'"  sing N N 118 
DG  "C4'" "C3'"  sing N N 119 
DG  "C4'" "H4'"  sing N N 120 
DG  "O4'" "C1'"  sing N N 121 
DG  "C3'" "O3'"  sing N N 122 
DG  "C3'" "C2'"  sing N N 123 
DG  "C3'" "H3'"  sing N N 124 
DG  "O3'" "HO3'" sing N N 125 
DG  "C2'" "C1'"  sing N N 126 
DG  "C2'" "H2'"  sing N N 127 
DG  "C2'" "H2''" sing N N 128 
DG  "C1'" N9     sing N N 129 
DG  "C1'" "H1'"  sing N N 130 
DG  N9    C8     sing Y N 131 
DG  N9    C4     sing Y N 132 
DG  C8    N7     doub Y N 133 
DG  C8    H8     sing N N 134 
DG  N7    C5     sing Y N 135 
DG  C5    C6     sing N N 136 
DG  C5    C4     doub Y N 137 
DG  C6    O6     doub N N 138 
DG  C6    N1     sing N N 139 
DG  N1    C2     sing N N 140 
DG  N1    H1     sing N N 141 
DG  C2    N2     sing N N 142 
DG  C2    N3     doub N N 143 
DG  N2    H21    sing N N 144 
DG  N2    H22    sing N N 145 
DG  N3    C4     sing N N 146 
HOH O     H1     sing N N 147 
HOH O     H2     sing N N 148 
# 
_ndb_struct_conf_na.entry_id   3QXR 
_ndb_struct_conf_na.feature    'hairpin loop' 
# 
loop_
_pdbx_entity_nonpoly.entity_id 
_pdbx_entity_nonpoly.name 
_pdbx_entity_nonpoly.comp_id 
2 'POTASSIUM ION' K   
3 'MAGNESIUM ION' MG  
4 water           HOH 
# 
_pdbx_initial_refinement_model.id               1 
_pdbx_initial_refinement_model.entity_id_list   ? 
_pdbx_initial_refinement_model.type             'experimental model' 
_pdbx_initial_refinement_model.source_name      PDB 
_pdbx_initial_refinement_model.accession_code   1K8P 
_pdbx_initial_refinement_model.details          'PDB ENTRY 1K8P' 
# 
